data_8XHM
# 
_entry.id   8XHM 
# 
_audit_conform.dict_name       mmcif_pdbx.dic 
_audit_conform.dict_version    5.398 
_audit_conform.dict_location   http://mmcif.pdb.org/dictionaries/ascii/mmcif_pdbx.dic 
# 
loop_
_database_2.database_id 
_database_2.database_code 
_database_2.pdbx_database_accession 
_database_2.pdbx_DOI 
PDB   8XHM         pdb_00008xhm 10.2210/pdb8xhm/pdb 
WWPDB D_1300043531 ?            ?                   
# 
_pdbx_audit_revision_history.ordinal             1 
_pdbx_audit_revision_history.data_content_type   'Structure model' 
_pdbx_audit_revision_history.major_revision      1 
_pdbx_audit_revision_history.minor_revision      0 
_pdbx_audit_revision_history.revision_date       2024-11-13 
# 
_pdbx_audit_revision_details.ordinal             1 
_pdbx_audit_revision_details.revision_ordinal    1 
_pdbx_audit_revision_details.data_content_type   'Structure model' 
_pdbx_audit_revision_details.provider            repository 
_pdbx_audit_revision_details.type                'Initial release' 
_pdbx_audit_revision_details.description         ? 
_pdbx_audit_revision_details.details             ? 
# 
_pdbx_database_status.status_code                     REL 
_pdbx_database_status.status_code_sf                  REL 
_pdbx_database_status.status_code_mr                  ? 
_pdbx_database_status.entry_id                        8XHM 
_pdbx_database_status.recvd_initial_deposition_date   2023-12-18 
_pdbx_database_status.SG_entry                        N 
_pdbx_database_status.deposit_site                    PDBJ 
_pdbx_database_status.process_site                    PDBJ 
_pdbx_database_status.status_code_cs                  ? 
_pdbx_database_status.status_code_nmr_data            ? 
_pdbx_database_status.methods_development_category    ? 
_pdbx_database_status.pdb_format_compatible           Y 
# 
_pdbx_contact_author.id                 2 
_pdbx_contact_author.email              weizigong@163.com 
_pdbx_contact_author.name_first         Zigong 
_pdbx_contact_author.name_last          Wei 
_pdbx_contact_author.name_mi            ? 
_pdbx_contact_author.role               'principal investigator/group leader' 
_pdbx_contact_author.identifier_ORCID   0000-0002-2445-6171 
# 
loop_
_audit_author.name 
_audit_author.pdbx_ordinal 
_audit_author.identifier_ORCID 
'Weng, J.' 1 0000-0002-8295-3459 
'Wei, Z.'  2 0000-0002-2445-6171 
# 
_citation.abstract                  ? 
_citation.abstract_id_CAS           ? 
_citation.book_id_ISBN              ? 
_citation.book_publisher            ? 
_citation.book_publisher_city       ? 
_citation.book_title                ? 
_citation.coordinate_linkage        ? 
_citation.country                   UK 
_citation.database_id_Medline       ? 
_citation.details                   ? 
_citation.id                        primary 
_citation.journal_abbrev            'J Enzyme Inhib Med Chem' 
_citation.journal_id_ASTM           ? 
_citation.journal_id_CSD            ? 
_citation.journal_id_ISSN           1475-6374 
_citation.journal_full              ? 
_citation.journal_issue             ? 
_citation.journal_volume            39 
_citation.language                  ? 
_citation.page_first                2411573 
_citation.page_last                 2411573 
_citation.title                     
'Structure-guided discovery of novel dUTPase inhibitors with anti- Nocardia activity by computational design.' 
_citation.year                      2024 
_citation.database_id_CSD           ? 
_citation.pdbx_database_id_DOI      10.1080/14756366.2024.2411573 
_citation.pdbx_database_id_PubMed   39390714 
_citation.pdbx_database_id_patent   ? 
_citation.unpublished_flag          ? 
# 
loop_
_citation_author.citation_id 
_citation_author.name 
_citation_author.ordinal 
_citation_author.identifier_ORCID 
primary 'Wang, Z.Z.'  1 ? 
primary 'Weng, J.'    2 ? 
primary 'Qi, J.'      3 ? 
primary 'Fu, X.X.'    4 ? 
primary 'Xing, B.B.'  5 ? 
primary 'Hu, Y.'      6 ? 
primary 'Huang, C.H.' 7 ? 
primary 'Chen, C.Y.'  8 ? 
primary 'Wei, Z.'     9 ? 
# 
loop_
_entity.id 
_entity.type 
_entity.src_method 
_entity.pdbx_description 
_entity.formula_weight 
_entity.pdbx_number_of_molecules 
_entity.pdbx_ec 
_entity.pdbx_mutation 
_entity.pdbx_fragment 
_entity.details 
1 polymer     man 
;Deoxyuridine 5'-triphosphate nucleotidohydrolase
;
19699.186 1  3.6.1.23 ? ? ? 
2 non-polymer syn 
;2'-DEOXYURIDINE 5'-MONOPHOSPHATE
;
308.182   1  ?        ? ? ? 
3 non-polymer syn 'PHOSPHATE ION'                                    94.971    1  ?        ? ? ? 
4 non-polymer syn 2-AMINO-2-HYDROXYMETHYL-PROPANE-1,3-DIOL           122.143   2  ?        ? ? ? 
5 non-polymer syn 'DI(HYDROXYETHYL)ETHER'                            106.120   2  ?        ? ? ? 
6 water       nat water                                              18.015    45 ?        ? ? ? 
# 
_entity_name_com.entity_id   1 
_entity_name_com.name        'dUTPase,dUTP pyrophosphatase' 
# 
_entity_poly.entity_id                      1 
_entity_poly.type                           'polypeptide(L)' 
_entity_poly.nstd_linkage                   no 
_entity_poly.nstd_monomer                   no 
_entity_poly.pdbx_seq_one_letter_code       
;MTGIPPIPLLRLDPGIPVPVRAHEGDAGVDLCTTEDVIIEPGERVLVGTGIAVALPIGTVGLIHPRSGLAAKAGLSVVNT
PGTVDAGYRGEIKVCLINHDPRAAIELRRGDRIAQLLVQKVELVDFVEVETLDETARGAGGYGSSGGHASLAAQSGGAGQ
ATGKEAGGGGSLEVLFQGPGGGGSLEVDHHHHHH
;
_entity_poly.pdbx_seq_one_letter_code_can   
;MTGIPPIPLLRLDPGIPVPVRAHEGDAGVDLCTTEDVIIEPGERVLVGTGIAVALPIGTVGLIHPRSGLAAKAGLSVVNT
PGTVDAGYRGEIKVCLINHDPRAAIELRRGDRIAQLLVQKVELVDFVEVETLDETARGAGGYGSSGGHASLAAQSGGAGQ
ATGKEAGGGGSLEVLFQGPGGGGSLEVDHHHHHH
;
_entity_poly.pdbx_strand_id                 A 
_entity_poly.pdbx_target_identifier         ? 
# 
loop_
_pdbx_entity_nonpoly.entity_id 
_pdbx_entity_nonpoly.name 
_pdbx_entity_nonpoly.comp_id 
2 
;2'-DEOXYURIDINE 5'-MONOPHOSPHATE
;
UMP 
3 'PHOSPHATE ION'                          PO4 
4 2-AMINO-2-HYDROXYMETHYL-PROPANE-1,3-DIOL TRS 
5 'DI(HYDROXYETHYL)ETHER'                  PEG 
6 water                                    HOH 
# 
loop_
_entity_poly_seq.entity_id 
_entity_poly_seq.num 
_entity_poly_seq.mon_id 
_entity_poly_seq.hetero 
1 1   MET n 
1 2   THR n 
1 3   GLY n 
1 4   ILE n 
1 5   PRO n 
1 6   PRO n 
1 7   ILE n 
1 8   PRO n 
1 9   LEU n 
1 10  LEU n 
1 11  ARG n 
1 12  LEU n 
1 13  ASP n 
1 14  PRO n 
1 15  GLY n 
1 16  ILE n 
1 17  PRO n 
1 18  VAL n 
1 19  PRO n 
1 20  VAL n 
1 21  ARG n 
1 22  ALA n 
1 23  HIS n 
1 24  GLU n 
1 25  GLY n 
1 26  ASP n 
1 27  ALA n 
1 28  GLY n 
1 29  VAL n 
1 30  ASP n 
1 31  LEU n 
1 32  CYS n 
1 33  THR n 
1 34  THR n 
1 35  GLU n 
1 36  ASP n 
1 37  VAL n 
1 38  ILE n 
1 39  ILE n 
1 40  GLU n 
1 41  PRO n 
1 42  GLY n 
1 43  GLU n 
1 44  ARG n 
1 45  VAL n 
1 46  LEU n 
1 47  VAL n 
1 48  GLY n 
1 49  THR n 
1 50  GLY n 
1 51  ILE n 
1 52  ALA n 
1 53  VAL n 
1 54  ALA n 
1 55  LEU n 
1 56  PRO n 
1 57  ILE n 
1 58  GLY n 
1 59  THR n 
1 60  VAL n 
1 61  GLY n 
1 62  LEU n 
1 63  ILE n 
1 64  HIS n 
1 65  PRO n 
1 66  ARG n 
1 67  SER n 
1 68  GLY n 
1 69  LEU n 
1 70  ALA n 
1 71  ALA n 
1 72  LYS n 
1 73  ALA n 
1 74  GLY n 
1 75  LEU n 
1 76  SER n 
1 77  VAL n 
1 78  VAL n 
1 79  ASN n 
1 80  THR n 
1 81  PRO n 
1 82  GLY n 
1 83  THR n 
1 84  VAL n 
1 85  ASP n 
1 86  ALA n 
1 87  GLY n 
1 88  TYR n 
1 89  ARG n 
1 90  GLY n 
1 91  GLU n 
1 92  ILE n 
1 93  LYS n 
1 94  VAL n 
1 95  CYS n 
1 96  LEU n 
1 97  ILE n 
1 98  ASN n 
1 99  HIS n 
1 100 ASP n 
1 101 PRO n 
1 102 ARG n 
1 103 ALA n 
1 104 ALA n 
1 105 ILE n 
1 106 GLU n 
1 107 LEU n 
1 108 ARG n 
1 109 ARG n 
1 110 GLY n 
1 111 ASP n 
1 112 ARG n 
1 113 ILE n 
1 114 ALA n 
1 115 GLN n 
1 116 LEU n 
1 117 LEU n 
1 118 VAL n 
1 119 GLN n 
1 120 LYS n 
1 121 VAL n 
1 122 GLU n 
1 123 LEU n 
1 124 VAL n 
1 125 ASP n 
1 126 PHE n 
1 127 VAL n 
1 128 GLU n 
1 129 VAL n 
1 130 GLU n 
1 131 THR n 
1 132 LEU n 
1 133 ASP n 
1 134 GLU n 
1 135 THR n 
1 136 ALA n 
1 137 ARG n 
1 138 GLY n 
1 139 ALA n 
1 140 GLY n 
1 141 GLY n 
1 142 TYR n 
1 143 GLY n 
1 144 SER n 
1 145 SER n 
1 146 GLY n 
1 147 GLY n 
1 148 HIS n 
1 149 ALA n 
1 150 SER n 
1 151 LEU n 
1 152 ALA n 
1 153 ALA n 
1 154 GLN n 
1 155 SER n 
1 156 GLY n 
1 157 GLY n 
1 158 ALA n 
1 159 GLY n 
1 160 GLN n 
1 161 ALA n 
1 162 THR n 
1 163 GLY n 
1 164 LYS n 
1 165 GLU n 
1 166 ALA n 
1 167 GLY n 
1 168 GLY n 
1 169 GLY n 
1 170 GLY n 
1 171 SER n 
1 172 LEU n 
1 173 GLU n 
1 174 VAL n 
1 175 LEU n 
1 176 PHE n 
1 177 GLN n 
1 178 GLY n 
1 179 PRO n 
1 180 GLY n 
1 181 GLY n 
1 182 GLY n 
1 183 GLY n 
1 184 SER n 
1 185 LEU n 
1 186 GLU n 
1 187 VAL n 
1 188 ASP n 
1 189 HIS n 
1 190 HIS n 
1 191 HIS n 
1 192 HIS n 
1 193 HIS n 
1 194 HIS n 
# 
_entity_src_gen.entity_id                          1 
_entity_src_gen.pdbx_src_id                        1 
_entity_src_gen.pdbx_alt_source_flag               sample 
_entity_src_gen.pdbx_seq_type                      'Biological sequence' 
_entity_src_gen.pdbx_beg_seq_num                   1 
_entity_src_gen.pdbx_end_seq_num                   194 
_entity_src_gen.gene_src_common_name               ? 
_entity_src_gen.gene_src_genus                     ? 
_entity_src_gen.pdbx_gene_src_gene                 'dut, D6158_15615, NS07_v2contig00045-0031, NS506_05871' 
_entity_src_gen.gene_src_species                   ? 
_entity_src_gen.gene_src_strain                    ? 
_entity_src_gen.gene_src_tissue                    ? 
_entity_src_gen.gene_src_tissue_fraction           ? 
_entity_src_gen.gene_src_details                   ? 
_entity_src_gen.pdbx_gene_src_fragment             ? 
_entity_src_gen.pdbx_gene_src_scientific_name      'Nocardia seriolae' 
_entity_src_gen.pdbx_gene_src_ncbi_taxonomy_id     37332 
_entity_src_gen.pdbx_gene_src_variant              ? 
_entity_src_gen.pdbx_gene_src_cell_line            ? 
_entity_src_gen.pdbx_gene_src_atcc                 ? 
_entity_src_gen.pdbx_gene_src_organ                ? 
_entity_src_gen.pdbx_gene_src_organelle            ? 
_entity_src_gen.pdbx_gene_src_cell                 ? 
_entity_src_gen.pdbx_gene_src_cellular_location    ? 
_entity_src_gen.host_org_common_name               ? 
_entity_src_gen.pdbx_host_org_scientific_name      'Escherichia coli BL21' 
_entity_src_gen.pdbx_host_org_ncbi_taxonomy_id     511693 
_entity_src_gen.host_org_genus                     ? 
_entity_src_gen.pdbx_host_org_gene                 ? 
_entity_src_gen.pdbx_host_org_organ                ? 
_entity_src_gen.host_org_species                   ? 
_entity_src_gen.pdbx_host_org_tissue               ? 
_entity_src_gen.pdbx_host_org_tissue_fraction      ? 
_entity_src_gen.pdbx_host_org_strain               ? 
_entity_src_gen.pdbx_host_org_variant              ? 
_entity_src_gen.pdbx_host_org_cell_line            ? 
_entity_src_gen.pdbx_host_org_atcc                 ? 
_entity_src_gen.pdbx_host_org_culture_collection   ? 
_entity_src_gen.pdbx_host_org_cell                 ? 
_entity_src_gen.pdbx_host_org_organelle            ? 
_entity_src_gen.pdbx_host_org_cellular_location    ? 
_entity_src_gen.pdbx_host_org_vector_type          ? 
_entity_src_gen.pdbx_host_org_vector               ? 
_entity_src_gen.host_org_details                   ? 
_entity_src_gen.expression_system_id               ? 
_entity_src_gen.plasmid_name                       ? 
_entity_src_gen.plasmid_details                    ? 
_entity_src_gen.pdbx_description                   ? 
# 
loop_
_chem_comp.id 
_chem_comp.type 
_chem_comp.mon_nstd_flag 
_chem_comp.name 
_chem_comp.pdbx_synonyms 
_chem_comp.formula 
_chem_comp.formula_weight 
ALA 'L-peptide linking' y ALANINE                                  ?             'C3 H7 N O2'     89.093  
ARG 'L-peptide linking' y ARGININE                                 ?             'C6 H15 N4 O2 1' 175.209 
ASN 'L-peptide linking' y ASPARAGINE                               ?             'C4 H8 N2 O3'    132.118 
ASP 'L-peptide linking' y 'ASPARTIC ACID'                          ?             'C4 H7 N O4'     133.103 
CYS 'L-peptide linking' y CYSTEINE                                 ?             'C3 H7 N O2 S'   121.158 
GLN 'L-peptide linking' y GLUTAMINE                                ?             'C5 H10 N2 O3'   146.144 
GLU 'L-peptide linking' y 'GLUTAMIC ACID'                          ?             'C5 H9 N O4'     147.129 
GLY 'peptide linking'   y GLYCINE                                  ?             'C2 H5 N O2'     75.067  
HIS 'L-peptide linking' y HISTIDINE                                ?             'C6 H10 N3 O2 1' 156.162 
HOH non-polymer         . WATER                                    ?             'H2 O'           18.015  
ILE 'L-peptide linking' y ISOLEUCINE                               ?             'C6 H13 N O2'    131.173 
LEU 'L-peptide linking' y LEUCINE                                  ?             'C6 H13 N O2'    131.173 
LYS 'L-peptide linking' y LYSINE                                   ?             'C6 H15 N2 O2 1' 147.195 
MET 'L-peptide linking' y METHIONINE                               ?             'C5 H11 N O2 S'  149.211 
PEG non-polymer         . 'DI(HYDROXYETHYL)ETHER'                  ?             'C4 H10 O3'      106.120 
PHE 'L-peptide linking' y PHENYLALANINE                            ?             'C9 H11 N O2'    165.189 
PO4 non-polymer         . 'PHOSPHATE ION'                          ?             'O4 P -3'        94.971  
PRO 'L-peptide linking' y PROLINE                                  ?             'C5 H9 N O2'     115.130 
SER 'L-peptide linking' y SERINE                                   ?             'C3 H7 N O3'     105.093 
THR 'L-peptide linking' y THREONINE                                ?             'C4 H9 N O3'     119.119 
TRS non-polymer         . 2-AMINO-2-HYDROXYMETHYL-PROPANE-1,3-DIOL 'TRIS BUFFER' 'C4 H12 N O3 1'  122.143 
TYR 'L-peptide linking' y TYROSINE                                 ?             'C9 H11 N O3'    181.189 
UMP non-polymer         . 
;2'-DEOXYURIDINE 5'-MONOPHOSPHATE
;
DUMP          'C9 H13 N2 O8 P' 308.182 
VAL 'L-peptide linking' y VALINE                                   ?             'C5 H11 N O2'    117.146 
# 
loop_
_pdbx_poly_seq_scheme.asym_id 
_pdbx_poly_seq_scheme.entity_id 
_pdbx_poly_seq_scheme.seq_id 
_pdbx_poly_seq_scheme.mon_id 
_pdbx_poly_seq_scheme.ndb_seq_num 
_pdbx_poly_seq_scheme.pdb_seq_num 
_pdbx_poly_seq_scheme.auth_seq_num 
_pdbx_poly_seq_scheme.pdb_mon_id 
_pdbx_poly_seq_scheme.auth_mon_id 
_pdbx_poly_seq_scheme.pdb_strand_id 
_pdbx_poly_seq_scheme.pdb_ins_code 
_pdbx_poly_seq_scheme.hetero 
A 1 1   MET 1   1   ?   ?   ?   A . n 
A 1 2   THR 2   2   ?   ?   ?   A . n 
A 1 3   GLY 3   3   ?   ?   ?   A . n 
A 1 4   ILE 4   4   4   ILE ILE A . n 
A 1 5   PRO 5   5   5   PRO PRO A . n 
A 1 6   PRO 6   6   6   PRO PRO A . n 
A 1 7   ILE 7   7   7   ILE ILE A . n 
A 1 8   PRO 8   8   8   PRO PRO A . n 
A 1 9   LEU 9   9   9   LEU LEU A . n 
A 1 10  LEU 10  10  10  LEU LEU A . n 
A 1 11  ARG 11  11  11  ARG ARG A . n 
A 1 12  LEU 12  12  12  LEU LEU A . n 
A 1 13  ASP 13  13  13  ASP ASP A . n 
A 1 14  PRO 14  14  14  PRO PRO A . n 
A 1 15  GLY 15  15  15  GLY GLY A . n 
A 1 16  ILE 16  16  16  ILE ILE A . n 
A 1 17  PRO 17  17  17  PRO PRO A . n 
A 1 18  VAL 18  18  18  VAL VAL A . n 
A 1 19  PRO 19  19  19  PRO PRO A . n 
A 1 20  VAL 20  20  20  VAL VAL A . n 
A 1 21  ARG 21  21  21  ARG ARG A . n 
A 1 22  ALA 22  22  22  ALA ALA A . n 
A 1 23  HIS 23  23  23  HIS HIS A . n 
A 1 24  GLU 24  24  24  GLU GLU A . n 
A 1 25  GLY 25  25  25  GLY GLY A . n 
A 1 26  ASP 26  26  26  ASP ASP A . n 
A 1 27  ALA 27  27  27  ALA ALA A . n 
A 1 28  GLY 28  28  28  GLY GLY A . n 
A 1 29  VAL 29  29  29  VAL VAL A . n 
A 1 30  ASP 30  30  30  ASP ASP A . n 
A 1 31  LEU 31  31  31  LEU LEU A . n 
A 1 32  CYS 32  32  32  CYS CYS A . n 
A 1 33  THR 33  33  33  THR THR A . n 
A 1 34  THR 34  34  34  THR THR A . n 
A 1 35  GLU 35  35  35  GLU GLU A . n 
A 1 36  ASP 36  36  36  ASP ASP A . n 
A 1 37  VAL 37  37  37  VAL VAL A . n 
A 1 38  ILE 38  38  38  ILE ILE A . n 
A 1 39  ILE 39  39  39  ILE ILE A . n 
A 1 40  GLU 40  40  40  GLU GLU A . n 
A 1 41  PRO 41  41  41  PRO PRO A . n 
A 1 42  GLY 42  42  42  GLY GLY A . n 
A 1 43  GLU 43  43  43  GLU GLU A . n 
A 1 44  ARG 44  44  44  ARG ARG A . n 
A 1 45  VAL 45  45  45  VAL VAL A . n 
A 1 46  LEU 46  46  46  LEU LEU A . n 
A 1 47  VAL 47  47  47  VAL VAL A . n 
A 1 48  GLY 48  48  48  GLY GLY A . n 
A 1 49  THR 49  49  49  THR THR A . n 
A 1 50  GLY 50  50  50  GLY GLY A . n 
A 1 51  ILE 51  51  51  ILE ILE A . n 
A 1 52  ALA 52  52  52  ALA ALA A . n 
A 1 53  VAL 53  53  53  VAL VAL A . n 
A 1 54  ALA 54  54  54  ALA ALA A . n 
A 1 55  LEU 55  55  55  LEU LEU A . n 
A 1 56  PRO 56  56  56  PRO PRO A . n 
A 1 57  ILE 57  57  57  ILE ILE A . n 
A 1 58  GLY 58  58  58  GLY GLY A . n 
A 1 59  THR 59  59  59  THR THR A . n 
A 1 60  VAL 60  60  60  VAL VAL A . n 
A 1 61  GLY 61  61  61  GLY GLY A . n 
A 1 62  LEU 62  62  62  LEU LEU A . n 
A 1 63  ILE 63  63  63  ILE ILE A . n 
A 1 64  HIS 64  64  64  HIS HIS A . n 
A 1 65  PRO 65  65  65  PRO PRO A . n 
A 1 66  ARG 66  66  66  ARG ARG A . n 
A 1 67  SER 67  67  67  SER SER A . n 
A 1 68  GLY 68  68  68  GLY GLY A . n 
A 1 69  LEU 69  69  69  LEU LEU A . n 
A 1 70  ALA 70  70  70  ALA ALA A . n 
A 1 71  ALA 71  71  71  ALA ALA A . n 
A 1 72  LYS 72  72  72  LYS LYS A . n 
A 1 73  ALA 73  73  73  ALA ALA A . n 
A 1 74  GLY 74  74  74  GLY GLY A . n 
A 1 75  LEU 75  75  75  LEU LEU A . n 
A 1 76  SER 76  76  76  SER SER A . n 
A 1 77  VAL 77  77  77  VAL VAL A . n 
A 1 78  VAL 78  78  78  VAL VAL A . n 
A 1 79  ASN 79  79  79  ASN ASN A . n 
A 1 80  THR 80  80  80  THR THR A . n 
A 1 81  PRO 81  81  81  PRO PRO A . n 
A 1 82  GLY 82  82  82  GLY GLY A . n 
A 1 83  THR 83  83  83  THR THR A . n 
A 1 84  VAL 84  84  84  VAL VAL A . n 
A 1 85  ASP 85  85  85  ASP ASP A . n 
A 1 86  ALA 86  86  86  ALA ALA A . n 
A 1 87  GLY 87  87  87  GLY GLY A . n 
A 1 88  TYR 88  88  88  TYR TYR A . n 
A 1 89  ARG 89  89  89  ARG ARG A . n 
A 1 90  GLY 90  90  90  GLY GLY A . n 
A 1 91  GLU 91  91  91  GLU GLU A . n 
A 1 92  ILE 92  92  92  ILE ILE A . n 
A 1 93  LYS 93  93  93  LYS LYS A . n 
A 1 94  VAL 94  94  94  VAL VAL A . n 
A 1 95  CYS 95  95  95  CYS CYS A . n 
A 1 96  LEU 96  96  96  LEU LEU A . n 
A 1 97  ILE 97  97  97  ILE ILE A . n 
A 1 98  ASN 98  98  98  ASN ASN A . n 
A 1 99  HIS 99  99  99  HIS HIS A . n 
A 1 100 ASP 100 100 100 ASP ASP A . n 
A 1 101 PRO 101 101 101 PRO PRO A . n 
A 1 102 ARG 102 102 102 ARG ARG A . n 
A 1 103 ALA 103 103 103 ALA ALA A . n 
A 1 104 ALA 104 104 104 ALA ALA A . n 
A 1 105 ILE 105 105 105 ILE ILE A . n 
A 1 106 GLU 106 106 106 GLU GLU A . n 
A 1 107 LEU 107 107 107 LEU LEU A . n 
A 1 108 ARG 108 108 108 ARG ARG A . n 
A 1 109 ARG 109 109 109 ARG ARG A . n 
A 1 110 GLY 110 110 110 GLY GLY A . n 
A 1 111 ASP 111 111 111 ASP ASP A . n 
A 1 112 ARG 112 112 112 ARG ARG A . n 
A 1 113 ILE 113 113 113 ILE ILE A . n 
A 1 114 ALA 114 114 114 ALA ALA A . n 
A 1 115 GLN 115 115 115 GLN GLN A . n 
A 1 116 LEU 116 116 116 LEU LEU A . n 
A 1 117 LEU 117 117 117 LEU LEU A . n 
A 1 118 VAL 118 118 118 VAL VAL A . n 
A 1 119 GLN 119 119 119 GLN GLN A . n 
A 1 120 LYS 120 120 120 LYS LYS A . n 
A 1 121 VAL 121 121 121 VAL VAL A . n 
A 1 122 GLU 122 122 122 GLU GLU A . n 
A 1 123 LEU 123 123 123 LEU LEU A . n 
A 1 124 VAL 124 124 124 VAL VAL A . n 
A 1 125 ASP 125 125 125 ASP ASP A . n 
A 1 126 PHE 126 126 126 PHE PHE A . n 
A 1 127 VAL 127 127 127 VAL VAL A . n 
A 1 128 GLU 128 128 128 GLU GLU A . n 
A 1 129 VAL 129 129 129 VAL VAL A . n 
A 1 130 GLU 130 130 130 GLU GLU A . n 
A 1 131 THR 131 131 131 THR THR A . n 
A 1 132 LEU 132 132 132 LEU LEU A . n 
A 1 133 ASP 133 133 133 ASP ASP A . n 
A 1 134 GLU 134 134 134 GLU GLU A . n 
A 1 135 THR 135 135 135 THR THR A . n 
A 1 136 ALA 136 136 136 ALA ALA A . n 
A 1 137 ARG 137 137 137 ARG ARG A . n 
A 1 138 GLY 138 138 138 GLY GLY A . n 
A 1 139 ALA 139 139 139 ALA ALA A . n 
A 1 140 GLY 140 140 140 GLY GLY A . n 
A 1 141 GLY 141 141 141 GLY GLY A . n 
A 1 142 TYR 142 142 142 TYR TYR A . n 
A 1 143 GLY 143 143 143 GLY GLY A . n 
A 1 144 SER 144 144 ?   ?   ?   A . n 
A 1 145 SER 145 145 ?   ?   ?   A . n 
A 1 146 GLY 146 146 ?   ?   ?   A . n 
A 1 147 GLY 147 147 ?   ?   ?   A . n 
A 1 148 HIS 148 148 ?   ?   ?   A . n 
A 1 149 ALA 149 149 ?   ?   ?   A . n 
A 1 150 SER 150 150 ?   ?   ?   A . n 
A 1 151 LEU 151 151 ?   ?   ?   A . n 
A 1 152 ALA 152 152 ?   ?   ?   A . n 
A 1 153 ALA 153 153 ?   ?   ?   A . n 
A 1 154 GLN 154 154 ?   ?   ?   A . n 
A 1 155 SER 155 155 ?   ?   ?   A . n 
A 1 156 GLY 156 156 ?   ?   ?   A . n 
A 1 157 GLY 157 157 ?   ?   ?   A . n 
A 1 158 ALA 158 158 ?   ?   ?   A . n 
A 1 159 GLY 159 159 ?   ?   ?   A . n 
A 1 160 GLN 160 160 ?   ?   ?   A . n 
A 1 161 ALA 161 161 ?   ?   ?   A . n 
A 1 162 THR 162 162 ?   ?   ?   A . n 
A 1 163 GLY 163 163 ?   ?   ?   A . n 
A 1 164 LYS 164 164 ?   ?   ?   A . n 
A 1 165 GLU 165 165 ?   ?   ?   A . n 
A 1 166 ALA 166 166 ?   ?   ?   A . n 
A 1 167 GLY 167 167 ?   ?   ?   A . n 
A 1 168 GLY 168 168 ?   ?   ?   A . n 
A 1 169 GLY 169 169 ?   ?   ?   A . n 
A 1 170 GLY 170 170 ?   ?   ?   A . n 
A 1 171 SER 171 171 ?   ?   ?   A . n 
A 1 172 LEU 172 172 ?   ?   ?   A . n 
A 1 173 GLU 173 173 ?   ?   ?   A . n 
A 1 174 VAL 174 174 ?   ?   ?   A . n 
A 1 175 LEU 175 175 ?   ?   ?   A . n 
A 1 176 PHE 176 176 ?   ?   ?   A . n 
A 1 177 GLN 177 177 ?   ?   ?   A . n 
A 1 178 GLY 178 178 ?   ?   ?   A . n 
A 1 179 PRO 179 179 ?   ?   ?   A . n 
A 1 180 GLY 180 180 ?   ?   ?   A . n 
A 1 181 GLY 181 181 ?   ?   ?   A . n 
A 1 182 GLY 182 182 ?   ?   ?   A . n 
A 1 183 GLY 183 183 ?   ?   ?   A . n 
A 1 184 SER 184 184 ?   ?   ?   A . n 
A 1 185 LEU 185 185 ?   ?   ?   A . n 
A 1 186 GLU 186 186 ?   ?   ?   A . n 
A 1 187 VAL 187 187 ?   ?   ?   A . n 
A 1 188 ASP 188 188 ?   ?   ?   A . n 
A 1 189 HIS 189 189 ?   ?   ?   A . n 
A 1 190 HIS 190 190 ?   ?   ?   A . n 
A 1 191 HIS 191 191 ?   ?   ?   A . n 
A 1 192 HIS 192 192 ?   ?   ?   A . n 
A 1 193 HIS 193 193 ?   ?   ?   A . n 
A 1 194 HIS 194 194 ?   ?   ?   A . n 
# 
_pdbx_entity_instance_feature.ordinal        1 
_pdbx_entity_instance_feature.comp_id        UMP 
_pdbx_entity_instance_feature.asym_id        ? 
_pdbx_entity_instance_feature.seq_num        ? 
_pdbx_entity_instance_feature.auth_comp_id   UMP 
_pdbx_entity_instance_feature.auth_asym_id   ? 
_pdbx_entity_instance_feature.auth_seq_num   ? 
_pdbx_entity_instance_feature.feature_type   'SUBJECT OF INVESTIGATION' 
_pdbx_entity_instance_feature.details        ? 
# 
loop_
_pdbx_nonpoly_scheme.asym_id 
_pdbx_nonpoly_scheme.entity_id 
_pdbx_nonpoly_scheme.mon_id 
_pdbx_nonpoly_scheme.ndb_seq_num 
_pdbx_nonpoly_scheme.pdb_seq_num 
_pdbx_nonpoly_scheme.auth_seq_num 
_pdbx_nonpoly_scheme.pdb_mon_id 
_pdbx_nonpoly_scheme.auth_mon_id 
_pdbx_nonpoly_scheme.pdb_strand_id 
_pdbx_nonpoly_scheme.pdb_ins_code 
B 2 UMP 1  301 301 UMP UMP A . 
C 3 PO4 1  302 302 PO4 PO4 A . 
D 4 TRS 1  303 303 TRS TRS A . 
E 5 PEG 1  304 304 PEG PEG A . 
F 5 PEG 1  305 305 PEG PEG A . 
G 4 TRS 1  306 306 TRS TRS A . 
H 6 HOH 1  401 29  HOH HOH A . 
H 6 HOH 2  402 9   HOH HOH A . 
H 6 HOH 3  403 23  HOH HOH A . 
H 6 HOH 4  404 39  HOH HOH A . 
H 6 HOH 5  405 19  HOH HOH A . 
H 6 HOH 6  406 15  HOH HOH A . 
H 6 HOH 7  407 17  HOH HOH A . 
H 6 HOH 8  408 2   HOH HOH A . 
H 6 HOH 9  409 14  HOH HOH A . 
H 6 HOH 10 410 7   HOH HOH A . 
H 6 HOH 11 411 1   HOH HOH A . 
H 6 HOH 12 412 28  HOH HOH A . 
H 6 HOH 13 413 8   HOH HOH A . 
H 6 HOH 14 414 32  HOH HOH A . 
H 6 HOH 15 415 18  HOH HOH A . 
H 6 HOH 16 416 27  HOH HOH A . 
H 6 HOH 17 417 5   HOH HOH A . 
H 6 HOH 18 418 6   HOH HOH A . 
H 6 HOH 19 419 3   HOH HOH A . 
H 6 HOH 20 420 34  HOH HOH A . 
H 6 HOH 21 421 4   HOH HOH A . 
H 6 HOH 22 422 42  HOH HOH A . 
H 6 HOH 23 423 22  HOH HOH A . 
H 6 HOH 24 424 37  HOH HOH A . 
H 6 HOH 25 425 11  HOH HOH A . 
H 6 HOH 26 426 13  HOH HOH A . 
H 6 HOH 27 427 21  HOH HOH A . 
H 6 HOH 28 428 10  HOH HOH A . 
H 6 HOH 29 429 36  HOH HOH A . 
H 6 HOH 30 430 40  HOH HOH A . 
H 6 HOH 31 431 24  HOH HOH A . 
H 6 HOH 32 432 45  HOH HOH A . 
H 6 HOH 33 433 25  HOH HOH A . 
H 6 HOH 34 434 41  HOH HOH A . 
H 6 HOH 35 435 31  HOH HOH A . 
H 6 HOH 36 436 33  HOH HOH A . 
H 6 HOH 37 437 35  HOH HOH A . 
H 6 HOH 38 438 16  HOH HOH A . 
H 6 HOH 39 439 12  HOH HOH A . 
H 6 HOH 40 440 44  HOH HOH A . 
H 6 HOH 41 441 38  HOH HOH A . 
H 6 HOH 42 442 30  HOH HOH A . 
H 6 HOH 43 443 20  HOH HOH A . 
H 6 HOH 44 444 43  HOH HOH A . 
H 6 HOH 45 445 26  HOH HOH A . 
# 
_pdbx_unobs_or_zero_occ_atoms.id               1 
_pdbx_unobs_or_zero_occ_atoms.PDB_model_num    1 
_pdbx_unobs_or_zero_occ_atoms.polymer_flag     N 
_pdbx_unobs_or_zero_occ_atoms.occupancy_flag   0 
_pdbx_unobs_or_zero_occ_atoms.auth_asym_id     A 
_pdbx_unobs_or_zero_occ_atoms.auth_comp_id     TRS 
_pdbx_unobs_or_zero_occ_atoms.auth_seq_id      303 
_pdbx_unobs_or_zero_occ_atoms.PDB_ins_code     ? 
_pdbx_unobs_or_zero_occ_atoms.auth_atom_id     O2 
_pdbx_unobs_or_zero_occ_atoms.label_alt_id     ? 
_pdbx_unobs_or_zero_occ_atoms.label_asym_id    D 
_pdbx_unobs_or_zero_occ_atoms.label_comp_id    TRS 
_pdbx_unobs_or_zero_occ_atoms.label_seq_id     ? 
_pdbx_unobs_or_zero_occ_atoms.label_atom_id    O2 
# 
loop_
_software.citation_id 
_software.classification 
_software.compiler_name 
_software.compiler_version 
_software.contact_author 
_software.contact_author_email 
_software.date 
_software.description 
_software.dependencies 
_software.hardware 
_software.language 
_software.location 
_software.mods 
_software.name 
_software.os 
_software.os_version 
_software.type 
_software.version 
_software.pdbx_ordinal 
? refinement       ? ? ? ? ? ? ? ? ? ? ? PHENIX ? ? ? '(1.20.1_4487: ???)' 1 
? 'data reduction' ? ? ? ? ? ? ? ? ? ? ? XDS    ? ? ? .                    2 
? 'data scaling'   ? ? ? ? ? ? ? ? ? ? ? XDS    ? ? ? .                    3 
? phasing          ? ? ? ? ? ? ? ? ? ? ? PHASER ? ? ? .                    4 
# 
_cell.angle_alpha                  90.00 
_cell.angle_alpha_esd              ? 
_cell.angle_beta                   90.00 
_cell.angle_beta_esd               ? 
_cell.angle_gamma                  90.00 
_cell.angle_gamma_esd              ? 
_cell.entry_id                     8XHM 
_cell.details                      ? 
_cell.formula_units_Z              ? 
_cell.length_a                     120.807 
_cell.length_a_esd                 ? 
_cell.length_b                     120.807 
_cell.length_b_esd                 ? 
_cell.length_c                     120.807 
_cell.length_c_esd                 ? 
_cell.volume                       ? 
_cell.volume_esd                   ? 
_cell.Z_PDB                        24 
_cell.reciprocal_angle_alpha       ? 
_cell.reciprocal_angle_beta        ? 
_cell.reciprocal_angle_gamma       ? 
_cell.reciprocal_angle_alpha_esd   ? 
_cell.reciprocal_angle_beta_esd    ? 
_cell.reciprocal_angle_gamma_esd   ? 
_cell.reciprocal_length_a          ? 
_cell.reciprocal_length_b          ? 
_cell.reciprocal_length_c          ? 
_cell.reciprocal_length_a_esd      ? 
_cell.reciprocal_length_b_esd      ? 
_cell.reciprocal_length_c_esd      ? 
_cell.pdbx_unique_axis             ? 
_cell.pdbx_esd_method              ? 
# 
_symmetry.entry_id                         8XHM 
_symmetry.cell_setting                     ? 
_symmetry.Int_Tables_number                213 
_symmetry.space_group_name_Hall            ? 
_symmetry.space_group_name_H-M             'P 41 3 2' 
_symmetry.pdbx_full_space_group_name_H-M   ? 
# 
_exptl.absorpt_coefficient_mu     ? 
_exptl.absorpt_correction_T_max   ? 
_exptl.absorpt_correction_T_min   ? 
_exptl.absorpt_correction_type    ? 
_exptl.absorpt_process_details    ? 
_exptl.entry_id                   8XHM 
_exptl.crystals_number            1 
_exptl.details                    ? 
_exptl.method                     'X-RAY DIFFRACTION' 
_exptl.method_details             ? 
# 
_exptl_crystal.colour                       ? 
_exptl_crystal.density_diffrn               ? 
_exptl_crystal.density_Matthews             3.73 
_exptl_crystal.density_method               ? 
_exptl_crystal.density_percent_sol          67.5 
_exptl_crystal.description                  'clear cubic crystal' 
_exptl_crystal.F_000                        ? 
_exptl_crystal.id                           1 
_exptl_crystal.preparation                  ? 
_exptl_crystal.size_max                     ? 
_exptl_crystal.size_mid                     ? 
_exptl_crystal.size_min                     ? 
_exptl_crystal.size_rad                     ? 
_exptl_crystal.colour_lustre                ? 
_exptl_crystal.colour_modifier              ? 
_exptl_crystal.colour_primary               ? 
_exptl_crystal.density_meas                 ? 
_exptl_crystal.density_meas_esd             ? 
_exptl_crystal.density_meas_gt              ? 
_exptl_crystal.density_meas_lt              ? 
_exptl_crystal.density_meas_temp            ? 
_exptl_crystal.density_meas_temp_esd        ? 
_exptl_crystal.density_meas_temp_gt         ? 
_exptl_crystal.density_meas_temp_lt         ? 
_exptl_crystal.pdbx_crystal_image_url       ? 
_exptl_crystal.pdbx_crystal_image_format    ? 
_exptl_crystal.pdbx_mosaicity               ? 
_exptl_crystal.pdbx_mosaicity_esd           ? 
_exptl_crystal.pdbx_mosaic_method           ? 
_exptl_crystal.pdbx_mosaic_block_size       ? 
_exptl_crystal.pdbx_mosaic_block_size_esd   ? 
# 
_exptl_crystal_grow.apparatus       ? 
_exptl_crystal_grow.atmosphere      ? 
_exptl_crystal_grow.crystal_id      1 
_exptl_crystal_grow.details         ? 
_exptl_crystal_grow.method          'VAPOR DIFFUSION, SITTING DROP' 
_exptl_crystal_grow.method_ref      ? 
_exptl_crystal_grow.pH              8.5 
_exptl_crystal_grow.pressure        ? 
_exptl_crystal_grow.pressure_esd    ? 
_exptl_crystal_grow.seeding         ? 
_exptl_crystal_grow.seeding_ref     ? 
_exptl_crystal_grow.temp_details    ? 
_exptl_crystal_grow.temp_esd        ? 
_exptl_crystal_grow.time            ? 
_exptl_crystal_grow.pdbx_details    
'Diffractable crystals grew in 25% (w/v) polyethylene glycol 3350, 0.1 M Tris-HCl pH 8.5 at 293 K.' 
_exptl_crystal_grow.pdbx_pH_range   ? 
_exptl_crystal_grow.temp            293 
# 
_diffrn.ambient_environment              ? 
_diffrn.ambient_temp                     100 
_diffrn.ambient_temp_details             ? 
_diffrn.ambient_temp_esd                 ? 
_diffrn.crystal_id                       1 
_diffrn.crystal_support                  ? 
_diffrn.crystal_treatment                ? 
_diffrn.details                          ? 
_diffrn.id                               1 
_diffrn.ambient_pressure                 ? 
_diffrn.ambient_pressure_esd             ? 
_diffrn.ambient_pressure_gt              ? 
_diffrn.ambient_pressure_lt              ? 
_diffrn.ambient_temp_gt                  ? 
_diffrn.ambient_temp_lt                  ? 
_diffrn.pdbx_serial_crystal_experiment   N 
# 
_diffrn_detector.details                      ? 
_diffrn_detector.detector                     PIXEL 
_diffrn_detector.diffrn_id                    1 
_diffrn_detector.type                         'DECTRIS EIGER2 X 16M' 
_diffrn_detector.area_resol_mean              ? 
_diffrn_detector.dtime                        ? 
_diffrn_detector.pdbx_frames_total            ? 
_diffrn_detector.pdbx_collection_time_total   ? 
_diffrn_detector.pdbx_collection_date         2023-04-14 
_diffrn_detector.pdbx_frequency               ? 
_diffrn_detector.id                           ? 
_diffrn_detector.number_of_axes               ? 
# 
_diffrn_radiation.collimation                      ? 
_diffrn_radiation.diffrn_id                        1 
_diffrn_radiation.filter_edge                      ? 
_diffrn_radiation.inhomogeneity                    ? 
_diffrn_radiation.monochromator                    ? 
_diffrn_radiation.polarisn_norm                    ? 
_diffrn_radiation.polarisn_ratio                   ? 
_diffrn_radiation.probe                            ? 
_diffrn_radiation.type                             ? 
_diffrn_radiation.xray_symbol                      ? 
_diffrn_radiation.wavelength_id                    1 
_diffrn_radiation.pdbx_monochromatic_or_laue_m_l   M 
_diffrn_radiation.pdbx_wavelength_list             ? 
_diffrn_radiation.pdbx_wavelength                  ? 
_diffrn_radiation.pdbx_diffrn_protocol             'SINGLE WAVELENGTH' 
_diffrn_radiation.pdbx_analyzer                    ? 
_diffrn_radiation.pdbx_scattering_type             x-ray 
# 
_diffrn_radiation_wavelength.id           1 
_diffrn_radiation_wavelength.wavelength   0.976 
_diffrn_radiation_wavelength.wt           1.0 
# 
_diffrn_source.current                     ? 
_diffrn_source.details                     ? 
_diffrn_source.diffrn_id                   1 
_diffrn_source.power                       ? 
_diffrn_source.size                        ? 
_diffrn_source.source                      SYNCHROTRON 
_diffrn_source.target                      ? 
_diffrn_source.type                        'NSRRC BEAMLINE TPS 07A' 
_diffrn_source.voltage                     ? 
_diffrn_source.take-off_angle              ? 
_diffrn_source.pdbx_wavelength_list        0.976 
_diffrn_source.pdbx_wavelength             ? 
_diffrn_source.pdbx_synchrotron_beamline   'TPS 07A' 
_diffrn_source.pdbx_synchrotron_site       NSRRC 
# 
_reflns.B_iso_Wilson_estimate                          52.7 
_reflns.entry_id                                       8XHM 
_reflns.data_reduction_details                         ? 
_reflns.data_reduction_method                          ? 
_reflns.d_resolution_high                              2.12 
_reflns.d_resolution_low                               29.3 
_reflns.details                                        ? 
_reflns.limit_h_max                                    ? 
_reflns.limit_h_min                                    ? 
_reflns.limit_k_max                                    ? 
_reflns.limit_k_min                                    ? 
_reflns.limit_l_max                                    ? 
_reflns.limit_l_min                                    ? 
_reflns.number_all                                     ? 
_reflns.number_obs                                     17649 
_reflns.observed_criterion                             ? 
_reflns.observed_criterion_F_max                       ? 
_reflns.observed_criterion_F_min                       ? 
_reflns.observed_criterion_I_max                       ? 
_reflns.observed_criterion_I_min                       ? 
_reflns.observed_criterion_sigma_F                     ? 
_reflns.observed_criterion_sigma_I                     ? 
_reflns.percent_possible_obs                           99.8 
_reflns.R_free_details                                 ? 
_reflns.Rmerge_F_all                                   ? 
_reflns.Rmerge_F_obs                                   ? 
_reflns.Friedel_coverage                               ? 
_reflns.number_gt                                      ? 
_reflns.threshold_expression                           ? 
_reflns.pdbx_redundancy                                50.7 
_reflns.pdbx_netI_over_av_sigmaI                       ? 
_reflns.pdbx_netI_over_sigmaI                          36.67 
_reflns.pdbx_res_netI_over_av_sigmaI_2                 ? 
_reflns.pdbx_res_netI_over_sigmaI_2                    ? 
_reflns.pdbx_chi_squared                               ? 
_reflns.pdbx_scaling_rejects                           ? 
_reflns.pdbx_d_res_high_opt                            ? 
_reflns.pdbx_d_res_low_opt                             ? 
_reflns.pdbx_d_res_opt_method                          ? 
_reflns.phase_calculation_details                      ? 
_reflns.pdbx_Rrim_I_all                                0.076 
_reflns.pdbx_Rpim_I_all                                0.011 
_reflns.pdbx_d_opt                                     ? 
_reflns.pdbx_number_measured_all                       ? 
_reflns.pdbx_diffrn_id                                 1 
_reflns.pdbx_ordinal                                   1 
_reflns.pdbx_CC_half                                   1.0 
_reflns.pdbx_CC_star                                   ? 
_reflns.pdbx_R_split                                   ? 
_reflns.pdbx_Rmerge_I_obs                              0.075 
_reflns.pdbx_Rmerge_I_all                              ? 
_reflns.pdbx_Rsym_value                                ? 
_reflns.pdbx_CC_split_method                           ? 
_reflns.pdbx_aniso_diffraction_limit_axis_1_ortho[1]   ? 
_reflns.pdbx_aniso_diffraction_limit_axis_1_ortho[2]   ? 
_reflns.pdbx_aniso_diffraction_limit_axis_1_ortho[3]   ? 
_reflns.pdbx_aniso_diffraction_limit_axis_2_ortho[1]   ? 
_reflns.pdbx_aniso_diffraction_limit_axis_2_ortho[2]   ? 
_reflns.pdbx_aniso_diffraction_limit_axis_2_ortho[3]   ? 
_reflns.pdbx_aniso_diffraction_limit_axis_3_ortho[1]   ? 
_reflns.pdbx_aniso_diffraction_limit_axis_3_ortho[2]   ? 
_reflns.pdbx_aniso_diffraction_limit_axis_3_ortho[3]   ? 
_reflns.pdbx_aniso_diffraction_limit_1                 ? 
_reflns.pdbx_aniso_diffraction_limit_2                 ? 
_reflns.pdbx_aniso_diffraction_limit_3                 ? 
_reflns.pdbx_aniso_B_tensor_eigenvector_1_ortho[1]     ? 
_reflns.pdbx_aniso_B_tensor_eigenvector_1_ortho[2]     ? 
_reflns.pdbx_aniso_B_tensor_eigenvector_1_ortho[3]     ? 
_reflns.pdbx_aniso_B_tensor_eigenvector_2_ortho[1]     ? 
_reflns.pdbx_aniso_B_tensor_eigenvector_2_ortho[2]     ? 
_reflns.pdbx_aniso_B_tensor_eigenvector_2_ortho[3]     ? 
_reflns.pdbx_aniso_B_tensor_eigenvector_3_ortho[1]     ? 
_reflns.pdbx_aniso_B_tensor_eigenvector_3_ortho[2]     ? 
_reflns.pdbx_aniso_B_tensor_eigenvector_3_ortho[3]     ? 
_reflns.pdbx_aniso_B_tensor_eigenvalue_1               ? 
_reflns.pdbx_aniso_B_tensor_eigenvalue_2               ? 
_reflns.pdbx_aniso_B_tensor_eigenvalue_3               ? 
_reflns.pdbx_orthogonalization_convention              ? 
_reflns.pdbx_percent_possible_ellipsoidal              ? 
_reflns.pdbx_percent_possible_spherical                ? 
_reflns.pdbx_percent_possible_ellipsoidal_anomalous    ? 
_reflns.pdbx_percent_possible_spherical_anomalous      ? 
_reflns.pdbx_redundancy_anomalous                      ? 
_reflns.pdbx_CC_half_anomalous                         ? 
_reflns.pdbx_absDiff_over_sigma_anomalous              ? 
_reflns.pdbx_percent_possible_anomalous                ? 
_reflns.pdbx_observed_signal_threshold                 ? 
_reflns.pdbx_signal_type                               ? 
_reflns.pdbx_signal_details                            ? 
_reflns.pdbx_signal_software_id                        ? 
# 
_reflns_shell.d_res_high                                    2.12 
_reflns_shell.d_res_low                                     2.196 
_reflns_shell.meanI_over_sigI_all                           ? 
_reflns_shell.meanI_over_sigI_obs                           3.35 
_reflns_shell.number_measured_all                           ? 
_reflns_shell.number_measured_obs                           ? 
_reflns_shell.number_possible                               ? 
_reflns_shell.number_unique_all                             ? 
_reflns_shell.number_unique_obs                             1723 
_reflns_shell.percent_possible_obs                          ? 
_reflns_shell.Rmerge_F_all                                  ? 
_reflns_shell.Rmerge_F_obs                                  ? 
_reflns_shell.meanI_over_sigI_gt                            ? 
_reflns_shell.meanI_over_uI_all                             ? 
_reflns_shell.meanI_over_uI_gt                              ? 
_reflns_shell.number_measured_gt                            ? 
_reflns_shell.number_unique_gt                              ? 
_reflns_shell.percent_possible_gt                           ? 
_reflns_shell.Rmerge_F_gt                                   ? 
_reflns_shell.Rmerge_I_gt                                   ? 
_reflns_shell.pdbx_redundancy                               ? 
_reflns_shell.pdbx_chi_squared                              ? 
_reflns_shell.pdbx_netI_over_sigmaI_all                     ? 
_reflns_shell.pdbx_netI_over_sigmaI_obs                     ? 
_reflns_shell.pdbx_Rrim_I_all                               ? 
_reflns_shell.pdbx_Rpim_I_all                               ? 
_reflns_shell.pdbx_rejects                                  ? 
_reflns_shell.pdbx_ordinal                                  1 
_reflns_shell.pdbx_diffrn_id                                1 
_reflns_shell.pdbx_CC_half                                  0.936 
_reflns_shell.pdbx_CC_star                                  ? 
_reflns_shell.pdbx_R_split                                  ? 
_reflns_shell.percent_possible_all                          98.8 
_reflns_shell.Rmerge_I_all                                  ? 
_reflns_shell.Rmerge_I_obs                                  ? 
_reflns_shell.pdbx_Rsym_value                               ? 
_reflns_shell.pdbx_percent_possible_ellipsoidal             ? 
_reflns_shell.pdbx_percent_possible_spherical               ? 
_reflns_shell.pdbx_percent_possible_ellipsoidal_anomalous   ? 
_reflns_shell.pdbx_percent_possible_spherical_anomalous     ? 
_reflns_shell.pdbx_redundancy_anomalous                     ? 
_reflns_shell.pdbx_CC_half_anomalous                        ? 
_reflns_shell.pdbx_absDiff_over_sigma_anomalous             ? 
_reflns_shell.pdbx_percent_possible_anomalous               ? 
# 
_refine.aniso_B[1][1]                            ? 
_refine.aniso_B[1][2]                            ? 
_refine.aniso_B[1][3]                            ? 
_refine.aniso_B[2][2]                            ? 
_refine.aniso_B[2][3]                            ? 
_refine.aniso_B[3][3]                            ? 
_refine.B_iso_max                                ? 
_refine.B_iso_mean                               ? 
_refine.B_iso_min                                ? 
_refine.correlation_coeff_Fo_to_Fc               ? 
_refine.correlation_coeff_Fo_to_Fc_free          ? 
_refine.details                                  ? 
_refine.diff_density_max                         ? 
_refine.diff_density_max_esd                     ? 
_refine.diff_density_min                         ? 
_refine.diff_density_min_esd                     ? 
_refine.diff_density_rms                         ? 
_refine.diff_density_rms_esd                     ? 
_refine.entry_id                                 8XHM 
_refine.pdbx_refine_id                           'X-RAY DIFFRACTION' 
_refine.ls_abs_structure_details                 ? 
_refine.ls_abs_structure_Flack                   ? 
_refine.ls_abs_structure_Flack_esd               ? 
_refine.ls_abs_structure_Rogers                  ? 
_refine.ls_abs_structure_Rogers_esd              ? 
_refine.ls_d_res_high                            2.12 
_refine.ls_d_res_low                             29.30 
_refine.ls_extinction_coef                       ? 
_refine.ls_extinction_coef_esd                   ? 
_refine.ls_extinction_expression                 ? 
_refine.ls_extinction_method                     ? 
_refine.ls_goodness_of_fit_all                   ? 
_refine.ls_goodness_of_fit_all_esd               ? 
_refine.ls_goodness_of_fit_obs                   ? 
_refine.ls_goodness_of_fit_obs_esd               ? 
_refine.ls_hydrogen_treatment                    ? 
_refine.ls_matrix_type                           ? 
_refine.ls_number_constraints                    ? 
_refine.ls_number_parameters                     ? 
_refine.ls_number_reflns_all                     ? 
_refine.ls_number_reflns_obs                     17649 
_refine.ls_number_reflns_R_free                  882 
_refine.ls_number_reflns_R_work                  ? 
_refine.ls_number_restraints                     ? 
_refine.ls_percent_reflns_obs                    99.8 
_refine.ls_percent_reflns_R_free                 5.00 
_refine.ls_R_factor_all                          ? 
_refine.ls_R_factor_obs                          0.1868 
_refine.ls_R_factor_R_free                       0.2053 
_refine.ls_R_factor_R_free_error                 ? 
_refine.ls_R_factor_R_free_error_details         ? 
_refine.ls_R_factor_R_work                       0.1859 
_refine.ls_R_Fsqd_factor_obs                     ? 
_refine.ls_R_I_factor_obs                        ? 
_refine.ls_redundancy_reflns_all                 ? 
_refine.ls_redundancy_reflns_obs                 ? 
_refine.ls_restrained_S_all                      ? 
_refine.ls_restrained_S_obs                      ? 
_refine.ls_shift_over_esd_max                    ? 
_refine.ls_shift_over_esd_mean                   ? 
_refine.ls_structure_factor_coef                 ? 
_refine.ls_weighting_details                     ? 
_refine.ls_weighting_scheme                      ? 
_refine.ls_wR_factor_all                         ? 
_refine.ls_wR_factor_obs                         ? 
_refine.ls_wR_factor_R_free                      ? 
_refine.ls_wR_factor_R_work                      ? 
_refine.occupancy_max                            ? 
_refine.occupancy_min                            ? 
_refine.solvent_model_details                    'FLAT BULK SOLVENT MODEL' 
_refine.solvent_model_param_bsol                 ? 
_refine.solvent_model_param_ksol                 ? 
_refine.pdbx_R_complete                          ? 
_refine.ls_R_factor_gt                           ? 
_refine.ls_goodness_of_fit_gt                    ? 
_refine.ls_goodness_of_fit_ref                   ? 
_refine.ls_shift_over_su_max                     ? 
_refine.ls_shift_over_su_max_lt                  ? 
_refine.ls_shift_over_su_mean                    ? 
_refine.ls_shift_over_su_mean_lt                 ? 
_refine.pdbx_ls_sigma_I                          ? 
_refine.pdbx_ls_sigma_F                          1.36 
_refine.pdbx_ls_sigma_Fsqd                       ? 
_refine.pdbx_data_cutoff_high_absF               ? 
_refine.pdbx_data_cutoff_high_rms_absF           ? 
_refine.pdbx_data_cutoff_low_absF                ? 
_refine.pdbx_isotropic_thermal_model             ? 
_refine.pdbx_ls_cross_valid_method               'FREE R-VALUE' 
_refine.pdbx_method_to_determine_struct          'MOLECULAR REPLACEMENT' 
_refine.pdbx_starting_model                      1SIX 
_refine.pdbx_stereochemistry_target_values       ML 
_refine.pdbx_R_Free_selection_details            ? 
_refine.pdbx_stereochem_target_val_spec_case     ? 
_refine.pdbx_overall_ESU_R                       ? 
_refine.pdbx_overall_ESU_R_Free                  ? 
_refine.pdbx_solvent_vdw_probe_radii             1.10 
_refine.pdbx_solvent_ion_probe_radii             ? 
_refine.pdbx_solvent_shrinkage_radii             0.90 
_refine.pdbx_real_space_R                        ? 
_refine.pdbx_density_correlation                 ? 
_refine.pdbx_pd_number_of_powder_patterns        ? 
_refine.pdbx_pd_number_of_points                 ? 
_refine.pdbx_pd_meas_number_of_points            ? 
_refine.pdbx_pd_proc_ls_prof_R_factor            ? 
_refine.pdbx_pd_proc_ls_prof_wR_factor           ? 
_refine.pdbx_pd_Marquardt_correlation_coeff      ? 
_refine.pdbx_pd_Fsqrd_R_factor                   ? 
_refine.pdbx_pd_ls_matrix_band_width             ? 
_refine.pdbx_overall_phase_error                 21.91 
_refine.pdbx_overall_SU_R_free_Cruickshank_DPI   ? 
_refine.pdbx_overall_SU_R_free_Blow_DPI          ? 
_refine.pdbx_overall_SU_R_Blow_DPI               ? 
_refine.pdbx_TLS_residual_ADP_flag               ? 
_refine.pdbx_diffrn_id                           1 
_refine.overall_SU_B                             ? 
_refine.overall_SU_ML                            0.19 
_refine.overall_SU_R_Cruickshank_DPI             ? 
_refine.overall_SU_R_free                        ? 
_refine.overall_FOM_free_R_set                   ? 
_refine.overall_FOM_work_R_set                   ? 
_refine.pdbx_average_fsc_overall                 ? 
_refine.pdbx_average_fsc_work                    ? 
_refine.pdbx_average_fsc_free                    ? 
# 
_refine_hist.pdbx_refine_id                   'X-RAY DIFFRACTION' 
_refine_hist.cycle_id                         LAST 
_refine_hist.details                          ? 
_refine_hist.d_res_high                       2.12 
_refine_hist.d_res_low                        29.30 
_refine_hist.number_atoms_solvent             45 
_refine_hist.number_atoms_total               1127 
_refine_hist.number_reflns_all                ? 
_refine_hist.number_reflns_obs                ? 
_refine_hist.number_reflns_R_free             ? 
_refine_hist.number_reflns_R_work             ? 
_refine_hist.R_factor_all                     ? 
_refine_hist.R_factor_obs                     ? 
_refine_hist.R_factor_R_free                  ? 
_refine_hist.R_factor_R_work                  ? 
_refine_hist.pdbx_number_residues_total       ? 
_refine_hist.pdbx_B_iso_mean_ligand           ? 
_refine_hist.pdbx_B_iso_mean_solvent          ? 
_refine_hist.pdbx_number_atoms_protein        1027 
_refine_hist.pdbx_number_atoms_nucleic_acid   0 
_refine_hist.pdbx_number_atoms_ligand         55 
_refine_hist.pdbx_number_atoms_lipid          ? 
_refine_hist.pdbx_number_atoms_carb           ? 
_refine_hist.pdbx_pseudo_atom_details         ? 
# 
loop_
_refine_ls_restr.pdbx_refine_id 
_refine_ls_restr.criterion 
_refine_ls_restr.dev_ideal 
_refine_ls_restr.dev_ideal_target 
_refine_ls_restr.number 
_refine_ls_restr.rejects 
_refine_ls_restr.type 
_refine_ls_restr.weight 
_refine_ls_restr.pdbx_restraint_function 
'X-RAY DIFFRACTION' ? 0.007 ? 1094 ? f_bond_d           ? ? 
'X-RAY DIFFRACTION' ? 0.909 ? 1489 ? f_angle_d          ? ? 
'X-RAY DIFFRACTION' ? 6.404 ? 166  ? f_dihedral_angle_d ? ? 
'X-RAY DIFFRACTION' ? 0.064 ? 177  ? f_chiral_restr     ? ? 
'X-RAY DIFFRACTION' ? 0.009 ? 190  ? f_plane_restr      ? ? 
# 
loop_
_refine_ls_shell.pdbx_refine_id 
_refine_ls_shell.d_res_high 
_refine_ls_shell.d_res_low 
_refine_ls_shell.number_reflns_all 
_refine_ls_shell.number_reflns_obs 
_refine_ls_shell.number_reflns_R_free 
_refine_ls_shell.number_reflns_R_work 
_refine_ls_shell.percent_reflns_obs 
_refine_ls_shell.percent_reflns_R_free 
_refine_ls_shell.R_factor_all 
_refine_ls_shell.R_factor_obs 
_refine_ls_shell.R_factor_R_free_error 
_refine_ls_shell.R_factor_R_work 
_refine_ls_shell.redundancy_reflns_all 
_refine_ls_shell.redundancy_reflns_obs 
_refine_ls_shell.wR_factor_all 
_refine_ls_shell.wR_factor_obs 
_refine_ls_shell.wR_factor_R_free 
_refine_ls_shell.wR_factor_R_work 
_refine_ls_shell.pdbx_R_complete 
_refine_ls_shell.pdbx_total_number_of_bins_used 
_refine_ls_shell.pdbx_phase_error 
_refine_ls_shell.pdbx_fsc_work 
_refine_ls_shell.pdbx_fsc_free 
_refine_ls_shell.R_factor_R_free 
'X-RAY DIFFRACTION' 2.12 2.25  . . 142 2703 99.00  . . . . 0.2290 . . . . . . . . . . . 0.2621 
'X-RAY DIFFRACTION' 2.25 2.43  . . 144 2733 100.00 . . . . 0.2125 . . . . . . . . . . . 0.2184 
'X-RAY DIFFRACTION' 2.43 2.67  . . 145 2752 100.00 . . . . 0.2332 . . . . . . . . . . . 0.2777 
'X-RAY DIFFRACTION' 2.67 3.06  . . 146 2773 100.00 . . . . 0.2288 . . . . . . . . . . . 0.2478 
'X-RAY DIFFRACTION' 3.06 3.85  . . 148 2817 100.00 . . . . 0.1995 . . . . . . . . . . . 0.2069 
'X-RAY DIFFRACTION' 3.85 29.30 . . 157 2989 100.00 . . . . 0.1557 . . . . . . . . . . . 0.1767 
# 
_struct.entry_id                     8XHM 
_struct.title                        'Crystal structure of Nocardia seriolae dUTP diphosphatase' 
_struct.pdbx_model_details           ? 
_struct.pdbx_formula_weight          ? 
_struct.pdbx_formula_weight_method   ? 
_struct.pdbx_model_type_details      ? 
_struct.pdbx_CASP_flag               N 
# 
_struct_keywords.entry_id        8XHM 
_struct_keywords.text            'Nocardia seriolae, dUTP diphosphatase, HYDROLASE, dUMP' 
_struct_keywords.pdbx_keywords   HYDROLASE 
# 
loop_
_struct_asym.id 
_struct_asym.pdbx_blank_PDB_chainid_flag 
_struct_asym.pdbx_modified 
_struct_asym.entity_id 
_struct_asym.details 
A N N 1 ? 
B N N 2 ? 
C N N 3 ? 
D N N 4 ? 
E N N 5 ? 
F N N 5 ? 
G N N 4 ? 
H N N 6 ? 
# 
_struct_ref.id                         1 
_struct_ref.db_name                    UNP 
_struct_ref.db_code                    A0A0B8NBT7_9NOCA 
_struct_ref.pdbx_db_accession          A0A0B8NBT7 
_struct_ref.pdbx_db_isoform            ? 
_struct_ref.entity_id                  1 
_struct_ref.pdbx_seq_one_letter_code   
;MTGIPPIPLLRLDPGIPVPVRAHEGDAGVDLCTTEDVIIEPGERVLVGTGIAVALPIGTVGLIHPRSGLAAKAGLSVVNT
PGTVDAGYRGEIKVCLINHDPRAAIELRRGDRIAQLLVQKVELVDFVEVETLDETARGAGGYGSSGGHASLAAQSGGAGQ
ATGKEA
;
_struct_ref.pdbx_align_begin           1 
# 
_struct_ref_seq.align_id                      1 
_struct_ref_seq.ref_id                        1 
_struct_ref_seq.pdbx_PDB_id_code              8XHM 
_struct_ref_seq.pdbx_strand_id                A 
_struct_ref_seq.seq_align_beg                 1 
_struct_ref_seq.pdbx_seq_align_beg_ins_code   ? 
_struct_ref_seq.seq_align_end                 166 
_struct_ref_seq.pdbx_seq_align_end_ins_code   ? 
_struct_ref_seq.pdbx_db_accession             A0A0B8NBT7 
_struct_ref_seq.db_align_beg                  1 
_struct_ref_seq.pdbx_db_align_beg_ins_code    ? 
_struct_ref_seq.db_align_end                  166 
_struct_ref_seq.pdbx_db_align_end_ins_code    ? 
_struct_ref_seq.pdbx_auth_seq_align_beg       1 
_struct_ref_seq.pdbx_auth_seq_align_end       166 
# 
loop_
_struct_ref_seq_dif.align_id 
_struct_ref_seq_dif.pdbx_pdb_id_code 
_struct_ref_seq_dif.mon_id 
_struct_ref_seq_dif.pdbx_pdb_strand_id 
_struct_ref_seq_dif.seq_num 
_struct_ref_seq_dif.pdbx_pdb_ins_code 
_struct_ref_seq_dif.pdbx_seq_db_name 
_struct_ref_seq_dif.pdbx_seq_db_accession_code 
_struct_ref_seq_dif.db_mon_id 
_struct_ref_seq_dif.pdbx_seq_db_seq_num 
_struct_ref_seq_dif.details 
_struct_ref_seq_dif.pdbx_auth_seq_num 
_struct_ref_seq_dif.pdbx_ordinal 
1 8XHM GLY A 167 ? UNP A0A0B8NBT7 ? ? 'expression tag' 167 1  
1 8XHM GLY A 168 ? UNP A0A0B8NBT7 ? ? 'expression tag' 168 2  
1 8XHM GLY A 169 ? UNP A0A0B8NBT7 ? ? 'expression tag' 169 3  
1 8XHM GLY A 170 ? UNP A0A0B8NBT7 ? ? 'expression tag' 170 4  
1 8XHM SER A 171 ? UNP A0A0B8NBT7 ? ? 'expression tag' 171 5  
1 8XHM LEU A 172 ? UNP A0A0B8NBT7 ? ? 'expression tag' 172 6  
1 8XHM GLU A 173 ? UNP A0A0B8NBT7 ? ? 'expression tag' 173 7  
1 8XHM VAL A 174 ? UNP A0A0B8NBT7 ? ? 'expression tag' 174 8  
1 8XHM LEU A 175 ? UNP A0A0B8NBT7 ? ? 'expression tag' 175 9  
1 8XHM PHE A 176 ? UNP A0A0B8NBT7 ? ? 'expression tag' 176 10 
1 8XHM GLN A 177 ? UNP A0A0B8NBT7 ? ? 'expression tag' 177 11 
1 8XHM GLY A 178 ? UNP A0A0B8NBT7 ? ? 'expression tag' 178 12 
1 8XHM PRO A 179 ? UNP A0A0B8NBT7 ? ? 'expression tag' 179 13 
1 8XHM GLY A 180 ? UNP A0A0B8NBT7 ? ? 'expression tag' 180 14 
1 8XHM GLY A 181 ? UNP A0A0B8NBT7 ? ? 'expression tag' 181 15 
1 8XHM GLY A 182 ? UNP A0A0B8NBT7 ? ? 'expression tag' 182 16 
1 8XHM GLY A 183 ? UNP A0A0B8NBT7 ? ? 'expression tag' 183 17 
1 8XHM SER A 184 ? UNP A0A0B8NBT7 ? ? 'expression tag' 184 18 
1 8XHM LEU A 185 ? UNP A0A0B8NBT7 ? ? 'expression tag' 185 19 
1 8XHM GLU A 186 ? UNP A0A0B8NBT7 ? ? 'expression tag' 186 20 
1 8XHM VAL A 187 ? UNP A0A0B8NBT7 ? ? 'expression tag' 187 21 
1 8XHM ASP A 188 ? UNP A0A0B8NBT7 ? ? 'expression tag' 188 22 
1 8XHM HIS A 189 ? UNP A0A0B8NBT7 ? ? 'expression tag' 189 23 
1 8XHM HIS A 190 ? UNP A0A0B8NBT7 ? ? 'expression tag' 190 24 
1 8XHM HIS A 191 ? UNP A0A0B8NBT7 ? ? 'expression tag' 191 25 
1 8XHM HIS A 192 ? UNP A0A0B8NBT7 ? ? 'expression tag' 192 26 
1 8XHM HIS A 193 ? UNP A0A0B8NBT7 ? ? 'expression tag' 193 27 
1 8XHM HIS A 194 ? UNP A0A0B8NBT7 ? ? 'expression tag' 194 28 
# 
_pdbx_struct_assembly.id                   1 
_pdbx_struct_assembly.details              author_and_software_defined_assembly 
_pdbx_struct_assembly.method_details       PISA 
_pdbx_struct_assembly.oligomeric_details   trimeric 
_pdbx_struct_assembly.oligomeric_count     3 
# 
loop_
_pdbx_struct_assembly_prop.biol_id 
_pdbx_struct_assembly_prop.type 
_pdbx_struct_assembly_prop.value 
_pdbx_struct_assembly_prop.details 
1 'ABSA (A^2)' 18770 ? 
1 MORE         -37   ? 
1 'SSA (A^2)'  15090 ? 
# 
_pdbx_struct_assembly_gen.assembly_id       1 
_pdbx_struct_assembly_gen.oper_expression   1,2,3 
_pdbx_struct_assembly_gen.asym_id_list      A,B,C,D,E,F,G,H 
# 
_pdbx_struct_assembly_auth_evidence.id                     1 
_pdbx_struct_assembly_auth_evidence.assembly_id            1 
_pdbx_struct_assembly_auth_evidence.experimental_support   'gel filtration' 
_pdbx_struct_assembly_auth_evidence.details                ? 
# 
loop_
_pdbx_struct_oper_list.id 
_pdbx_struct_oper_list.type 
_pdbx_struct_oper_list.name 
_pdbx_struct_oper_list.symmetry_operation 
_pdbx_struct_oper_list.matrix[1][1] 
_pdbx_struct_oper_list.matrix[1][2] 
_pdbx_struct_oper_list.matrix[1][3] 
_pdbx_struct_oper_list.vector[1] 
_pdbx_struct_oper_list.matrix[2][1] 
_pdbx_struct_oper_list.matrix[2][2] 
_pdbx_struct_oper_list.matrix[2][3] 
_pdbx_struct_oper_list.vector[2] 
_pdbx_struct_oper_list.matrix[3][1] 
_pdbx_struct_oper_list.matrix[3][2] 
_pdbx_struct_oper_list.matrix[3][3] 
_pdbx_struct_oper_list.vector[3] 
1 'identity operation'         1_555 x,y,z 1.0000000000 0.0000000000 0.0000000000  0.0000000000 0.0000000000 1.0000000000  0.0000000000  0.0000000000   0.0000000000  0.0000000000  1.0000000000  0.0000000000  
2 'crystal symmetry operation' 5_555 z,x,y 0.9032382840 0.3106172979 -0.2961038610 3.7452590560 0.4080469968 -0.4079845572 0.8167289939  -14.3958368806 0.1328843506  -0.8585251862 -0.4952537269 1.0121818356  
3 'crystal symmetry operation' 9_555 y,z,x 0.9032382840 0.4080469968 0.1328843506  2.3568135165 0.3106172979 -0.4079845572 -0.8585251862 -6.1676377837  -0.2961038610 0.8167289939  -0.4952537269 13.3677698654 
# 
_struct_conf.conf_type_id            HELX_P 
_struct_conf.id                      HELX_P1 
_struct_conf.pdbx_PDB_helix_id       AA1 
_struct_conf.beg_label_comp_id       ARG 
_struct_conf.beg_label_asym_id       A 
_struct_conf.beg_label_seq_id        66 
_struct_conf.pdbx_beg_PDB_ins_code   ? 
_struct_conf.end_label_comp_id       GLY 
_struct_conf.end_label_asym_id       A 
_struct_conf.end_label_seq_id        74 
_struct_conf.pdbx_end_PDB_ins_code   ? 
_struct_conf.beg_auth_comp_id        ARG 
_struct_conf.beg_auth_asym_id        A 
_struct_conf.beg_auth_seq_id         66 
_struct_conf.end_auth_comp_id        GLY 
_struct_conf.end_auth_asym_id        A 
_struct_conf.end_auth_seq_id         74 
_struct_conf.pdbx_PDB_helix_class    1 
_struct_conf.details                 ? 
_struct_conf.pdbx_PDB_helix_length   9 
# 
_struct_conf_type.id          HELX_P 
_struct_conf_type.criteria    ? 
_struct_conf_type.reference   ? 
# 
_struct_mon_prot_cis.pdbx_id                1 
_struct_mon_prot_cis.label_comp_id          THR 
_struct_mon_prot_cis.label_seq_id           80 
_struct_mon_prot_cis.label_asym_id          A 
_struct_mon_prot_cis.label_alt_id           . 
_struct_mon_prot_cis.pdbx_PDB_ins_code      ? 
_struct_mon_prot_cis.auth_comp_id           THR 
_struct_mon_prot_cis.auth_seq_id            80 
_struct_mon_prot_cis.auth_asym_id           A 
_struct_mon_prot_cis.pdbx_label_comp_id_2   PRO 
_struct_mon_prot_cis.pdbx_label_seq_id_2    81 
_struct_mon_prot_cis.pdbx_label_asym_id_2   A 
_struct_mon_prot_cis.pdbx_PDB_ins_code_2    ? 
_struct_mon_prot_cis.pdbx_auth_comp_id_2    PRO 
_struct_mon_prot_cis.pdbx_auth_seq_id_2     81 
_struct_mon_prot_cis.pdbx_auth_asym_id_2    A 
_struct_mon_prot_cis.pdbx_PDB_model_num     1 
_struct_mon_prot_cis.pdbx_omega_angle       -7.39 
# 
loop_
_struct_sheet.id 
_struct_sheet.type 
_struct_sheet.number_strands 
_struct_sheet.details 
AA1 ? 2 ? 
AA2 ? 4 ? 
AA3 ? 2 ? 
AA4 ? 3 ? 
# 
loop_
_struct_sheet_order.sheet_id 
_struct_sheet_order.range_id_1 
_struct_sheet_order.range_id_2 
_struct_sheet_order.offset 
_struct_sheet_order.sense 
AA1 1 2 ? anti-parallel 
AA2 1 2 ? anti-parallel 
AA2 2 3 ? anti-parallel 
AA2 3 4 ? anti-parallel 
AA3 1 2 ? anti-parallel 
AA4 1 2 ? anti-parallel 
AA4 2 3 ? anti-parallel 
# 
loop_
_struct_sheet_range.sheet_id 
_struct_sheet_range.id 
_struct_sheet_range.beg_label_comp_id 
_struct_sheet_range.beg_label_asym_id 
_struct_sheet_range.beg_label_seq_id 
_struct_sheet_range.pdbx_beg_PDB_ins_code 
_struct_sheet_range.end_label_comp_id 
_struct_sheet_range.end_label_asym_id 
_struct_sheet_range.end_label_seq_id 
_struct_sheet_range.pdbx_end_PDB_ins_code 
_struct_sheet_range.beg_auth_comp_id 
_struct_sheet_range.beg_auth_asym_id 
_struct_sheet_range.beg_auth_seq_id 
_struct_sheet_range.end_auth_comp_id 
_struct_sheet_range.end_auth_asym_id 
_struct_sheet_range.end_auth_seq_id 
AA1 1 LEU A 9   ? ARG A 11  ? LEU A 9   ARG A 11  
AA1 2 ILE A 51  ? VAL A 53  ? ILE A 51  VAL A 53  
AA2 1 GLY A 28  ? CYS A 32  ? GLY A 28  CYS A 32  
AA2 2 ARG A 112 ? LYS A 120 ? ARG A 112 LYS A 120 
AA2 3 THR A 59  ? PRO A 65  ? THR A 59  PRO A 65  
AA2 4 GLY A 82  ? VAL A 84  ? GLY A 82  VAL A 84  
AA3 1 VAL A 37  ? ILE A 39  ? VAL A 37  ILE A 39  
AA3 2 ILE A 105 ? LEU A 107 ? ILE A 105 LEU A 107 
AA4 1 ARG A 44  ? GLY A 48  ? ARG A 44  GLY A 48  
AA4 2 LYS A 93  ? ASN A 98  ? LYS A 93  ASN A 98  
AA4 3 LEU A 75  ? VAL A 77  ? LEU A 75  VAL A 77  
# 
loop_
_pdbx_struct_sheet_hbond.sheet_id 
_pdbx_struct_sheet_hbond.range_id_1 
_pdbx_struct_sheet_hbond.range_id_2 
_pdbx_struct_sheet_hbond.range_1_label_atom_id 
_pdbx_struct_sheet_hbond.range_1_label_comp_id 
_pdbx_struct_sheet_hbond.range_1_label_asym_id 
_pdbx_struct_sheet_hbond.range_1_label_seq_id 
_pdbx_struct_sheet_hbond.range_1_PDB_ins_code 
_pdbx_struct_sheet_hbond.range_1_auth_atom_id 
_pdbx_struct_sheet_hbond.range_1_auth_comp_id 
_pdbx_struct_sheet_hbond.range_1_auth_asym_id 
_pdbx_struct_sheet_hbond.range_1_auth_seq_id 
_pdbx_struct_sheet_hbond.range_2_label_atom_id 
_pdbx_struct_sheet_hbond.range_2_label_comp_id 
_pdbx_struct_sheet_hbond.range_2_label_asym_id 
_pdbx_struct_sheet_hbond.range_2_label_seq_id 
_pdbx_struct_sheet_hbond.range_2_PDB_ins_code 
_pdbx_struct_sheet_hbond.range_2_auth_atom_id 
_pdbx_struct_sheet_hbond.range_2_auth_comp_id 
_pdbx_struct_sheet_hbond.range_2_auth_asym_id 
_pdbx_struct_sheet_hbond.range_2_auth_seq_id 
AA1 1 2 N LEU A 10  ? N LEU A 10  O ALA A 52  ? O ALA A 52  
AA2 1 2 N VAL A 29  ? N VAL A 29  O LEU A 116 ? O LEU A 116 
AA2 2 3 O GLN A 115 ? O GLN A 115 N HIS A 64  ? N HIS A 64  
AA2 3 4 N GLY A 61  ? N GLY A 61  O VAL A 84  ? O VAL A 84  
AA3 1 2 N ILE A 39  ? N ILE A 39  O ILE A 105 ? O ILE A 105 
AA4 1 2 N VAL A 47  ? N VAL A 47  O VAL A 94  ? O VAL A 94  
AA4 2 3 O ILE A 97  ? O ILE A 97  N SER A 76  ? N SER A 76  
# 
_pdbx_entry_details.entry_id                   8XHM 
_pdbx_entry_details.has_ligand_of_interest     Y 
_pdbx_entry_details.compound_details           ? 
_pdbx_entry_details.source_details             ? 
_pdbx_entry_details.nonpolymer_details         ? 
_pdbx_entry_details.sequence_details           ? 
_pdbx_entry_details.has_protein_modification   N 
# 
_pdbx_validate_close_contact.id               1 
_pdbx_validate_close_contact.PDB_model_num    1 
_pdbx_validate_close_contact.auth_atom_id_1   O2 
_pdbx_validate_close_contact.auth_asym_id_1   A 
_pdbx_validate_close_contact.auth_comp_id_1   TRS 
_pdbx_validate_close_contact.auth_seq_id_1    303 
_pdbx_validate_close_contact.PDB_ins_code_1   ? 
_pdbx_validate_close_contact.label_alt_id_1   ? 
_pdbx_validate_close_contact.auth_atom_id_2   O 
_pdbx_validate_close_contact.auth_asym_id_2   A 
_pdbx_validate_close_contact.auth_comp_id_2   HOH 
_pdbx_validate_close_contact.auth_seq_id_2    401 
_pdbx_validate_close_contact.PDB_ins_code_2   ? 
_pdbx_validate_close_contact.label_alt_id_2   ? 
_pdbx_validate_close_contact.dist             2.12 
# 
loop_
_pdbx_struct_special_symmetry.id 
_pdbx_struct_special_symmetry.PDB_model_num 
_pdbx_struct_special_symmetry.auth_asym_id 
_pdbx_struct_special_symmetry.auth_comp_id 
_pdbx_struct_special_symmetry.auth_seq_id 
_pdbx_struct_special_symmetry.PDB_ins_code 
_pdbx_struct_special_symmetry.label_asym_id 
_pdbx_struct_special_symmetry.label_comp_id 
_pdbx_struct_special_symmetry.label_seq_id 
1 1 A PO4 302 ? C PO4 . 
2 1 A PO4 302 ? C PO4 . 
3 1 A TRS 306 ? G TRS . 
4 1 A TRS 306 ? G TRS . 
5 1 A HOH 443 ? H HOH . 
6 1 A HOH 445 ? H HOH . 
# 
loop_
_pdbx_unobs_or_zero_occ_residues.id 
_pdbx_unobs_or_zero_occ_residues.PDB_model_num 
_pdbx_unobs_or_zero_occ_residues.polymer_flag 
_pdbx_unobs_or_zero_occ_residues.occupancy_flag 
_pdbx_unobs_or_zero_occ_residues.auth_asym_id 
_pdbx_unobs_or_zero_occ_residues.auth_comp_id 
_pdbx_unobs_or_zero_occ_residues.auth_seq_id 
_pdbx_unobs_or_zero_occ_residues.PDB_ins_code 
_pdbx_unobs_or_zero_occ_residues.label_asym_id 
_pdbx_unobs_or_zero_occ_residues.label_comp_id 
_pdbx_unobs_or_zero_occ_residues.label_seq_id 
1  1 Y 1 A MET 1   ? A MET 1   
2  1 Y 1 A THR 2   ? A THR 2   
3  1 Y 1 A GLY 3   ? A GLY 3   
4  1 Y 1 A SER 144 ? A SER 144 
5  1 Y 1 A SER 145 ? A SER 145 
6  1 Y 1 A GLY 146 ? A GLY 146 
7  1 Y 1 A GLY 147 ? A GLY 147 
8  1 Y 1 A HIS 148 ? A HIS 148 
9  1 Y 1 A ALA 149 ? A ALA 149 
10 1 Y 1 A SER 150 ? A SER 150 
11 1 Y 1 A LEU 151 ? A LEU 151 
12 1 Y 1 A ALA 152 ? A ALA 152 
13 1 Y 1 A ALA 153 ? A ALA 153 
14 1 Y 1 A GLN 154 ? A GLN 154 
15 1 Y 1 A SER 155 ? A SER 155 
16 1 Y 1 A GLY 156 ? A GLY 156 
17 1 Y 1 A GLY 157 ? A GLY 157 
18 1 Y 1 A ALA 158 ? A ALA 158 
19 1 Y 1 A GLY 159 ? A GLY 159 
20 1 Y 1 A GLN 160 ? A GLN 160 
21 1 Y 1 A ALA 161 ? A ALA 161 
22 1 Y 1 A THR 162 ? A THR 162 
23 1 Y 1 A GLY 163 ? A GLY 163 
24 1 Y 1 A LYS 164 ? A LYS 164 
25 1 Y 1 A GLU 165 ? A GLU 165 
26 1 Y 1 A ALA 166 ? A ALA 166 
27 1 Y 1 A GLY 167 ? A GLY 167 
28 1 Y 1 A GLY 168 ? A GLY 168 
29 1 Y 1 A GLY 169 ? A GLY 169 
30 1 Y 1 A GLY 170 ? A GLY 170 
31 1 Y 1 A SER 171 ? A SER 171 
32 1 Y 1 A LEU 172 ? A LEU 172 
33 1 Y 1 A GLU 173 ? A GLU 173 
34 1 Y 1 A VAL 174 ? A VAL 174 
35 1 Y 1 A LEU 175 ? A LEU 175 
36 1 Y 1 A PHE 176 ? A PHE 176 
37 1 Y 1 A GLN 177 ? A GLN 177 
38 1 Y 1 A GLY 178 ? A GLY 178 
39 1 Y 1 A PRO 179 ? A PRO 179 
40 1 Y 1 A GLY 180 ? A GLY 180 
41 1 Y 1 A GLY 181 ? A GLY 181 
42 1 Y 1 A GLY 182 ? A GLY 182 
43 1 Y 1 A GLY 183 ? A GLY 183 
44 1 Y 1 A SER 184 ? A SER 184 
45 1 Y 1 A LEU 185 ? A LEU 185 
46 1 Y 1 A GLU 186 ? A GLU 186 
47 1 Y 1 A VAL 187 ? A VAL 187 
48 1 Y 1 A ASP 188 ? A ASP 188 
49 1 Y 1 A HIS 189 ? A HIS 189 
50 1 Y 1 A HIS 190 ? A HIS 190 
51 1 Y 1 A HIS 191 ? A HIS 191 
52 1 Y 1 A HIS 192 ? A HIS 192 
53 1 Y 1 A HIS 193 ? A HIS 193 
54 1 Y 1 A HIS 194 ? A HIS 194 
# 
loop_
_chem_comp_atom.comp_id 
_chem_comp_atom.atom_id 
_chem_comp_atom.type_symbol 
_chem_comp_atom.pdbx_aromatic_flag 
_chem_comp_atom.pdbx_stereo_config 
_chem_comp_atom.pdbx_ordinal 
ALA N      N N N 1   
ALA CA     C N S 2   
ALA C      C N N 3   
ALA O      O N N 4   
ALA CB     C N N 5   
ALA OXT    O N N 6   
ALA H      H N N 7   
ALA H2     H N N 8   
ALA HA     H N N 9   
ALA HB1    H N N 10  
ALA HB2    H N N 11  
ALA HB3    H N N 12  
ALA HXT    H N N 13  
ARG N      N N N 14  
ARG CA     C N S 15  
ARG C      C N N 16  
ARG O      O N N 17  
ARG CB     C N N 18  
ARG CG     C N N 19  
ARG CD     C N N 20  
ARG NE     N N N 21  
ARG CZ     C N N 22  
ARG NH1    N N N 23  
ARG NH2    N N N 24  
ARG OXT    O N N 25  
ARG H      H N N 26  
ARG H2     H N N 27  
ARG HA     H N N 28  
ARG HB2    H N N 29  
ARG HB3    H N N 30  
ARG HG2    H N N 31  
ARG HG3    H N N 32  
ARG HD2    H N N 33  
ARG HD3    H N N 34  
ARG HE     H N N 35  
ARG HH11   H N N 36  
ARG HH12   H N N 37  
ARG HH21   H N N 38  
ARG HH22   H N N 39  
ARG HXT    H N N 40  
ASN N      N N N 41  
ASN CA     C N S 42  
ASN C      C N N 43  
ASN O      O N N 44  
ASN CB     C N N 45  
ASN CG     C N N 46  
ASN OD1    O N N 47  
ASN ND2    N N N 48  
ASN OXT    O N N 49  
ASN H      H N N 50  
ASN H2     H N N 51  
ASN HA     H N N 52  
ASN HB2    H N N 53  
ASN HB3    H N N 54  
ASN HD21   H N N 55  
ASN HD22   H N N 56  
ASN HXT    H N N 57  
ASP N      N N N 58  
ASP CA     C N S 59  
ASP C      C N N 60  
ASP O      O N N 61  
ASP CB     C N N 62  
ASP CG     C N N 63  
ASP OD1    O N N 64  
ASP OD2    O N N 65  
ASP OXT    O N N 66  
ASP H      H N N 67  
ASP H2     H N N 68  
ASP HA     H N N 69  
ASP HB2    H N N 70  
ASP HB3    H N N 71  
ASP HD2    H N N 72  
ASP HXT    H N N 73  
CYS N      N N N 74  
CYS CA     C N R 75  
CYS C      C N N 76  
CYS O      O N N 77  
CYS CB     C N N 78  
CYS SG     S N N 79  
CYS OXT    O N N 80  
CYS H      H N N 81  
CYS H2     H N N 82  
CYS HA     H N N 83  
CYS HB2    H N N 84  
CYS HB3    H N N 85  
CYS HG     H N N 86  
CYS HXT    H N N 87  
GLN N      N N N 88  
GLN CA     C N S 89  
GLN C      C N N 90  
GLN O      O N N 91  
GLN CB     C N N 92  
GLN CG     C N N 93  
GLN CD     C N N 94  
GLN OE1    O N N 95  
GLN NE2    N N N 96  
GLN OXT    O N N 97  
GLN H      H N N 98  
GLN H2     H N N 99  
GLN HA     H N N 100 
GLN HB2    H N N 101 
GLN HB3    H N N 102 
GLN HG2    H N N 103 
GLN HG3    H N N 104 
GLN HE21   H N N 105 
GLN HE22   H N N 106 
GLN HXT    H N N 107 
GLU N      N N N 108 
GLU CA     C N S 109 
GLU C      C N N 110 
GLU O      O N N 111 
GLU CB     C N N 112 
GLU CG     C N N 113 
GLU CD     C N N 114 
GLU OE1    O N N 115 
GLU OE2    O N N 116 
GLU OXT    O N N 117 
GLU H      H N N 118 
GLU H2     H N N 119 
GLU HA     H N N 120 
GLU HB2    H N N 121 
GLU HB3    H N N 122 
GLU HG2    H N N 123 
GLU HG3    H N N 124 
GLU HE2    H N N 125 
GLU HXT    H N N 126 
GLY N      N N N 127 
GLY CA     C N N 128 
GLY C      C N N 129 
GLY O      O N N 130 
GLY OXT    O N N 131 
GLY H      H N N 132 
GLY H2     H N N 133 
GLY HA2    H N N 134 
GLY HA3    H N N 135 
GLY HXT    H N N 136 
HIS N      N N N 137 
HIS CA     C N S 138 
HIS C      C N N 139 
HIS O      O N N 140 
HIS CB     C N N 141 
HIS CG     C Y N 142 
HIS ND1    N Y N 143 
HIS CD2    C Y N 144 
HIS CE1    C Y N 145 
HIS NE2    N Y N 146 
HIS OXT    O N N 147 
HIS H      H N N 148 
HIS H2     H N N 149 
HIS HA     H N N 150 
HIS HB2    H N N 151 
HIS HB3    H N N 152 
HIS HD1    H N N 153 
HIS HD2    H N N 154 
HIS HE1    H N N 155 
HIS HE2    H N N 156 
HIS HXT    H N N 157 
HOH O      O N N 158 
HOH H1     H N N 159 
HOH H2     H N N 160 
ILE N      N N N 161 
ILE CA     C N S 162 
ILE C      C N N 163 
ILE O      O N N 164 
ILE CB     C N S 165 
ILE CG1    C N N 166 
ILE CG2    C N N 167 
ILE CD1    C N N 168 
ILE OXT    O N N 169 
ILE H      H N N 170 
ILE H2     H N N 171 
ILE HA     H N N 172 
ILE HB     H N N 173 
ILE HG12   H N N 174 
ILE HG13   H N N 175 
ILE HG21   H N N 176 
ILE HG22   H N N 177 
ILE HG23   H N N 178 
ILE HD11   H N N 179 
ILE HD12   H N N 180 
ILE HD13   H N N 181 
ILE HXT    H N N 182 
LEU N      N N N 183 
LEU CA     C N S 184 
LEU C      C N N 185 
LEU O      O N N 186 
LEU CB     C N N 187 
LEU CG     C N N 188 
LEU CD1    C N N 189 
LEU CD2    C N N 190 
LEU OXT    O N N 191 
LEU H      H N N 192 
LEU H2     H N N 193 
LEU HA     H N N 194 
LEU HB2    H N N 195 
LEU HB3    H N N 196 
LEU HG     H N N 197 
LEU HD11   H N N 198 
LEU HD12   H N N 199 
LEU HD13   H N N 200 
LEU HD21   H N N 201 
LEU HD22   H N N 202 
LEU HD23   H N N 203 
LEU HXT    H N N 204 
LYS N      N N N 205 
LYS CA     C N S 206 
LYS C      C N N 207 
LYS O      O N N 208 
LYS CB     C N N 209 
LYS CG     C N N 210 
LYS CD     C N N 211 
LYS CE     C N N 212 
LYS NZ     N N N 213 
LYS OXT    O N N 214 
LYS H      H N N 215 
LYS H2     H N N 216 
LYS HA     H N N 217 
LYS HB2    H N N 218 
LYS HB3    H N N 219 
LYS HG2    H N N 220 
LYS HG3    H N N 221 
LYS HD2    H N N 222 
LYS HD3    H N N 223 
LYS HE2    H N N 224 
LYS HE3    H N N 225 
LYS HZ1    H N N 226 
LYS HZ2    H N N 227 
LYS HZ3    H N N 228 
LYS HXT    H N N 229 
MET N      N N N 230 
MET CA     C N S 231 
MET C      C N N 232 
MET O      O N N 233 
MET CB     C N N 234 
MET CG     C N N 235 
MET SD     S N N 236 
MET CE     C N N 237 
MET OXT    O N N 238 
MET H      H N N 239 
MET H2     H N N 240 
MET HA     H N N 241 
MET HB2    H N N 242 
MET HB3    H N N 243 
MET HG2    H N N 244 
MET HG3    H N N 245 
MET HE1    H N N 246 
MET HE2    H N N 247 
MET HE3    H N N 248 
MET HXT    H N N 249 
PEG C1     C N N 250 
PEG O1     O N N 251 
PEG C2     C N N 252 
PEG O2     O N N 253 
PEG C3     C N N 254 
PEG C4     C N N 255 
PEG O4     O N N 256 
PEG H11    H N N 257 
PEG H12    H N N 258 
PEG HO1    H N N 259 
PEG H21    H N N 260 
PEG H22    H N N 261 
PEG H31    H N N 262 
PEG H32    H N N 263 
PEG H41    H N N 264 
PEG H42    H N N 265 
PEG HO4    H N N 266 
PHE N      N N N 267 
PHE CA     C N S 268 
PHE C      C N N 269 
PHE O      O N N 270 
PHE CB     C N N 271 
PHE CG     C Y N 272 
PHE CD1    C Y N 273 
PHE CD2    C Y N 274 
PHE CE1    C Y N 275 
PHE CE2    C Y N 276 
PHE CZ     C Y N 277 
PHE OXT    O N N 278 
PHE H      H N N 279 
PHE H2     H N N 280 
PHE HA     H N N 281 
PHE HB2    H N N 282 
PHE HB3    H N N 283 
PHE HD1    H N N 284 
PHE HD2    H N N 285 
PHE HE1    H N N 286 
PHE HE2    H N N 287 
PHE HZ     H N N 288 
PHE HXT    H N N 289 
PO4 P      P N N 290 
PO4 O1     O N N 291 
PO4 O2     O N N 292 
PO4 O3     O N N 293 
PO4 O4     O N N 294 
PRO N      N N N 295 
PRO CA     C N S 296 
PRO C      C N N 297 
PRO O      O N N 298 
PRO CB     C N N 299 
PRO CG     C N N 300 
PRO CD     C N N 301 
PRO OXT    O N N 302 
PRO H      H N N 303 
PRO HA     H N N 304 
PRO HB2    H N N 305 
PRO HB3    H N N 306 
PRO HG2    H N N 307 
PRO HG3    H N N 308 
PRO HD2    H N N 309 
PRO HD3    H N N 310 
PRO HXT    H N N 311 
SER N      N N N 312 
SER CA     C N S 313 
SER C      C N N 314 
SER O      O N N 315 
SER CB     C N N 316 
SER OG     O N N 317 
SER OXT    O N N 318 
SER H      H N N 319 
SER H2     H N N 320 
SER HA     H N N 321 
SER HB2    H N N 322 
SER HB3    H N N 323 
SER HG     H N N 324 
SER HXT    H N N 325 
THR N      N N N 326 
THR CA     C N S 327 
THR C      C N N 328 
THR O      O N N 329 
THR CB     C N R 330 
THR OG1    O N N 331 
THR CG2    C N N 332 
THR OXT    O N N 333 
THR H      H N N 334 
THR H2     H N N 335 
THR HA     H N N 336 
THR HB     H N N 337 
THR HG1    H N N 338 
THR HG21   H N N 339 
THR HG22   H N N 340 
THR HG23   H N N 341 
THR HXT    H N N 342 
TRS C      C N N 343 
TRS C1     C N N 344 
TRS C2     C N N 345 
TRS C3     C N N 346 
TRS N      N N N 347 
TRS O1     O N N 348 
TRS O2     O N N 349 
TRS O3     O N N 350 
TRS H11    H N N 351 
TRS H12    H N N 352 
TRS H21    H N N 353 
TRS H22    H N N 354 
TRS H31    H N N 355 
TRS H32    H N N 356 
TRS HN1    H N N 357 
TRS HN2    H N N 358 
TRS HN3    H N N 359 
TRS HO1    H N N 360 
TRS HO2    H N N 361 
TRS HO3    H N N 362 
TYR N      N N N 363 
TYR CA     C N S 364 
TYR C      C N N 365 
TYR O      O N N 366 
TYR CB     C N N 367 
TYR CG     C Y N 368 
TYR CD1    C Y N 369 
TYR CD2    C Y N 370 
TYR CE1    C Y N 371 
TYR CE2    C Y N 372 
TYR CZ     C Y N 373 
TYR OH     O N N 374 
TYR OXT    O N N 375 
TYR H      H N N 376 
TYR H2     H N N 377 
TYR HA     H N N 378 
TYR HB2    H N N 379 
TYR HB3    H N N 380 
TYR HD1    H N N 381 
TYR HD2    H N N 382 
TYR HE1    H N N 383 
TYR HE2    H N N 384 
TYR HH     H N N 385 
TYR HXT    H N N 386 
UMP N1     N N N 387 
UMP C2     C N N 388 
UMP N3     N N N 389 
UMP C4     C N N 390 
UMP C5     C N N 391 
UMP C6     C N N 392 
UMP O2     O N N 393 
UMP O4     O N N 394 
UMP "C1'"  C N R 395 
UMP "C2'"  C N N 396 
UMP "C3'"  C N S 397 
UMP "C4'"  C N R 398 
UMP "O3'"  O N N 399 
UMP "O4'"  O N N 400 
UMP "C5'"  C N N 401 
UMP "O5'"  O N N 402 
UMP P      P N N 403 
UMP OP1    O N N 404 
UMP OP2    O N N 405 
UMP OP3    O N N 406 
UMP HN3    H N N 407 
UMP H5     H N N 408 
UMP H6     H N N 409 
UMP "H1'"  H N N 410 
UMP "H2'"  H N N 411 
UMP "H2''" H N N 412 
UMP "H3'"  H N N 413 
UMP "H4'"  H N N 414 
UMP "HO3'" H N N 415 
UMP "H5'"  H N N 416 
UMP "H5''" H N N 417 
UMP HOP2   H N N 418 
UMP HOP3   H N N 419 
VAL N      N N N 420 
VAL CA     C N S 421 
VAL C      C N N 422 
VAL O      O N N 423 
VAL CB     C N N 424 
VAL CG1    C N N 425 
VAL CG2    C N N 426 
VAL OXT    O N N 427 
VAL H      H N N 428 
VAL H2     H N N 429 
VAL HA     H N N 430 
VAL HB     H N N 431 
VAL HG11   H N N 432 
VAL HG12   H N N 433 
VAL HG13   H N N 434 
VAL HG21   H N N 435 
VAL HG22   H N N 436 
VAL HG23   H N N 437 
VAL HXT    H N N 438 
# 
loop_
_chem_comp_bond.comp_id 
_chem_comp_bond.atom_id_1 
_chem_comp_bond.atom_id_2 
_chem_comp_bond.value_order 
_chem_comp_bond.pdbx_aromatic_flag 
_chem_comp_bond.pdbx_stereo_config 
_chem_comp_bond.pdbx_ordinal 
ALA N     CA     sing N N 1   
ALA N     H      sing N N 2   
ALA N     H2     sing N N 3   
ALA CA    C      sing N N 4   
ALA CA    CB     sing N N 5   
ALA CA    HA     sing N N 6   
ALA C     O      doub N N 7   
ALA C     OXT    sing N N 8   
ALA CB    HB1    sing N N 9   
ALA CB    HB2    sing N N 10  
ALA CB    HB3    sing N N 11  
ALA OXT   HXT    sing N N 12  
ARG N     CA     sing N N 13  
ARG N     H      sing N N 14  
ARG N     H2     sing N N 15  
ARG CA    C      sing N N 16  
ARG CA    CB     sing N N 17  
ARG CA    HA     sing N N 18  
ARG C     O      doub N N 19  
ARG C     OXT    sing N N 20  
ARG CB    CG     sing N N 21  
ARG CB    HB2    sing N N 22  
ARG CB    HB3    sing N N 23  
ARG CG    CD     sing N N 24  
ARG CG    HG2    sing N N 25  
ARG CG    HG3    sing N N 26  
ARG CD    NE     sing N N 27  
ARG CD    HD2    sing N N 28  
ARG CD    HD3    sing N N 29  
ARG NE    CZ     sing N N 30  
ARG NE    HE     sing N N 31  
ARG CZ    NH1    sing N N 32  
ARG CZ    NH2    doub N N 33  
ARG NH1   HH11   sing N N 34  
ARG NH1   HH12   sing N N 35  
ARG NH2   HH21   sing N N 36  
ARG NH2   HH22   sing N N 37  
ARG OXT   HXT    sing N N 38  
ASN N     CA     sing N N 39  
ASN N     H      sing N N 40  
ASN N     H2     sing N N 41  
ASN CA    C      sing N N 42  
ASN CA    CB     sing N N 43  
ASN CA    HA     sing N N 44  
ASN C     O      doub N N 45  
ASN C     OXT    sing N N 46  
ASN CB    CG     sing N N 47  
ASN CB    HB2    sing N N 48  
ASN CB    HB3    sing N N 49  
ASN CG    OD1    doub N N 50  
ASN CG    ND2    sing N N 51  
ASN ND2   HD21   sing N N 52  
ASN ND2   HD22   sing N N 53  
ASN OXT   HXT    sing N N 54  
ASP N     CA     sing N N 55  
ASP N     H      sing N N 56  
ASP N     H2     sing N N 57  
ASP CA    C      sing N N 58  
ASP CA    CB     sing N N 59  
ASP CA    HA     sing N N 60  
ASP C     O      doub N N 61  
ASP C     OXT    sing N N 62  
ASP CB    CG     sing N N 63  
ASP CB    HB2    sing N N 64  
ASP CB    HB3    sing N N 65  
ASP CG    OD1    doub N N 66  
ASP CG    OD2    sing N N 67  
ASP OD2   HD2    sing N N 68  
ASP OXT   HXT    sing N N 69  
CYS N     CA     sing N N 70  
CYS N     H      sing N N 71  
CYS N     H2     sing N N 72  
CYS CA    C      sing N N 73  
CYS CA    CB     sing N N 74  
CYS CA    HA     sing N N 75  
CYS C     O      doub N N 76  
CYS C     OXT    sing N N 77  
CYS CB    SG     sing N N 78  
CYS CB    HB2    sing N N 79  
CYS CB    HB3    sing N N 80  
CYS SG    HG     sing N N 81  
CYS OXT   HXT    sing N N 82  
GLN N     CA     sing N N 83  
GLN N     H      sing N N 84  
GLN N     H2     sing N N 85  
GLN CA    C      sing N N 86  
GLN CA    CB     sing N N 87  
GLN CA    HA     sing N N 88  
GLN C     O      doub N N 89  
GLN C     OXT    sing N N 90  
GLN CB    CG     sing N N 91  
GLN CB    HB2    sing N N 92  
GLN CB    HB3    sing N N 93  
GLN CG    CD     sing N N 94  
GLN CG    HG2    sing N N 95  
GLN CG    HG3    sing N N 96  
GLN CD    OE1    doub N N 97  
GLN CD    NE2    sing N N 98  
GLN NE2   HE21   sing N N 99  
GLN NE2   HE22   sing N N 100 
GLN OXT   HXT    sing N N 101 
GLU N     CA     sing N N 102 
GLU N     H      sing N N 103 
GLU N     H2     sing N N 104 
GLU CA    C      sing N N 105 
GLU CA    CB     sing N N 106 
GLU CA    HA     sing N N 107 
GLU C     O      doub N N 108 
GLU C     OXT    sing N N 109 
GLU CB    CG     sing N N 110 
GLU CB    HB2    sing N N 111 
GLU CB    HB3    sing N N 112 
GLU CG    CD     sing N N 113 
GLU CG    HG2    sing N N 114 
GLU CG    HG3    sing N N 115 
GLU CD    OE1    doub N N 116 
GLU CD    OE2    sing N N 117 
GLU OE2   HE2    sing N N 118 
GLU OXT   HXT    sing N N 119 
GLY N     CA     sing N N 120 
GLY N     H      sing N N 121 
GLY N     H2     sing N N 122 
GLY CA    C      sing N N 123 
GLY CA    HA2    sing N N 124 
GLY CA    HA3    sing N N 125 
GLY C     O      doub N N 126 
GLY C     OXT    sing N N 127 
GLY OXT   HXT    sing N N 128 
HIS N     CA     sing N N 129 
HIS N     H      sing N N 130 
HIS N     H2     sing N N 131 
HIS CA    C      sing N N 132 
HIS CA    CB     sing N N 133 
HIS CA    HA     sing N N 134 
HIS C     O      doub N N 135 
HIS C     OXT    sing N N 136 
HIS CB    CG     sing N N 137 
HIS CB    HB2    sing N N 138 
HIS CB    HB3    sing N N 139 
HIS CG    ND1    sing Y N 140 
HIS CG    CD2    doub Y N 141 
HIS ND1   CE1    doub Y N 142 
HIS ND1   HD1    sing N N 143 
HIS CD2   NE2    sing Y N 144 
HIS CD2   HD2    sing N N 145 
HIS CE1   NE2    sing Y N 146 
HIS CE1   HE1    sing N N 147 
HIS NE2   HE2    sing N N 148 
HIS OXT   HXT    sing N N 149 
HOH O     H1     sing N N 150 
HOH O     H2     sing N N 151 
ILE N     CA     sing N N 152 
ILE N     H      sing N N 153 
ILE N     H2     sing N N 154 
ILE CA    C      sing N N 155 
ILE CA    CB     sing N N 156 
ILE CA    HA     sing N N 157 
ILE C     O      doub N N 158 
ILE C     OXT    sing N N 159 
ILE CB    CG1    sing N N 160 
ILE CB    CG2    sing N N 161 
ILE CB    HB     sing N N 162 
ILE CG1   CD1    sing N N 163 
ILE CG1   HG12   sing N N 164 
ILE CG1   HG13   sing N N 165 
ILE CG2   HG21   sing N N 166 
ILE CG2   HG22   sing N N 167 
ILE CG2   HG23   sing N N 168 
ILE CD1   HD11   sing N N 169 
ILE CD1   HD12   sing N N 170 
ILE CD1   HD13   sing N N 171 
ILE OXT   HXT    sing N N 172 
LEU N     CA     sing N N 173 
LEU N     H      sing N N 174 
LEU N     H2     sing N N 175 
LEU CA    C      sing N N 176 
LEU CA    CB     sing N N 177 
LEU CA    HA     sing N N 178 
LEU C     O      doub N N 179 
LEU C     OXT    sing N N 180 
LEU CB    CG     sing N N 181 
LEU CB    HB2    sing N N 182 
LEU CB    HB3    sing N N 183 
LEU CG    CD1    sing N N 184 
LEU CG    CD2    sing N N 185 
LEU CG    HG     sing N N 186 
LEU CD1   HD11   sing N N 187 
LEU CD1   HD12   sing N N 188 
LEU CD1   HD13   sing N N 189 
LEU CD2   HD21   sing N N 190 
LEU CD2   HD22   sing N N 191 
LEU CD2   HD23   sing N N 192 
LEU OXT   HXT    sing N N 193 
LYS N     CA     sing N N 194 
LYS N     H      sing N N 195 
LYS N     H2     sing N N 196 
LYS CA    C      sing N N 197 
LYS CA    CB     sing N N 198 
LYS CA    HA     sing N N 199 
LYS C     O      doub N N 200 
LYS C     OXT    sing N N 201 
LYS CB    CG     sing N N 202 
LYS CB    HB2    sing N N 203 
LYS CB    HB3    sing N N 204 
LYS CG    CD     sing N N 205 
LYS CG    HG2    sing N N 206 
LYS CG    HG3    sing N N 207 
LYS CD    CE     sing N N 208 
LYS CD    HD2    sing N N 209 
LYS CD    HD3    sing N N 210 
LYS CE    NZ     sing N N 211 
LYS CE    HE2    sing N N 212 
LYS CE    HE3    sing N N 213 
LYS NZ    HZ1    sing N N 214 
LYS NZ    HZ2    sing N N 215 
LYS NZ    HZ3    sing N N 216 
LYS OXT   HXT    sing N N 217 
MET N     CA     sing N N 218 
MET N     H      sing N N 219 
MET N     H2     sing N N 220 
MET CA    C      sing N N 221 
MET CA    CB     sing N N 222 
MET CA    HA     sing N N 223 
MET C     O      doub N N 224 
MET C     OXT    sing N N 225 
MET CB    CG     sing N N 226 
MET CB    HB2    sing N N 227 
MET CB    HB3    sing N N 228 
MET CG    SD     sing N N 229 
MET CG    HG2    sing N N 230 
MET CG    HG3    sing N N 231 
MET SD    CE     sing N N 232 
MET CE    HE1    sing N N 233 
MET CE    HE2    sing N N 234 
MET CE    HE3    sing N N 235 
MET OXT   HXT    sing N N 236 
PEG C1    O1     sing N N 237 
PEG C1    C2     sing N N 238 
PEG C1    H11    sing N N 239 
PEG C1    H12    sing N N 240 
PEG O1    HO1    sing N N 241 
PEG C2    O2     sing N N 242 
PEG C2    H21    sing N N 243 
PEG C2    H22    sing N N 244 
PEG O2    C3     sing N N 245 
PEG C3    C4     sing N N 246 
PEG C3    H31    sing N N 247 
PEG C3    H32    sing N N 248 
PEG C4    O4     sing N N 249 
PEG C4    H41    sing N N 250 
PEG C4    H42    sing N N 251 
PEG O4    HO4    sing N N 252 
PHE N     CA     sing N N 253 
PHE N     H      sing N N 254 
PHE N     H2     sing N N 255 
PHE CA    C      sing N N 256 
PHE CA    CB     sing N N 257 
PHE CA    HA     sing N N 258 
PHE C     O      doub N N 259 
PHE C     OXT    sing N N 260 
PHE CB    CG     sing N N 261 
PHE CB    HB2    sing N N 262 
PHE CB    HB3    sing N N 263 
PHE CG    CD1    doub Y N 264 
PHE CG    CD2    sing Y N 265 
PHE CD1   CE1    sing Y N 266 
PHE CD1   HD1    sing N N 267 
PHE CD2   CE2    doub Y N 268 
PHE CD2   HD2    sing N N 269 
PHE CE1   CZ     doub Y N 270 
PHE CE1   HE1    sing N N 271 
PHE CE2   CZ     sing Y N 272 
PHE CE2   HE2    sing N N 273 
PHE CZ    HZ     sing N N 274 
PHE OXT   HXT    sing N N 275 
PO4 P     O1     doub N N 276 
PO4 P     O2     sing N N 277 
PO4 P     O3     sing N N 278 
PO4 P     O4     sing N N 279 
PRO N     CA     sing N N 280 
PRO N     CD     sing N N 281 
PRO N     H      sing N N 282 
PRO CA    C      sing N N 283 
PRO CA    CB     sing N N 284 
PRO CA    HA     sing N N 285 
PRO C     O      doub N N 286 
PRO C     OXT    sing N N 287 
PRO CB    CG     sing N N 288 
PRO CB    HB2    sing N N 289 
PRO CB    HB3    sing N N 290 
PRO CG    CD     sing N N 291 
PRO CG    HG2    sing N N 292 
PRO CG    HG3    sing N N 293 
PRO CD    HD2    sing N N 294 
PRO CD    HD3    sing N N 295 
PRO OXT   HXT    sing N N 296 
SER N     CA     sing N N 297 
SER N     H      sing N N 298 
SER N     H2     sing N N 299 
SER CA    C      sing N N 300 
SER CA    CB     sing N N 301 
SER CA    HA     sing N N 302 
SER C     O      doub N N 303 
SER C     OXT    sing N N 304 
SER CB    OG     sing N N 305 
SER CB    HB2    sing N N 306 
SER CB    HB3    sing N N 307 
SER OG    HG     sing N N 308 
SER OXT   HXT    sing N N 309 
THR N     CA     sing N N 310 
THR N     H      sing N N 311 
THR N     H2     sing N N 312 
THR CA    C      sing N N 313 
THR CA    CB     sing N N 314 
THR CA    HA     sing N N 315 
THR C     O      doub N N 316 
THR C     OXT    sing N N 317 
THR CB    OG1    sing N N 318 
THR CB    CG2    sing N N 319 
THR CB    HB     sing N N 320 
THR OG1   HG1    sing N N 321 
THR CG2   HG21   sing N N 322 
THR CG2   HG22   sing N N 323 
THR CG2   HG23   sing N N 324 
THR OXT   HXT    sing N N 325 
TRS C     C1     sing N N 326 
TRS C     C2     sing N N 327 
TRS C     C3     sing N N 328 
TRS C     N      sing N N 329 
TRS C1    O1     sing N N 330 
TRS C1    H11    sing N N 331 
TRS C1    H12    sing N N 332 
TRS C2    O2     sing N N 333 
TRS C2    H21    sing N N 334 
TRS C2    H22    sing N N 335 
TRS C3    O3     sing N N 336 
TRS C3    H31    sing N N 337 
TRS C3    H32    sing N N 338 
TRS N     HN1    sing N N 339 
TRS N     HN2    sing N N 340 
TRS N     HN3    sing N N 341 
TRS O1    HO1    sing N N 342 
TRS O2    HO2    sing N N 343 
TRS O3    HO3    sing N N 344 
TYR N     CA     sing N N 345 
TYR N     H      sing N N 346 
TYR N     H2     sing N N 347 
TYR CA    C      sing N N 348 
TYR CA    CB     sing N N 349 
TYR CA    HA     sing N N 350 
TYR C     O      doub N N 351 
TYR C     OXT    sing N N 352 
TYR CB    CG     sing N N 353 
TYR CB    HB2    sing N N 354 
TYR CB    HB3    sing N N 355 
TYR CG    CD1    doub Y N 356 
TYR CG    CD2    sing Y N 357 
TYR CD1   CE1    sing Y N 358 
TYR CD1   HD1    sing N N 359 
TYR CD2   CE2    doub Y N 360 
TYR CD2   HD2    sing N N 361 
TYR CE1   CZ     doub Y N 362 
TYR CE1   HE1    sing N N 363 
TYR CE2   CZ     sing Y N 364 
TYR CE2   HE2    sing N N 365 
TYR CZ    OH     sing N N 366 
TYR OH    HH     sing N N 367 
TYR OXT   HXT    sing N N 368 
UMP N1    C2     sing N N 369 
UMP N1    C6     sing N N 370 
UMP N1    "C1'"  sing N N 371 
UMP C2    N3     sing N N 372 
UMP C2    O2     doub N N 373 
UMP N3    C4     sing N N 374 
UMP N3    HN3    sing N N 375 
UMP C4    C5     sing N N 376 
UMP C4    O4     doub N N 377 
UMP C5    C6     doub N N 378 
UMP C5    H5     sing N N 379 
UMP C6    H6     sing N N 380 
UMP "C1'" "C2'"  sing N N 381 
UMP "C1'" "O4'"  sing N N 382 
UMP "C1'" "H1'"  sing N N 383 
UMP "C2'" "C3'"  sing N N 384 
UMP "C2'" "H2'"  sing N N 385 
UMP "C2'" "H2''" sing N N 386 
UMP "C3'" "C4'"  sing N N 387 
UMP "C3'" "O3'"  sing N N 388 
UMP "C3'" "H3'"  sing N N 389 
UMP "C4'" "O4'"  sing N N 390 
UMP "C4'" "C5'"  sing N N 391 
UMP "C4'" "H4'"  sing N N 392 
UMP "O3'" "HO3'" sing N N 393 
UMP "C5'" "O5'"  sing N N 394 
UMP "C5'" "H5'"  sing N N 395 
UMP "C5'" "H5''" sing N N 396 
UMP "O5'" P      sing N N 397 
UMP P     OP1    doub N N 398 
UMP P     OP2    sing N N 399 
UMP P     OP3    sing N N 400 
UMP OP2   HOP2   sing N N 401 
UMP OP3   HOP3   sing N N 402 
VAL N     CA     sing N N 403 
VAL N     H      sing N N 404 
VAL N     H2     sing N N 405 
VAL CA    C      sing N N 406 
VAL CA    CB     sing N N 407 
VAL CA    HA     sing N N 408 
VAL C     O      doub N N 409 
VAL C     OXT    sing N N 410 
VAL CB    CG1    sing N N 411 
VAL CB    CG2    sing N N 412 
VAL CB    HB     sing N N 413 
VAL CG1   HG11   sing N N 414 
VAL CG1   HG12   sing N N 415 
VAL CG1   HG13   sing N N 416 
VAL CG2   HG21   sing N N 417 
VAL CG2   HG22   sing N N 418 
VAL CG2   HG23   sing N N 419 
VAL OXT   HXT    sing N N 420 
# 
_pdbx_audit_support.funding_organization   'Other government' 
_pdbx_audit_support.country                China 
_pdbx_audit_support.grant_number           SKLBEE2022007 
_pdbx_audit_support.ordinal                1 
# 
_pdbx_initial_refinement_model.id               1 
_pdbx_initial_refinement_model.entity_id_list   ? 
_pdbx_initial_refinement_model.type             'experimental model' 
_pdbx_initial_refinement_model.source_name      PDB 
_pdbx_initial_refinement_model.accession_code   1SIX 
_pdbx_initial_refinement_model.details          ? 
# 
_atom_sites.entry_id                    8XHM 
_atom_sites.Cartn_transf_matrix[1][1]   ? 
_atom_sites.Cartn_transf_matrix[1][2]   ? 
_atom_sites.Cartn_transf_matrix[1][3]   ? 
_atom_sites.Cartn_transf_matrix[2][1]   ? 
_atom_sites.Cartn_transf_matrix[2][2]   ? 
_atom_sites.Cartn_transf_matrix[2][3]   ? 
_atom_sites.Cartn_transf_matrix[3][1]   ? 
_atom_sites.Cartn_transf_matrix[3][2]   ? 
_atom_sites.Cartn_transf_matrix[3][3]   ? 
_atom_sites.Cartn_transf_vector[1]      ? 
_atom_sites.Cartn_transf_vector[2]      ? 
_atom_sites.Cartn_transf_vector[3]      ? 
_atom_sites.Cartn_transform_axes        ? 
_atom_sites.fract_transf_matrix[1][1]   -0.00293843 
_atom_sites.fract_transf_matrix[1][2]   -0.00772792 
_atom_sites.fract_transf_matrix[1][3]   0.00041251 
_atom_sites.fract_transf_matrix[2][1]   -0.00517668 
_atom_sites.fract_transf_matrix[2][2]   0.00229076 
_atom_sites.fract_transf_matrix[2][3]   0.00603985 
_atom_sites.fract_transf_matrix[3][1]   -0.00575264 
_atom_sites.fract_transf_matrix[3][2]   0.00188600 
_atom_sites.fract_transf_matrix[3][3]   -0.00564583 
_atom_sites.fract_transf_vector[1]      0.148656 
_atom_sites.fract_transf_vector[2]      0.194908 
_atom_sites.fract_transf_vector[3]      0.249318 
_atom_sites.solution_primary            ? 
_atom_sites.solution_secondary          ? 
_atom_sites.solution_hydrogens          ? 
_atom_sites.special_details             ? 
# 
loop_
_atom_type.symbol 
C 
N 
O 
P 
S 
# 
loop_
_atom_site.group_PDB 
_atom_site.id 
_atom_site.type_symbol 
_atom_site.label_atom_id 
_atom_site.label_alt_id 
_atom_site.label_comp_id 
_atom_site.label_asym_id 
_atom_site.label_entity_id 
_atom_site.label_seq_id 
_atom_site.pdbx_PDB_ins_code 
_atom_site.Cartn_x 
_atom_site.Cartn_y 
_atom_site.Cartn_z 
_atom_site.occupancy 
_atom_site.B_iso_or_equiv 
_atom_site.pdbx_formal_charge 
_atom_site.auth_seq_id 
_atom_site.auth_comp_id 
_atom_site.auth_asym_id 
_atom_site.auth_atom_id 
_atom_site.pdbx_PDB_model_num 
ATOM   1    N N     . ILE A 1 4   ? -21.119 -5.241  -4.997  1.00 80.17  ? 4   ILE A N     1 
ATOM   2    C CA    . ILE A 1 4   ? -20.387 -4.446  -4.008  1.00 88.74  ? 4   ILE A CA    1 
ATOM   3    C C     . ILE A 1 4   ? -20.343 -2.975  -4.446  1.00 87.46  ? 4   ILE A C     1 
ATOM   4    O O     . ILE A 1 4   ? -19.987 -2.687  -5.598  1.00 75.65  ? 4   ILE A O     1 
ATOM   5    C CB    . ILE A 1 4   ? -18.949 -4.989  -3.790  1.00 91.28  ? 4   ILE A CB    1 
ATOM   6    C CG1   . ILE A 1 4   ? -18.951 -6.505  -3.559  1.00 91.77  ? 4   ILE A CG1   1 
ATOM   7    C CG2   . ILE A 1 4   ? -18.290 -4.275  -2.611  1.00 87.54  ? 4   ILE A CG2   1 
ATOM   8    C CD1   . ILE A 1 4   ? -17.734 -7.018  -2.784  1.00 80.48  ? 4   ILE A CD1   1 
ATOM   9    N N     . PRO A 1 5   ? -20.689 -2.058  -3.536  1.00 82.65  ? 5   PRO A N     1 
ATOM   10   C CA    . PRO A 1 5   ? -20.725 -0.618  -3.881  1.00 74.36  ? 5   PRO A CA    1 
ATOM   11   C C     . PRO A 1 5   ? -19.351 -0.100  -4.276  1.00 72.02  ? 5   PRO A C     1 
ATOM   12   O O     . PRO A 1 5   ? -18.369 -0.303  -3.546  1.00 70.60  ? 5   PRO A O     1 
ATOM   13   C CB    . PRO A 1 5   ? -21.220 0.037   -2.580  1.00 70.61  ? 5   PRO A CB    1 
ATOM   14   C CG    . PRO A 1 5   ? -20.816 -0.947  -1.503  1.00 74.52  ? 5   PRO A CG    1 
ATOM   15   C CD    . PRO A 1 5   ? -21.085 -2.280  -2.131  1.00 80.38  ? 5   PRO A CD    1 
ATOM   16   N N     . PRO A 1 6   ? -19.240 0.577   -5.421  1.00 65.12  ? 6   PRO A N     1 
ATOM   17   C CA    . PRO A 1 6   ? -17.929 1.076   -5.852  1.00 65.69  ? 6   PRO A CA    1 
ATOM   18   C C     . PRO A 1 6   ? -17.407 2.128   -4.888  1.00 62.11  ? 6   PRO A C     1 
ATOM   19   O O     . PRO A 1 6   ? -18.139 2.703   -4.087  1.00 60.84  ? 6   PRO A O     1 
ATOM   20   C CB    . PRO A 1 6   ? -18.214 1.665   -7.238  1.00 62.43  ? 6   PRO A CB    1 
ATOM   21   C CG    . PRO A 1 6   ? -19.655 2.082   -7.143  1.00 66.63  ? 6   PRO A CG    1 
ATOM   22   C CD    . PRO A 1 6   ? -20.304 0.977   -6.358  1.00 65.25  ? 6   PRO A CD    1 
ATOM   23   N N     . ILE A 1 7   ? -16.106 2.362   -4.946  1.00 57.36  ? 7   ILE A N     1 
ATOM   24   C CA    . ILE A 1 7   ? -15.449 3.245   -3.992  1.00 54.50  ? 7   ILE A CA    1 
ATOM   25   C C     . ILE A 1 7   ? -15.291 4.616   -4.643  1.00 51.78  ? 7   ILE A C     1 
ATOM   26   O O     . ILE A 1 7   ? -14.734 4.699   -5.749  1.00 48.19  ? 7   ILE A O     1 
ATOM   27   C CB    . ILE A 1 7   ? -14.108 2.669   -3.521  1.00 55.82  ? 7   ILE A CB    1 
ATOM   28   C CG1   . ILE A 1 7   ? -14.403 1.568   -2.492  1.00 55.11  ? 7   ILE A CG1   1 
ATOM   29   C CG2   . ILE A 1 7   ? -13.203 3.778   -2.923  1.00 49.66  ? 7   ILE A CG2   1 
ATOM   30   C CD1   . ILE A 1 7   ? -13.316 0.621   -2.313  1.00 61.69  ? 7   ILE A CD1   1 
ATOM   31   N N     . PRO A 1 8   ? -15.776 5.689   -4.021  1.00 52.78  ? 8   PRO A N     1 
ATOM   32   C CA    . PRO A 1 8   ? -15.611 7.019   -4.620  1.00 52.38  ? 8   PRO A CA    1 
ATOM   33   C C     . PRO A 1 8   ? -14.135 7.364   -4.749  1.00 50.97  ? 8   PRO A C     1 
ATOM   34   O O     . PRO A 1 8   ? -13.360 7.204   -3.807  1.00 52.36  ? 8   PRO A O     1 
ATOM   35   C CB    . PRO A 1 8   ? -16.334 7.940   -3.630  1.00 48.57  ? 8   PRO A CB    1 
ATOM   36   C CG    . PRO A 1 8   ? -17.342 7.032   -2.949  1.00 48.10  ? 8   PRO A CG    1 
ATOM   37   C CD    . PRO A 1 8   ? -16.561 5.744   -2.775  1.00 51.08  ? 8   PRO A CD    1 
ATOM   38   N N     . LEU A 1 9   ? -13.742 7.813   -5.936  1.00 48.55  ? 9   LEU A N     1 
ATOM   39   C CA    . LEU A 1 9   ? -12.355 8.153   -6.215  1.00 51.28  ? 9   LEU A CA    1 
ATOM   40   C C     . LEU A 1 9   ? -12.279 9.577   -6.744  1.00 54.20  ? 9   LEU A C     1 
ATOM   41   O O     . LEU A 1 9   ? -13.009 9.944   -7.667  1.00 55.15  ? 9   LEU A O     1 
ATOM   42   C CB    . LEU A 1 9   ? -11.721 7.179   -7.225  1.00 51.34  ? 9   LEU A CB    1 
ATOM   43   C CG    . LEU A 1 9   ? -10.248 7.465   -7.568  1.00 49.08  ? 9   LEU A CG    1 
ATOM   44   C CD1   . LEU A 1 9   ? -9.418  6.181   -7.678  1.00 49.27  ? 9   LEU A CD1   1 
ATOM   45   C CD2   . LEU A 1 9   ? -10.119 8.294   -8.845  1.00 55.56  ? 9   LEU A CD2   1 
ATOM   46   N N     . LEU A 1 10  ? -11.369 10.362  -6.183  1.00 48.75  ? 10  LEU A N     1 
ATOM   47   C CA    . LEU A 1 10  ? -11.150 11.740  -6.599  1.00 51.60  ? 10  LEU A CA    1 
ATOM   48   C C     . LEU A 1 10  ? -9.820  11.810  -7.337  1.00 56.66  ? 10  LEU A C     1 
ATOM   49   O O     . LEU A 1 10  ? -8.783  11.452  -6.773  1.00 50.86  ? 10  LEU A O     1 
ATOM   50   C CB    . LEU A 1 10  ? -11.146 12.659  -5.378  1.00 51.51  ? 10  LEU A CB    1 
ATOM   51   C CG    . LEU A 1 10  ? -11.086 14.156  -5.621  1.00 62.82  ? 10  LEU A CG    1 
ATOM   52   C CD1   . LEU A 1 10  ? -12.358 14.554  -6.335  1.00 64.35  ? 10  LEU A CD1   1 
ATOM   53   C CD2   . LEU A 1 10  ? -10.951 14.886  -4.290  1.00 60.37  ? 10  LEU A CD2   1 
ATOM   54   N N     . ARG A 1 11  ? -9.845  12.250  -8.598  1.00 48.04  ? 11  ARG A N     1 
ATOM   55   C CA    . ARG A 1 11  ? -8.621  12.388  -9.386  1.00 55.22  ? 11  ARG A CA    1 
ATOM   56   C C     . ARG A 1 11  ? -7.998  13.747  -9.096  1.00 59.63  ? 11  ARG A C     1 
ATOM   57   O O     . ARG A 1 11  ? -8.513  14.776  -9.540  1.00 61.21  ? 11  ARG A O     1 
ATOM   58   C CB    . ARG A 1 11  ? -8.901  12.258  -10.879 1.00 59.04  ? 11  ARG A CB    1 
ATOM   59   C CG    . ARG A 1 11  ? -9.685  11.038  -11.263 1.00 67.76  ? 11  ARG A CG    1 
ATOM   60   C CD    . ARG A 1 11  ? -9.819  10.929  -12.776 1.00 66.99  ? 11  ARG A CD    1 
ATOM   61   N NE    . ARG A 1 11  ? -8.542  10.764  -13.459 1.00 60.50  ? 11  ARG A NE    1 
ATOM   62   C CZ    . ARG A 1 11  ? -8.218  11.378  -14.588 1.00 69.12  ? 11  ARG A CZ    1 
ATOM   63   N NH1   . ARG A 1 11  ? -9.065  12.186  -15.204 1.00 73.07  ? 11  ARG A NH1   1 
ATOM   64   N NH2   . ARG A 1 11  ? -7.016  11.170  -15.121 1.00 63.24  ? 11  ARG A NH2   1 
ATOM   65   N N     . LEU A 1 12  ? -6.888  13.756  -8.369  1.00 53.31  ? 12  LEU A N     1 
ATOM   66   C CA    . LEU A 1 12  ? -6.206  15.006  -8.068  1.00 53.78  ? 12  LEU A CA    1 
ATOM   67   C C     . LEU A 1 12  ? -5.242  15.426  -9.166  1.00 59.48  ? 12  LEU A C     1 
ATOM   68   O O     . LEU A 1 12  ? -4.820  16.584  -9.188  1.00 63.24  ? 12  LEU A O     1 
ATOM   69   C CB    . LEU A 1 12  ? -5.451  14.886  -6.736  1.00 49.40  ? 12  LEU A CB    1 
ATOM   70   C CG    . LEU A 1 12  ? -6.321  14.301  -5.614  1.00 55.33  ? 12  LEU A CG    1 
ATOM   71   C CD1   . LEU A 1 12  ? -5.497  13.994  -4.371  1.00 54.26  ? 12  LEU A CD1   1 
ATOM   72   C CD2   . LEU A 1 12  ? -7.466  15.248  -5.286  1.00 60.91  ? 12  LEU A CD2   1 
ATOM   73   N N     . ASP A 1 13  ? -4.894  14.517  -10.074 1.00 64.32  ? 13  ASP A N     1 
ATOM   74   C CA    . ASP A 1 13  ? -3.878  14.730  -11.094 1.00 59.41  ? 13  ASP A CA    1 
ATOM   75   C C     . ASP A 1 13  ? -4.463  14.231  -12.413 1.00 62.20  ? 13  ASP A C     1 
ATOM   76   O O     . ASP A 1 13  ? -4.690  13.022  -12.574 1.00 60.01  ? 13  ASP A O     1 
ATOM   77   C CB    . ASP A 1 13  ? -2.586  13.990  -10.712 1.00 53.32  ? 13  ASP A CB    1 
ATOM   78   C CG    . ASP A 1 13  ? -1.390  14.377  -11.577 1.00 63.10  ? 13  ASP A CG    1 
ATOM   79   O OD1   . ASP A 1 13  ? -1.546  14.484  -12.812 1.00 57.24  ? 13  ASP A OD1   1 
ATOM   80   O OD2   . ASP A 1 13  ? -0.272  14.522  -11.028 1.00 54.71  ? 13  ASP A OD2   1 
ATOM   81   N N     . PRO A 1 14  ? -4.746  15.126  -13.370 1.00 66.57  ? 14  PRO A N     1 
ATOM   82   C CA    . PRO A 1 14  ? -5.385  14.684  -14.623 1.00 60.37  ? 14  PRO A CA    1 
ATOM   83   C C     . PRO A 1 14  ? -4.499  13.790  -15.478 1.00 61.25  ? 14  PRO A C     1 
ATOM   84   O O     . PRO A 1 14  ? -5.008  13.144  -16.401 1.00 64.05  ? 14  PRO A O     1 
ATOM   85   C CB    . PRO A 1 14  ? -5.692  16.009  -15.328 1.00 70.03  ? 14  PRO A CB    1 
ATOM   86   C CG    . PRO A 1 14  ? -4.555  16.893  -14.884 1.00 63.37  ? 14  PRO A CG    1 
ATOM   87   C CD    . PRO A 1 14  ? -4.414  16.562  -13.410 1.00 63.29  ? 14  PRO A CD    1 
ATOM   88   N N     . GLY A 1 15  ? -3.200  13.732  -15.203 1.00 57.20  ? 15  GLY A N     1 
ATOM   89   C CA    . GLY A 1 15  ? -2.251  12.925  -15.934 1.00 53.83  ? 15  GLY A CA    1 
ATOM   90   C C     . GLY A 1 15  ? -2.079  11.517  -15.409 1.00 58.12  ? 15  GLY A C     1 
ATOM   91   O O     . GLY A 1 15  ? -1.181  10.808  -15.868 1.00 55.41  ? 15  GLY A O     1 
ATOM   92   N N     . ILE A 1 16  ? -2.908  11.084  -14.469 1.00 53.24  ? 16  ILE A N     1 
ATOM   93   C CA    . ILE A 1 16  ? -2.815  9.756   -13.873 1.00 55.17  ? 16  ILE A CA    1 
ATOM   94   C C     . ILE A 1 16  ? -4.134  9.052   -14.154 1.00 53.55  ? 16  ILE A C     1 
ATOM   95   O O     . ILE A 1 16  ? -5.192  9.622   -13.890 1.00 52.93  ? 16  ILE A O     1 
ATOM   96   C CB    . ILE A 1 16  ? -2.542  9.807   -12.357 1.00 57.02  ? 16  ILE A CB    1 
ATOM   97   C CG1   . ILE A 1 16  ? -1.161  10.404  -12.089 1.00 53.32  ? 16  ILE A CG1   1 
ATOM   98   C CG2   . ILE A 1 16  ? -2.614  8.412   -11.734 1.00 58.68  ? 16  ILE A CG2   1 
ATOM   99   C CD1   . ILE A 1 16  ? -0.015  9.488   -12.511 1.00 51.51  ? 16  ILE A CD1   1 
ATOM   100  N N     . PRO A 1 17  ? -4.123  7.836   -14.697 1.00 56.38  ? 17  PRO A N     1 
ATOM   101  C CA    . PRO A 1 17  ? -5.384  7.161   -15.020 1.00 57.61  ? 17  PRO A CA    1 
ATOM   102  C C     . PRO A 1 17  ? -6.112  6.719   -13.761 1.00 61.01  ? 17  PRO A C     1 
ATOM   103  O O     . PRO A 1 17  ? -5.520  6.548   -12.694 1.00 62.67  ? 17  PRO A O     1 
ATOM   104  C CB    . PRO A 1 17  ? -4.921  5.952   -15.842 1.00 55.24  ? 17  PRO A CB    1 
ATOM   105  C CG    . PRO A 1 17  ? -3.606  5.607   -15.190 1.00 63.79  ? 17  PRO A CG    1 
ATOM   106  C CD    . PRO A 1 17  ? -2.962  6.965   -14.967 1.00 56.09  ? 17  PRO A CD    1 
ATOM   107  N N     . VAL A 1 18  ? -7.422  6.543   -13.900 1.00 56.91  ? 18  VAL A N     1 
ATOM   108  C CA    . VAL A 1 18  ? -8.209  5.891   -12.847 1.00 51.63  ? 18  VAL A CA    1 
ATOM   109  C C     . VAL A 1 18  ? -7.789  4.426   -12.747 1.00 61.26  ? 18  VAL A C     1 
ATOM   110  O O     . VAL A 1 18  ? -7.794  3.721   -13.770 1.00 56.74  ? 18  VAL A O     1 
ATOM   111  C CB    . VAL A 1 18  ? -9.703  6.004   -13.152 1.00 64.43  ? 18  VAL A CB    1 
ATOM   112  C CG1   . VAL A 1 18  ? -10.498 5.185   -12.149 1.00 57.45  ? 18  VAL A CG1   1 
ATOM   113  C CG2   . VAL A 1 18  ? -10.149 7.456   -13.139 1.00 61.97  ? 18  VAL A CG2   1 
ATOM   114  N N     . PRO A 1 19  ? -7.427  3.917   -11.560 1.00 54.69  ? 19  PRO A N     1 
ATOM   115  C CA    . PRO A 1 19  ? -6.971  2.521   -11.461 1.00 52.27  ? 19  PRO A CA    1 
ATOM   116  C C     . PRO A 1 19  ? -8.072  1.541   -11.848 1.00 56.66  ? 19  PRO A C     1 
ATOM   117  O O     . PRO A 1 19  ? -9.261  1.784   -11.621 1.00 55.22  ? 19  PRO A O     1 
ATOM   118  C CB    . PRO A 1 19  ? -6.610  2.374   -9.975  1.00 53.15  ? 19  PRO A CB    1 
ATOM   119  C CG    . PRO A 1 19  ? -6.327  3.775   -9.526  1.00 58.09  ? 19  PRO A CG    1 
ATOM   120  C CD    . PRO A 1 19  ? -7.362  4.591   -10.251 1.00 54.78  ? 19  PRO A CD    1 
ATOM   121  N N     . VAL A 1 20  ? -7.664  0.413   -12.436 1.00 52.95  ? 20  VAL A N     1 
ATOM   122  C CA    . VAL A 1 20  ? -8.593  -0.626  -12.862 1.00 59.41  ? 20  VAL A CA    1 
ATOM   123  C C     . VAL A 1 20  ? -8.050  -1.984  -12.434 1.00 57.20  ? 20  VAL A C     1 
ATOM   124  O O     . VAL A 1 20  ? -6.846  -2.165  -12.231 1.00 56.38  ? 20  VAL A O     1 
ATOM   125  C CB    . VAL A 1 20  ? -8.819  -0.614  -14.391 1.00 63.10  ? 20  VAL A CB    1 
ATOM   126  C CG1   . VAL A 1 20  ? -9.614  0.621   -14.804 1.00 64.46  ? 20  VAL A CG1   1 
ATOM   127  C CG2   . VAL A 1 20  ? -7.489  -0.681  -15.113 1.00 57.21  ? 20  VAL A CG2   1 
ATOM   128  N N     . ARG A 1 21  ? -8.960  -2.952  -12.306 1.00 53.84  ? 21  ARG A N     1 
ATOM   129  C CA    . ARG A 1 21  ? -8.595  -4.319  -11.943 1.00 57.80  ? 21  ARG A CA    1 
ATOM   130  C C     . ARG A 1 21  ? -8.265  -5.089  -13.222 1.00 57.70  ? 21  ARG A C     1 
ATOM   131  O O     . ARG A 1 21  ? -9.107  -5.197  -14.117 1.00 55.73  ? 21  ARG A O     1 
ATOM   132  C CB    . ARG A 1 21  ? -9.726  -4.985  -11.144 1.00 53.77  ? 21  ARG A CB    1 
ATOM   133  C CG    . ARG A 1 21  ? -9.287  -6.141  -10.227 1.00 50.94  ? 21  ARG A CG    1 
ATOM   134  C CD    . ARG A 1 21  ? -10.406 -6.562  -9.276  1.00 54.80  ? 21  ARG A CD    1 
ATOM   135  N NE    . ARG A 1 21  ? -10.774 -5.464  -8.383  1.00 49.65  ? 21  ARG A NE    1 
ATOM   136  C CZ    . ARG A 1 21  ? -10.024 -5.026  -7.383  1.00 51.95  ? 21  ARG A CZ    1 
ATOM   137  N NH1   . ARG A 1 21  ? -8.903  -5.645  -7.033  1.00 47.17  ? 21  ARG A NH1   1 
ATOM   138  N NH2   . ARG A 1 21  ? -10.411 -3.945  -6.712  1.00 48.51  ? 21  ARG A NH2   1 
ATOM   139  N N     . ALA A 1 22  ? -7.038  -5.618  -13.305 1.00 53.51  ? 22  ALA A N     1 
ATOM   140  C CA    . ALA A 1 22  ? -6.526  -6.167  -14.562 1.00 59.16  ? 22  ALA A CA    1 
ATOM   141  C C     . ALA A 1 22  ? -7.157  -7.516  -14.915 1.00 67.23  ? 22  ALA A C     1 
ATOM   142  O O     . ALA A 1 22  ? -7.341  -7.828  -16.099 1.00 57.93  ? 22  ALA A O     1 
ATOM   143  C CB    . ALA A 1 22  ? -5.006  -6.298  -14.484 1.00 55.66  ? 22  ALA A CB    1 
ATOM   144  N N     . HIS A 1 23  ? -7.446  -8.353  -13.917 1.00 59.07  ? 23  HIS A N     1 
ATOM   145  C CA    . HIS A 1 23  ? -8.167  -9.604  -14.121 1.00 55.27  ? 23  HIS A CA    1 
ATOM   146  C C     . HIS A 1 23  ? -9.263  -9.688  -13.071 1.00 60.66  ? 23  HIS A C     1 
ATOM   147  O O     . HIS A 1 23  ? -9.179  -9.047  -12.019 1.00 60.24  ? 23  HIS A O     1 
ATOM   148  C CB    . HIS A 1 23  ? -7.260  -10.836 -14.012 1.00 53.22  ? 23  HIS A CB    1 
ATOM   149  C CG    . HIS A 1 23  ? -6.056  -10.804 -14.904 1.00 60.02  ? 23  HIS A CG    1 
ATOM   150  N ND1   . HIS A 1 23  ? -4.845  -10.277 -14.504 1.00 63.27  ? 23  HIS A ND1   1 
ATOM   151  C CD2   . HIS A 1 23  ? -5.857  -11.293 -16.152 1.00 62.94  ? 23  HIS A CD2   1 
ATOM   152  C CE1   . HIS A 1 23  ? -3.961  -10.419 -15.476 1.00 65.58  ? 23  HIS A CE1   1 
ATOM   153  N NE2   . HIS A 1 23  ? -4.550  -11.032 -16.488 1.00 58.28  ? 23  HIS A NE2   1 
ATOM   154  N N     . GLU A 1 24  ? -10.279 -10.512 -13.347 1.00 57.10  ? 24  GLU A N     1 
ATOM   155  C CA    . GLU A 1 24  ? -11.525 -10.424 -12.585 1.00 60.94  ? 24  GLU A CA    1 
ATOM   156  C C     . GLU A 1 24  ? -11.312 -10.672 -11.091 1.00 61.05  ? 24  GLU A C     1 
ATOM   157  O O     . GLU A 1 24  ? -11.962 -10.031 -10.253 1.00 60.45  ? 24  GLU A O     1 
ATOM   158  C CB    . GLU A 1 24  ? -12.570 -11.398 -13.141 1.00 66.42  ? 24  GLU A CB    1 
ATOM   159  C CG    . GLU A 1 24  ? -12.227 -12.873 -12.990 1.00 72.26  ? 24  GLU A CG    1 
ATOM   160  C CD    . GLU A 1 24  ? -13.360 -13.794 -13.440 1.00 91.94  ? 24  GLU A CD    1 
ATOM   161  O OE1   . GLU A 1 24  ? -13.079 -14.950 -13.831 1.00 94.58  ? 24  GLU A OE1   1 
ATOM   162  O OE2   . GLU A 1 24  ? -14.533 -13.359 -13.398 1.00 94.21  ? 24  GLU A OE2   1 
ATOM   163  N N     . GLY A 1 25  ? -10.432 -11.607 -10.733 1.00 49.29  ? 25  GLY A N     1 
ATOM   164  C CA    . GLY A 1 25  ? -10.191 -11.910 -9.337  1.00 51.83  ? 25  GLY A CA    1 
ATOM   165  C C     . GLY A 1 25  ? -8.905  -11.363 -8.757  1.00 50.05  ? 25  GLY A C     1 
ATOM   166  O O     . GLY A 1 25  ? -8.544  -11.739 -7.634  1.00 46.39  ? 25  GLY A O     1 
ATOM   167  N N     . ASP A 1 26  ? -8.187  -10.506 -9.486  1.00 49.81  ? 26  ASP A N     1 
ATOM   168  C CA    . ASP A 1 26  ? -6.942  -9.932  -8.984  1.00 51.75  ? 26  ASP A CA    1 
ATOM   169  C C     . ASP A 1 26  ? -7.194  -9.149  -7.702  1.00 46.56  ? 26  ASP A C     1 
ATOM   170  O O     . ASP A 1 26  ? -8.185  -8.422  -7.589  1.00 44.19  ? 26  ASP A O     1 
ATOM   171  C CB    . ASP A 1 26  ? -6.329  -9.001  -10.036 1.00 54.76  ? 26  ASP A CB    1 
ATOM   172  C CG    . ASP A 1 26  ? -5.388  -9.720  -10.990 1.00 61.67  ? 26  ASP A CG    1 
ATOM   173  O OD1   . ASP A 1 26  ? -5.308  -10.973 -10.977 1.00 54.50  ? 26  ASP A OD1   1 
ATOM   174  O OD2   . ASP A 1 26  ? -4.734  -9.013  -11.783 1.00 64.92  ? 26  ASP A OD2   1 
ATOM   175  N N     . ALA A 1 27  ? -6.279  -9.286  -6.738  1.00 44.72  ? 27  ALA A N     1 
ATOM   176  C CA    . ALA A 1 27  ? -6.500  -8.684  -5.423  1.00 45.75  ? 27  ALA A CA    1 
ATOM   177  C C     . ALA A 1 27  ? -6.393  -7.163  -5.469  1.00 46.62  ? 27  ALA A C     1 
ATOM   178  O O     . ALA A 1 27  ? -7.153  -6.461  -4.788  1.00 49.65  ? 27  ALA A O     1 
ATOM   179  C CB    . ALA A 1 27  ? -5.499  -9.253  -4.417  1.00 43.19  ? 27  ALA A CB    1 
ATOM   180  N N     . GLY A 1 28  ? -5.445  -6.624  -6.238  1.00 43.50  ? 28  GLY A N     1 
ATOM   181  C CA    . GLY A 1 28  ? -5.124  -5.213  -6.177  1.00 44.47  ? 28  GLY A CA    1 
ATOM   182  C C     . GLY A 1 28  ? -5.301  -4.485  -7.507  1.00 49.14  ? 28  GLY A C     1 
ATOM   183  O O     . GLY A 1 28  ? -5.432  -5.103  -8.571  1.00 45.63  ? 28  GLY A O     1 
ATOM   184  N N     . VAL A 1 29  ? -5.311  -3.145  -7.422  1.00 44.46  ? 29  VAL A N     1 
ATOM   185  C CA    . VAL A 1 29  ? -5.231  -2.260  -8.580  1.00 45.05  ? 29  VAL A CA    1 
ATOM   186  C C     . VAL A 1 29  ? -3.909  -1.505  -8.515  1.00 51.54  ? 29  VAL A C     1 
ATOM   187  O O     . VAL A 1 29  ? -3.352  -1.281  -7.435  1.00 45.36  ? 29  VAL A O     1 
ATOM   188  C CB    . VAL A 1 29  ? -6.418  -1.271  -8.669  1.00 45.12  ? 29  VAL A CB    1 
ATOM   189  C CG1   . VAL A 1 29  ? -7.736  -2.028  -8.872  1.00 49.89  ? 29  VAL A CG1   1 
ATOM   190  C CG2   . VAL A 1 29  ? -6.485  -0.349  -7.437  1.00 46.27  ? 29  VAL A CG2   1 
ATOM   191  N N     . ASP A 1 30  ? -3.402  -1.112  -9.680  1.00 45.43  ? 30  ASP A N     1 
ATOM   192  C CA    . ASP A 1 30  ? -2.099  -0.453  -9.757  1.00 50.90  ? 30  ASP A CA    1 
ATOM   193  C C     . ASP A 1 30  ? -2.170  1.001   -9.271  1.00 49.88  ? 30  ASP A C     1 
ATOM   194  O O     . ASP A 1 30  ? -3.152  1.706   -9.517  1.00 51.61  ? 30  ASP A O     1 
ATOM   195  C CB    . ASP A 1 30  ? -1.576  -0.495  -11.193 1.00 58.25  ? 30  ASP A CB    1 
ATOM   196  C CG    . ASP A 1 30  ? -1.074  -1.882  -11.606 1.00 65.54  ? 30  ASP A CG    1 
ATOM   197  O OD1   . ASP A 1 30  ? -0.403  -2.565  -10.798 1.00 69.37  ? 30  ASP A OD1   1 
ATOM   198  O OD2   . ASP A 1 30  ? -1.346  -2.275  -12.763 1.00 78.81  ? 30  ASP A OD2   1 
ATOM   199  N N     . LEU A 1 31  ? -1.128  1.439   -8.555  1.00 47.49  ? 31  LEU A N     1 
ATOM   200  C CA    . LEU A 1 31  ? -0.940  2.840   -8.185  1.00 48.33  ? 31  LEU A CA    1 
ATOM   201  C C     . LEU A 1 31  ? 0.316   3.350   -8.884  1.00 48.72  ? 31  LEU A C     1 
ATOM   202  O O     . LEU A 1 31  ? 1.304   2.615   -8.991  1.00 46.81  ? 31  LEU A O     1 
ATOM   203  C CB    . LEU A 1 31  ? -0.788  3.026   -6.658  1.00 45.92  ? 31  LEU A CB    1 
ATOM   204  C CG    . LEU A 1 31  ? -1.946  2.624   -5.727  1.00 49.56  ? 31  LEU A CG    1 
ATOM   205  C CD1   . LEU A 1 31  ? -1.520  2.714   -4.267  1.00 49.49  ? 31  LEU A CD1   1 
ATOM   206  C CD2   . LEU A 1 31  ? -3.178  3.459   -5.964  1.00 49.11  ? 31  LEU A CD2   1 
ATOM   207  N N     . CYS A 1 32  ? 0.285   4.603   -9.349  1.00 45.49  ? 32  CYS A N     1 
ATOM   208  C CA    . CYS A 1 32  ? 1.400   5.219   -10.065 1.00 41.60  ? 32  CYS A CA    1 
ATOM   209  C C     . CYS A 1 32  ? 2.058   6.316   -9.231  1.00 52.52  ? 32  CYS A C     1 
ATOM   210  O O     . CYS A 1 32  ? 1.489   6.812   -8.253  1.00 50.04  ? 32  CYS A O     1 
ATOM   211  C CB    . CYS A 1 32  ? 0.937   5.828   -11.394 1.00 53.08  ? 32  CYS A CB    1 
ATOM   212  S SG    . CYS A 1 32  ? 0.018   4.709   -12.474 1.00 61.06  ? 32  CYS A SG    1 
ATOM   213  N N     . THR A 1 33  ? 3.271   6.702   -9.630  1.00 45.82  ? 33  THR A N     1 
ATOM   214  C CA    . THR A 1 33  ? 3.908   7.889   -9.069  1.00 49.76  ? 33  THR A CA    1 
ATOM   215  C C     . THR A 1 33  ? 3.542   9.100   -9.918  1.00 50.79  ? 33  THR A C     1 
ATOM   216  O O     . THR A 1 33  ? 3.518   9.021   -11.151 1.00 46.93  ? 33  THR A O     1 
ATOM   217  C CB    . THR A 1 33  ? 5.434   7.738   -9.003  1.00 50.13  ? 33  THR A CB    1 
ATOM   218  O OG1   . THR A 1 33  ? 6.017   8.985   -8.596  1.00 47.75  ? 33  THR A OG1   1 
ATOM   219  C CG2   . THR A 1 33  ? 6.011   7.336   -10.367 1.00 49.86  ? 33  THR A CG2   1 
ATOM   220  N N     . THR A 1 34  ? 3.240   10.222  -9.259  1.00 50.96  ? 34  THR A N     1 
ATOM   221  C CA    . THR A 1 34  ? 3.009   11.451  -10.016 1.00 49.63  ? 34  THR A CA    1 
ATOM   222  C C     . THR A 1 34  ? 4.300   12.185  -10.355 1.00 55.59  ? 34  THR A C     1 
ATOM   223  O O     . THR A 1 34  ? 4.227   13.267  -10.947 1.00 51.53  ? 34  THR A O     1 
ATOM   224  C CB    . THR A 1 34  ? 2.099   12.423  -9.258  1.00 53.14  ? 34  THR A CB    1 
ATOM   225  O OG1   . THR A 1 34  ? 2.707   12.750  -8.004  1.00 52.25  ? 34  THR A OG1   1 
ATOM   226  C CG2   . THR A 1 34  ? 0.723   11.820  -9.005  1.00 50.29  ? 34  THR A CG2   1 
ATOM   227  N N     . GLU A 1 35  ? 5.473   11.655  -10.005 1.00 48.23  ? 35  GLU A N     1 
ATOM   228  C CA    . GLU A 1 35  ? 6.692   12.409  -10.285 1.00 53.56  ? 35  GLU A CA    1 
ATOM   229  C C     . GLU A 1 35  ? 7.855   11.484  -10.599 1.00 52.86  ? 35  GLU A C     1 
ATOM   230  O O     . GLU A 1 35  ? 7.917   10.347  -10.119 1.00 50.25  ? 35  GLU A O     1 
ATOM   231  C CB    . GLU A 1 35  ? 7.065   13.309  -9.105  1.00 61.88  ? 35  GLU A CB    1 
ATOM   232  C CG    . GLU A 1 35  ? 7.197   12.538  -7.822  1.00 66.40  ? 35  GLU A CG    1 
ATOM   233  C CD    . GLU A 1 35  ? 6.825   13.360  -6.605  1.00 82.02  ? 35  GLU A CD    1 
ATOM   234  O OE1   . GLU A 1 35  ? 7.634   14.230  -6.209  1.00 69.76  ? 35  GLU A OE1   1 
ATOM   235  O OE2   . GLU A 1 35  ? 5.707   13.127  -6.067  1.00 78.24  ? 35  GLU A OE2   1 
ATOM   236  N N     . ASP A 1 36  ? 8.775   11.995  -11.425 1.00 49.47  ? 36  ASP A N     1 
ATOM   237  C CA    . ASP A 1 36  ? 10.053  11.332  -11.664 1.00 50.89  ? 36  ASP A CA    1 
ATOM   238  C C     . ASP A 1 36  ? 10.861  11.282  -10.369 1.00 55.24  ? 36  ASP A C     1 
ATOM   239  O O     . ASP A 1 36  ? 10.898  12.252  -9.607  1.00 55.57  ? 36  ASP A O     1 
ATOM   240  C CB    . ASP A 1 36  ? 10.866  12.088  -12.734 1.00 58.95  ? 36  ASP A CB    1 
ATOM   241  C CG    . ASP A 1 36  ? 10.157  12.196  -14.089 1.00 67.00  ? 36  ASP A CG    1 
ATOM   242  O OD1   . ASP A 1 36  ? 10.688  12.911  -14.968 1.00 76.32  ? 36  ASP A OD1   1 
ATOM   243  O OD2   . ASP A 1 36  ? 9.092   11.578  -14.296 1.00 64.97  ? 36  ASP A OD2   1 
ATOM   244  N N     . VAL A 1 37  ? 11.521  10.151  -10.115 1.00 50.72  ? 37  VAL A N     1 
ATOM   245  C CA    . VAL A 1 37  ? 12.431  10.040  -8.977  1.00 55.24  ? 37  VAL A CA    1 
ATOM   246  C C     . VAL A 1 37  ? 13.541  9.085   -9.362  1.00 56.00  ? 37  VAL A C     1 
ATOM   247  O O     . VAL A 1 37  ? 13.328  8.123   -10.102 1.00 54.03  ? 37  VAL A O     1 
ATOM   248  C CB    . VAL A 1 37  ? 11.751  9.542   -7.671  1.00 58.80  ? 37  VAL A CB    1 
ATOM   249  C CG1   . VAL A 1 37  ? 10.782  10.570  -7.103  1.00 59.11  ? 37  VAL A CG1   1 
ATOM   250  C CG2   . VAL A 1 37  ? 11.067  8.199   -7.887  1.00 52.75  ? 37  VAL A CG2   1 
ATOM   251  N N     . ILE A 1 38  ? 14.736  9.358   -8.858  1.00 51.70  ? 38  ILE A N     1 
ATOM   252  C CA    . ILE A 1 38  ? 15.838  8.409   -8.893  1.00 55.22  ? 38  ILE A CA    1 
ATOM   253  C C     . ILE A 1 38  ? 16.104  8.024   -7.449  1.00 60.74  ? 38  ILE A C     1 
ATOM   254  O O     . ILE A 1 38  ? 16.322  8.899   -6.602  1.00 58.19  ? 38  ILE A O     1 
ATOM   255  C CB    . ILE A 1 38  ? 17.094  9.007   -9.554  1.00 60.48  ? 38  ILE A CB    1 
ATOM   256  C CG1   . ILE A 1 38  ? 16.834  9.291   -11.035 1.00 63.10  ? 38  ILE A CG1   1 
ATOM   257  C CG2   . ILE A 1 38  ? 18.275  8.060   -9.405  1.00 55.86  ? 38  ILE A CG2   1 
ATOM   258  C CD1   . ILE A 1 38  ? 17.911  10.138  -11.697 1.00 64.74  ? 38  ILE A CD1   1 
ATOM   259  N N     . ILE A 1 39  ? 16.047  6.728   -7.153  1.00 54.17  ? 39  ILE A N     1 
ATOM   260  C CA    . ILE A 1 39  ? 16.229  6.236   -5.791  1.00 53.72  ? 39  ILE A CA    1 
ATOM   261  C C     . ILE A 1 39  ? 17.573  5.532   -5.744  1.00 52.49  ? 39  ILE A C     1 
ATOM   262  O O     . ILE A 1 39  ? 17.729  4.448   -6.321  1.00 55.30  ? 39  ILE A O     1 
ATOM   263  C CB    . ILE A 1 39  ? 15.100  5.290   -5.353  1.00 55.81  ? 39  ILE A CB    1 
ATOM   264  C CG1   . ILE A 1 39  ? 13.725  5.870   -5.694  1.00 51.49  ? 39  ILE A CG1   1 
ATOM   265  C CG2   . ILE A 1 39  ? 15.184  5.036   -3.863  1.00 51.14  ? 39  ILE A CG2   1 
ATOM   266  C CD1   . ILE A 1 39  ? 12.578  4.901   -5.396  1.00 51.19  ? 39  ILE A CD1   1 
ATOM   267  N N     . GLU A 1 40  ? 18.543  6.138   -5.053  1.00 58.04  ? 40  GLU A N     1 
ATOM   268  C CA    . GLU A 1 40  ? 19.858  5.521   -4.935  1.00 62.84  ? 40  GLU A CA    1 
ATOM   269  C C     . GLU A 1 40  ? 19.784  4.324   -3.990  1.00 60.31  ? 40  GLU A C     1 
ATOM   270  O O     . GLU A 1 40  ? 18.860  4.224   -3.180  1.00 57.74  ? 40  GLU A O     1 
ATOM   271  C CB    . GLU A 1 40  ? 20.892  6.539   -4.445  1.00 58.41  ? 40  GLU A CB    1 
ATOM   272  C CG    . GLU A 1 40  ? 21.051  7.737   -5.387  1.00 66.44  ? 40  GLU A CG    1 
ATOM   273  C CD    . GLU A 1 40  ? 21.792  7.376   -6.679  1.00 70.09  ? 40  GLU A CD    1 
ATOM   274  O OE1   . GLU A 1 40  ? 22.442  6.304   -6.726  1.00 71.66  ? 40  GLU A OE1   1 
ATOM   275  O OE2   . GLU A 1 40  ? 21.691  8.145   -7.664  1.00 76.90  ? 40  GLU A OE2   1 
ATOM   276  N N     . PRO A 1 41  ? 20.726  3.386   -4.102  1.00 59.39  ? 41  PRO A N     1 
ATOM   277  C CA    . PRO A 1 41  ? 20.704  2.199   -3.240  1.00 58.53  ? 41  PRO A CA    1 
ATOM   278  C C     . PRO A 1 41  ? 20.599  2.555   -1.766  1.00 62.70  ? 41  PRO A C     1 
ATOM   279  O O     . PRO A 1 41  ? 21.307  3.429   -1.268  1.00 56.25  ? 41  PRO A O     1 
ATOM   280  C CB    . PRO A 1 41  ? 22.034  1.507   -3.560  1.00 61.86  ? 41  PRO A CB    1 
ATOM   281  C CG    . PRO A 1 41  ? 22.364  1.929   -4.944  1.00 60.49  ? 41  PRO A CG    1 
ATOM   282  C CD    . PRO A 1 41  ? 21.654  3.228   -5.238  1.00 58.27  ? 41  PRO A CD    1 
ATOM   283  N N     . GLY A 1 42  ? 19.685  1.874   -1.070  1.00 56.09  ? 42  GLY A N     1 
ATOM   284  C CA    . GLY A 1 42  ? 19.433  2.113   0.337   1.00 53.80  ? 42  GLY A CA    1 
ATOM   285  C C     . GLY A 1 42  ? 18.622  3.349   0.661   1.00 56.32  ? 42  GLY A C     1 
ATOM   286  O O     . GLY A 1 42  ? 18.302  3.569   1.837   1.00 54.76  ? 42  GLY A O     1 
ATOM   287  N N     . GLU A 1 43  ? 18.285  4.173   -0.324  1.00 51.41  ? 43  GLU A N     1 
ATOM   288  C CA    . GLU A 1 43  ? 17.550  5.395   -0.045  1.00 52.71  ? 43  GLU A CA    1 
ATOM   289  C C     . GLU A 1 43  ? 16.045  5.165   -0.196  1.00 56.17  ? 43  GLU A C     1 
ATOM   290  O O     . GLU A 1 43  ? 15.591  4.182   -0.792  1.00 48.66  ? 43  GLU A O     1 
ATOM   291  C CB    . GLU A 1 43  ? 18.005  6.530   -0.971  1.00 53.86  ? 43  GLU A CB    1 
ATOM   292  C CG    . GLU A 1 43  ? 19.515  6.843   -0.943  1.00 62.29  ? 43  GLU A CG    1 
ATOM   293  C CD    . GLU A 1 43  ? 19.999  7.346   0.420   1.00 65.21  ? 43  GLU A CD    1 
ATOM   294  O OE1   . GLU A 1 43  ? 19.265  8.119   1.072   1.00 64.01  ? 43  GLU A OE1   1 
ATOM   295  O OE2   . GLU A 1 43  ? 21.128  6.992   0.825   1.00 70.01  ? 43  GLU A OE2   1 
ATOM   296  N N     . ARG A 1 44  ? 15.268  6.109   0.335   1.00 50.72  ? 44  ARG A N     1 
ATOM   297  C CA    . ARG A 1 44  ? 13.814  6.056   0.304   1.00 51.54  ? 44  ARG A CA    1 
ATOM   298  C C     . ARG A 1 44  ? 13.270  7.409   -0.137  1.00 56.42  ? 44  ARG A C     1 
ATOM   299  O O     . ARG A 1 44  ? 13.955  8.434   -0.037  1.00 52.67  ? 44  ARG A O     1 
ATOM   300  C CB    . ARG A 1 44  ? 13.249  5.669   1.677   1.00 49.99  ? 44  ARG A CB    1 
ATOM   301  C CG    . ARG A 1 44  ? 13.488  6.703   2.772   1.00 54.70  ? 44  ARG A CG    1 
ATOM   302  C CD    . ARG A 1 44  ? 12.827  6.274   4.084   1.00 50.48  ? 44  ARG A CD    1 
ATOM   303  N NE    . ARG A 1 44  ? 13.074  7.219   5.171   1.00 52.26  ? 44  ARG A NE    1 
ATOM   304  C CZ    . ARG A 1 44  ? 14.241  7.384   5.788   1.00 57.48  ? 44  ARG A CZ    1 
ATOM   305  N NH1   . ARG A 1 44  ? 15.298  6.635   5.499   1.00 52.13  ? 44  ARG A NH1   1 
ATOM   306  N NH2   . ARG A 1 44  ? 14.350  8.327   6.716   1.00 54.78  ? 44  ARG A NH2   1 
ATOM   307  N N     . VAL A 1 45  ? 12.034  7.410   -0.641  1.00 47.39  ? 45  VAL A N     1 
ATOM   308  C CA    . VAL A 1 45  ? 11.383  8.643   -1.094  1.00 47.79  ? 45  VAL A CA    1 
ATOM   309  C C     . VAL A 1 45  ? 9.866   8.482   -0.973  1.00 54.80  ? 45  VAL A C     1 
ATOM   310  O O     . VAL A 1 45  ? 9.322   7.398   -1.195  1.00 56.51  ? 45  VAL A O     1 
ATOM   311  C CB    . VAL A 1 45  ? 11.804  9.007   -2.539  1.00 55.63  ? 45  VAL A CB    1 
ATOM   312  C CG1   . VAL A 1 45  ? 11.288  7.975   -3.556  1.00 45.24  ? 45  VAL A CG1   1 
ATOM   313  C CG2   . VAL A 1 45  ? 11.328  10.423  -2.902  1.00 53.80  ? 45  VAL A CG2   1 
ATOM   314  N N     . LEU A 1 46  ? 9.184   9.561   -0.606  1.00 49.90  ? 46  LEU A N     1 
ATOM   315  C CA    . LEU A 1 46  ? 7.728   9.594   -0.524  1.00 51.92  ? 46  LEU A CA    1 
ATOM   316  C C     . LEU A 1 46  ? 7.193   10.227  -1.804  1.00 54.26  ? 46  LEU A C     1 
ATOM   317  O O     . LEU A 1 46  ? 7.574   11.351  -2.137  1.00 53.61  ? 46  LEU A O     1 
ATOM   318  C CB    . LEU A 1 46  ? 7.280   10.391  0.706   1.00 48.52  ? 46  LEU A CB    1 
ATOM   319  C CG    . LEU A 1 46  ? 5.780   10.415  1.037   1.00 54.58  ? 46  LEU A CG    1 
ATOM   320  C CD1   . LEU A 1 46  ? 5.347   9.070   1.600   1.00 56.64  ? 46  LEU A CD1   1 
ATOM   321  C CD2   . LEU A 1 46  ? 5.432   11.525  2.021   1.00 57.97  ? 46  LEU A CD2   1 
ATOM   322  N N     . VAL A 1 47  ? 6.334   9.510   -2.538  1.00 49.46  ? 47  VAL A N     1 
ATOM   323  C CA    . VAL A 1 47  ? 5.750   10.059  -3.762  1.00 46.60  ? 47  VAL A CA    1 
ATOM   324  C C     . VAL A 1 47  ? 4.229   10.054  -3.633  1.00 49.84  ? 47  VAL A C     1 
ATOM   325  O O     . VAL A 1 47  ? 3.643   9.283   -2.863  1.00 52.36  ? 47  VAL A O     1 
ATOM   326  C CB    . VAL A 1 47  ? 6.189   9.297   -5.034  1.00 51.42  ? 47  VAL A CB    1 
ATOM   327  C CG1   . VAL A 1 47  ? 7.691   9.402   -5.239  1.00 53.77  ? 47  VAL A CG1   1 
ATOM   328  C CG2   . VAL A 1 47  ? 5.770   7.842   -4.960  1.00 50.73  ? 47  VAL A CG2   1 
ATOM   329  N N     . GLY A 1 48  ? 3.585   10.959  -4.386  1.00 47.04  ? 48  GLY A N     1 
ATOM   330  C CA    . GLY A 1 48  ? 2.141   10.971  -4.469  1.00 46.89  ? 48  GLY A CA    1 
ATOM   331  C C     . GLY A 1 48  ? 1.628   10.068  -5.580  1.00 53.59  ? 48  GLY A C     1 
ATOM   332  O O     . GLY A 1 48  ? 2.347   9.782   -6.538  1.00 47.51  ? 48  GLY A O     1 
ATOM   333  N N     . THR A 1 49  ? 0.379   9.604   -5.428  1.00 46.39  ? 49  THR A N     1 
ATOM   334  C CA    . THR A 1 49  ? -0.255  8.753   -6.429  1.00 49.74  ? 49  THR A CA    1 
ATOM   335  C C     . THR A 1 49  ? -1.291  9.481   -7.264  1.00 48.92  ? 49  THR A C     1 
ATOM   336  O O     . THR A 1 49  ? -1.800  8.897   -8.229  1.00 45.73  ? 49  THR A O     1 
ATOM   337  C CB    . THR A 1 49  ? -0.949  7.543   -5.775  1.00 48.15  ? 49  THR A CB    1 
ATOM   338  O OG1   . THR A 1 49  ? -1.962  8.010   -4.870  1.00 50.12  ? 49  THR A OG1   1 
ATOM   339  C CG2   . THR A 1 49  ? 0.059   6.641   -5.043  1.00 42.42  ? 49  THR A CG2   1 
ATOM   340  N N     . GLY A 1 50  ? -1.661  10.706  -6.892  1.00 44.35  ? 50  GLY A N     1 
ATOM   341  C CA    . GLY A 1 50  ? -2.625  11.467  -7.658  1.00 46.15  ? 50  GLY A CA    1 
ATOM   342  C C     . GLY A 1 50  ? -4.074  11.152  -7.375  1.00 49.87  ? 50  GLY A C     1 
ATOM   343  O O     . GLY A 1 50  ? -4.956  11.697  -8.053  1.00 48.26  ? 50  GLY A O     1 
ATOM   344  N N     . ILE A 1 51  ? -4.370  10.293  -6.408  1.00 41.84  ? 51  ILE A N     1 
ATOM   345  C CA    . ILE A 1 51  ? -5.759  9.947   -6.144  1.00 49.04  ? 51  ILE A CA    1 
ATOM   346  C C     . ILE A 1 51  ? -6.051  10.060  -4.655  1.00 50.14  ? 51  ILE A C     1 
ATOM   347  O O     . ILE A 1 51  ? -5.156  9.932   -3.815  1.00 46.92  ? 51  ILE A O     1 
ATOM   348  C CB    . ILE A 1 51  ? -6.106  8.533   -6.658  1.00 48.52  ? 51  ILE A CB    1 
ATOM   349  C CG1   . ILE A 1 51  ? -5.338  7.468   -5.875  1.00 45.15  ? 51  ILE A CG1   1 
ATOM   350  C CG2   . ILE A 1 51  ? -5.822  8.412   -8.164  1.00 47.23  ? 51  ILE A CG2   1 
ATOM   351  C CD1   . ILE A 1 51  ? -5.965  6.090   -5.995  1.00 51.05  ? 51  ILE A CD1   1 
ATOM   352  N N     . ALA A 1 52  ? -7.319  10.328  -4.344  1.00 46.46  ? 52  ALA A N     1 
ATOM   353  C CA    . ALA A 1 52  ? -7.881  10.222  -3.006  1.00 50.61  ? 52  ALA A CA    1 
ATOM   354  C C     . ALA A 1 52  ? -9.139  9.377   -3.113  1.00 50.57  ? 52  ALA A C     1 
ATOM   355  O O     . ALA A 1 52  ? -9.789  9.349   -4.163  1.00 48.80  ? 52  ALA A O     1 
ATOM   356  C CB    . ALA A 1 52  ? -8.218  11.610  -2.395  1.00 45.46  ? 52  ALA A CB    1 
ATOM   357  N N     . VAL A 1 53  ? -9.473  8.667   -2.035  1.00 45.32  ? 53  VAL A N     1 
ATOM   358  C CA    . VAL A 1 53  ? -10.614 7.760   -2.036  1.00 44.51  ? 53  VAL A CA    1 
ATOM   359  C C     . VAL A 1 53  ? -11.388 7.937   -0.737  1.00 53.29  ? 53  VAL A C     1 
ATOM   360  O O     . VAL A 1 53  ? -10.875 8.468   0.253   1.00 46.77  ? 53  VAL A O     1 
ATOM   361  C CB    . VAL A 1 53  ? -10.208 6.280   -2.192  1.00 47.26  ? 53  VAL A CB    1 
ATOM   362  C CG1   . VAL A 1 53  ? -9.470  6.043   -3.518  1.00 45.20  ? 53  VAL A CG1   1 
ATOM   363  C CG2   . VAL A 1 53  ? -9.370  5.827   -0.992  1.00 43.13  ? 53  VAL A CG2   1 
ATOM   364  N N     . ALA A 1 54  ? -12.635 7.466   -0.747  1.00 45.62  ? 54  ALA A N     1 
ATOM   365  C CA    . ALA A 1 54  ? -13.479 7.384   0.449   1.00 46.03  ? 54  ALA A CA    1 
ATOM   366  C C     . ALA A 1 54  ? -13.823 5.913   0.687   1.00 51.97  ? 54  ALA A C     1 
ATOM   367  O O     . ALA A 1 54  ? -14.866 5.433   0.233   1.00 53.58  ? 54  ALA A O     1 
ATOM   368  C CB    . ALA A 1 54  ? -14.754 8.236   0.300   1.00 48.53  ? 54  ALA A CB    1 
ATOM   369  N N     . LEU A 1 55  ? -12.950 5.200   1.408   1.00 48.20  ? 55  LEU A N     1 
ATOM   370  C CA    . LEU A 1 55  ? -13.231 3.807   1.746   1.00 53.74  ? 55  LEU A CA    1 
ATOM   371  C C     . LEU A 1 55  ? -14.342 3.742   2.791   1.00 50.80  ? 55  LEU A C     1 
ATOM   372  O O     . LEU A 1 55  ? -14.349 4.540   3.733   1.00 54.21  ? 55  LEU A O     1 
ATOM   373  C CB    . LEU A 1 55  ? -11.978 3.105   2.293   1.00 49.62  ? 55  LEU A CB    1 
ATOM   374  C CG    . LEU A 1 55  ? -10.794 3.062   1.328   1.00 49.90  ? 55  LEU A CG    1 
ATOM   375  C CD1   . LEU A 1 55  ? -9.502  2.749   2.076   1.00 52.40  ? 55  LEU A CD1   1 
ATOM   376  C CD2   . LEU A 1 55  ? -11.060 2.037   0.242   1.00 47.46  ? 55  LEU A CD2   1 
ATOM   377  N N     . PRO A 1 56  ? -15.287 2.805   2.658   1.00 52.13  ? 56  PRO A N     1 
ATOM   378  C CA    . PRO A 1 56  ? -16.369 2.709   3.644   1.00 52.06  ? 56  PRO A CA    1 
ATOM   379  C C     . PRO A 1 56  ? -15.883 2.181   4.986   1.00 56.79  ? 56  PRO A C     1 
ATOM   380  O O     . PRO A 1 56  ? -14.981 1.339   5.057   1.00 56.09  ? 56  PRO A O     1 
ATOM   381  C CB    . PRO A 1 56  ? -17.363 1.734   2.985   1.00 49.67  ? 56  PRO A CB    1 
ATOM   382  C CG    . PRO A 1 56  ? -16.527 0.923   2.065   1.00 53.19  ? 56  PRO A CG    1 
ATOM   383  C CD    . PRO A 1 56  ? -15.517 1.907   1.511   1.00 52.53  ? 56  PRO A CD    1 
ATOM   384  N N     . ILE A 1 57  ? -16.515 2.687   6.057   1.00 50.46  ? 57  ILE A N     1 
ATOM   385  C CA    . ILE A 1 57  ? -16.219 2.219   7.407   1.00 54.05  ? 57  ILE A CA    1 
ATOM   386  C C     . ILE A 1 57  ? -16.394 0.716   7.452   1.00 51.63  ? 57  ILE A C     1 
ATOM   387  O O     . ILE A 1 57  ? -17.362 0.173   6.915   1.00 50.24  ? 57  ILE A O     1 
ATOM   388  C CB    . ILE A 1 57  ? -17.117 2.910   8.450   1.00 55.79  ? 57  ILE A CB    1 
ATOM   389  C CG1   . ILE A 1 57  ? -17.041 4.435   8.313   1.00 67.02  ? 57  ILE A CG1   1 
ATOM   390  C CG2   . ILE A 1 57  ? -16.698 2.516   9.865   1.00 52.81  ? 57  ILE A CG2   1 
ATOM   391  C CD1   . ILE A 1 57  ? -15.764 5.042   8.859   1.00 72.94  ? 57  ILE A CD1   1 
ATOM   392  N N     . GLY A 1 58  ? -15.452 0.032   8.088   1.00 46.26  ? 58  GLY A N     1 
ATOM   393  C CA    . GLY A 1 58  ? -15.412 -1.413  8.043   1.00 44.44  ? 58  GLY A CA    1 
ATOM   394  C C     . GLY A 1 58  ? -14.373 -1.974  7.094   1.00 50.89  ? 58  GLY A C     1 
ATOM   395  O O     . GLY A 1 58  ? -14.096 -3.180  7.144   1.00 47.98  ? 58  GLY A O     1 
ATOM   396  N N     . THR A 1 59  ? -13.784 -1.141  6.236   1.00 44.89  ? 59  THR A N     1 
ATOM   397  C CA    . THR A 1 59  ? -12.743 -1.593  5.324   1.00 43.60  ? 59  THR A CA    1 
ATOM   398  C C     . THR A 1 59  ? -11.439 -0.851  5.592   1.00 46.84  ? 59  THR A C     1 
ATOM   399  O O     . THR A 1 59  ? -11.387 0.115   6.360   1.00 47.63  ? 59  THR A O     1 
ATOM   400  C CB    . THR A 1 59  ? -13.140 -1.395  3.856   1.00 49.18  ? 59  THR A CB    1 
ATOM   401  O OG1   . THR A 1 59  ? -13.213 0.010   3.569   1.00 44.72  ? 59  THR A OG1   1 
ATOM   402  C CG2   . THR A 1 59  ? -14.476 -2.083  3.543   1.00 48.98  ? 59  THR A CG2   1 
ATOM   403  N N     . VAL A 1 60  ? -10.380 -1.323  4.931   1.00 43.06  ? 60  VAL A N     1 
ATOM   404  C CA    . VAL A 1 60  ? -9.064  -0.698  4.987   1.00 43.85  ? 60  VAL A CA    1 
ATOM   405  C C     . VAL A 1 60  ? -8.455  -0.841  3.601   1.00 45.86  ? 60  VAL A C     1 
ATOM   406  O O     . VAL A 1 60  ? -8.713  -1.821  2.896   1.00 43.59  ? 60  VAL A O     1 
ATOM   407  C CB    . VAL A 1 60  ? -8.159  -1.341  6.072   1.00 42.52  ? 60  VAL A CB    1 
ATOM   408  C CG1   . VAL A 1 60  ? -7.973  -2.832  5.813   1.00 40.68  ? 60  VAL A CG1   1 
ATOM   409  C CG2   . VAL A 1 60  ? -6.804  -0.657  6.137   1.00 45.61  ? 60  VAL A CG2   1 
ATOM   410  N N     . GLY A 1 61  ? -7.677  0.155   3.187   1.00 38.92  ? 61  GLY A N     1 
ATOM   411  C CA    . GLY A 1 61  ? -6.865  0.044   1.980   1.00 41.78  ? 61  GLY A CA    1 
ATOM   412  C C     . GLY A 1 61  ? -5.442  -0.343  2.352   1.00 47.92  ? 61  GLY A C     1 
ATOM   413  O O     . GLY A 1 61  ? -4.868  0.207   3.292   1.00 46.23  ? 61  GLY A O     1 
ATOM   414  N N     . LEU A 1 62  ? -4.888  -1.299  1.611   1.00 48.90  ? 62  LEU A N     1 
ATOM   415  C CA    . LEU A 1 62  ? -3.542  -1.811  1.854   1.00 45.01  ? 62  LEU A CA    1 
ATOM   416  C C     . LEU A 1 62  ? -2.660  -1.584  0.631   1.00 49.88  ? 62  LEU A C     1 
ATOM   417  O O     . LEU A 1 62  ? -2.987  -2.047  -0.465  1.00 44.69  ? 62  LEU A O     1 
ATOM   418  C CB    . LEU A 1 62  ? -3.572  -3.306  2.186   1.00 45.48  ? 62  LEU A CB    1 
ATOM   419  C CG    . LEU A 1 62  ? -4.082  -3.809  3.548   1.00 50.91  ? 62  LEU A CG    1 
ATOM   420  C CD1   . LEU A 1 62  ? -3.721  -2.868  4.691   1.00 40.39  ? 62  LEU A CD1   1 
ATOM   421  C CD2   . LEU A 1 62  ? -5.536  -4.184  3.552   1.00 48.83  ? 62  LEU A CD2   1 
ATOM   422  N N     . ILE A 1 63  ? -1.512  -0.941  0.835   1.00 44.21  ? 63  ILE A N     1 
ATOM   423  C CA    . ILE A 1 63  ? -0.560  -0.658  -0.235  1.00 45.99  ? 63  ILE A CA    1 
ATOM   424  C C     . ILE A 1 63  ? 0.552   -1.703  -0.166  1.00 43.87  ? 63  ILE A C     1 
ATOM   425  O O     . ILE A 1 63  ? 1.320   -1.744  0.799   1.00 42.40  ? 63  ILE A O     1 
ATOM   426  C CB    . ILE A 1 63  ? -0.017  0.774   -0.117  1.00 45.17  ? 63  ILE A CB    1 
ATOM   427  C CG1   . ILE A 1 63  ? -1.168  1.778   -0.258  1.00 43.94  ? 63  ILE A CG1   1 
ATOM   428  C CG2   . ILE A 1 63  ? 1.070   1.049   -1.147  1.00 47.80  ? 63  ILE A CG2   1 
ATOM   429  C CD1   . ILE A 1 63  ? -0.785  3.180   0.123   1.00 53.59  ? 63  ILE A CD1   1 
ATOM   430  N N     . HIS A 1 64  ? 0.637   -2.573  -1.196  1.00 43.91  ? 64  HIS A N     1 
ATOM   431  C CA    . HIS A 1 64  ? 1.613   -3.656  -1.319  1.00 43.52  ? 64  HIS A CA    1 
ATOM   432  C C     . HIS A 1 64  ? 2.653   -3.326  -2.389  1.00 45.82  ? 64  HIS A C     1 
ATOM   433  O O     . HIS A 1 64  ? 2.328   -2.667  -3.379  1.00 45.46  ? 64  HIS A O     1 
ATOM   434  C CB    . HIS A 1 64  ? 0.931   -4.977  -1.701  1.00 48.61  ? 64  HIS A CB    1 
ATOM   435  C CG    . HIS A 1 64  ? 0.029   -5.530  -0.640  1.00 45.68  ? 64  HIS A CG    1 
ATOM   436  N ND1   . HIS A 1 64  ? -0.453  -6.820  -0.676  1.00 46.47  ? 64  HIS A ND1   1 
ATOM   437  C CD2   . HIS A 1 64  ? -0.478  -4.969  0.486   1.00 44.93  ? 64  HIS A CD2   1 
ATOM   438  C CE1   . HIS A 1 64  ? -1.230  -7.029  0.376   1.00 47.94  ? 64  HIS A CE1   1 
ATOM   439  N NE2   . HIS A 1 64  ? -1.259  -5.924  1.099   1.00 49.04  ? 64  HIS A NE2   1 
ATOM   440  N N     . PRO A 1 65  ? 3.908   -3.767  -2.230  1.00 44.63  ? 65  PRO A N     1 
ATOM   441  C CA    . PRO A 1 65  ? 4.884   -3.583  -3.309  1.00 48.40  ? 65  PRO A CA    1 
ATOM   442  C C     . PRO A 1 65  ? 4.458   -4.358  -4.549  1.00 48.19  ? 65  PRO A C     1 
ATOM   443  O O     . PRO A 1 65  ? 3.733   -5.353  -4.462  1.00 47.99  ? 65  PRO A O     1 
ATOM   444  C CB    . PRO A 1 65  ? 6.182   -4.153  -2.723  1.00 44.12  ? 65  PRO A CB    1 
ATOM   445  C CG    . PRO A 1 65  ? 5.977   -4.103  -1.202  1.00 47.81  ? 65  PRO A CG    1 
ATOM   446  C CD    . PRO A 1 65  ? 4.514   -4.457  -1.068  1.00 44.80  ? 65  PRO A CD    1 
ATOM   447  N N     . ARG A 1 66  ? 4.920   -3.889  -5.710  1.00 48.29  ? 66  ARG A N     1 
ATOM   448  C CA    . ARG A 1 66  ? 4.759   -4.630  -6.963  1.00 49.88  ? 66  ARG A CA    1 
ATOM   449  C C     . ARG A 1 66  ? 5.750   -5.790  -7.010  1.00 52.86  ? 66  ARG A C     1 
ATOM   450  O O     . ARG A 1 66  ? 6.924   -5.641  -6.648  1.00 52.90  ? 66  ARG A O     1 
ATOM   451  C CB    . ARG A 1 66  ? 4.987   -3.703  -8.163  1.00 54.20  ? 66  ARG A CB    1 
ATOM   452  C CG    . ARG A 1 66  ? 3.940   -2.600  -8.314  1.00 62.65  ? 66  ARG A CG    1 
ATOM   453  C CD    . ARG A 1 66  ? 3.189   -2.682  -9.632  1.00 73.89  ? 66  ARG A CD    1 
ATOM   454  N NE    . ARG A 1 66  ? 4.100   -2.724  -10.765 1.00 67.52  ? 66  ARG A NE    1 
ATOM   455  C CZ    . ARG A 1 66  ? 3.763   -3.188  -11.959 1.00 77.71  ? 66  ARG A CZ    1 
ATOM   456  N NH1   . ARG A 1 66  ? 2.557   -3.684  -12.190 1.00 77.54  ? 66  ARG A NH1   1 
ATOM   457  N NH2   . ARG A 1 66  ? 4.660   -3.157  -12.942 1.00 75.77  ? 66  ARG A NH2   1 
ATOM   458  N N     . SER A 1 67  ? 5.282   -6.952  -7.468  1.00 51.75  ? 67  SER A N     1 
ATOM   459  C CA    . SER A 1 67  ? 6.131   -8.142  -7.422  1.00 54.38  ? 67  SER A CA    1 
ATOM   460  C C     . SER A 1 67  ? 7.317   -8.016  -8.372  1.00 50.36  ? 67  SER A C     1 
ATOM   461  O O     . SER A 1 67  ? 8.455   -8.307  -7.994  1.00 52.03  ? 67  SER A O     1 
ATOM   462  C CB    . SER A 1 67  ? 5.317   -9.399  -7.749  1.00 62.42  ? 67  SER A CB    1 
ATOM   463  O OG    . SER A 1 67  ? 3.999   -9.318  -7.223  1.00 77.04  ? 67  SER A OG    1 
ATOM   464  N N     . GLY A 1 68  ? 7.069   -7.583  -9.612  1.00 56.17  ? 68  GLY A N     1 
ATOM   465  C CA    . GLY A 1 68  ? 8.132   -7.566  -10.611 1.00 62.21  ? 68  GLY A CA    1 
ATOM   466  C C     . GLY A 1 68  ? 9.281   -6.648  -10.237 1.00 59.75  ? 68  GLY A C     1 
ATOM   467  O O     . GLY A 1 68  ? 10.447  -7.055  -10.243 1.00 55.85  ? 68  GLY A O     1 
ATOM   468  N N     . LEU A 1 69  ? 8.963   -5.403  -9.877  1.00 56.40  ? 69  LEU A N     1 
ATOM   469  C CA    . LEU A 1 69  ? 9.999   -4.447  -9.493  1.00 55.27  ? 69  LEU A CA    1 
ATOM   470  C C     . LEU A 1 69  ? 10.748  -4.882  -8.234  1.00 57.93  ? 69  LEU A C     1 
ATOM   471  O O     . LEU A 1 69  ? 11.938  -4.571  -8.078  1.00 58.47  ? 69  LEU A O     1 
ATOM   472  C CB    . LEU A 1 69  ? 9.376   -3.068  -9.297  1.00 55.73  ? 69  LEU A CB    1 
ATOM   473  C CG    . LEU A 1 69  ? 8.808   -2.481  -10.589 1.00 65.92  ? 69  LEU A CG    1 
ATOM   474  C CD1   . LEU A 1 69  ? 8.153   -1.131  -10.340 1.00 59.23  ? 69  LEU A CD1   1 
ATOM   475  C CD2   . LEU A 1 69  ? 9.924   -2.361  -11.614 1.00 63.30  ? 69  LEU A CD2   1 
ATOM   476  N N     . ALA A 1 70  ? 10.082  -5.609  -7.334  1.00 51.70  ? 70  ALA A N     1 
ATOM   477  C CA    . ALA A 1 70  ? 10.760  -6.100  -6.139  1.00 53.05  ? 70  ALA A CA    1 
ATOM   478  C C     . ALA A 1 70  ? 11.863  -7.089  -6.507  1.00 59.13  ? 70  ALA A C     1 
ATOM   479  O O     . ALA A 1 70  ? 13.027  -6.936  -6.104  1.00 50.31  ? 70  ALA A O     1 
ATOM   480  C CB    . ALA A 1 70  ? 9.743   -6.745  -5.197  1.00 51.11  ? 70  ALA A CB    1 
ATOM   481  N N     . ALA A 1 71  ? 11.516  -8.110  -7.291  1.00 51.59  ? 71  ALA A N     1 
ATOM   482  C CA    . ALA A 1 71  ? 12.511  -9.105  -7.662  1.00 54.38  ? 71  ALA A CA    1 
ATOM   483  C C     . ALA A 1 71  ? 13.573  -8.507  -8.585  1.00 59.69  ? 71  ALA A C     1 
ATOM   484  O O     . ALA A 1 71  ? 14.772  -8.738  -8.394  1.00 56.49  ? 71  ALA A O     1 
ATOM   485  C CB    . ALA A 1 71  ? 11.819  -10.305 -8.311  1.00 49.73  ? 71  ALA A CB    1 
ATOM   486  N N     . LYS A 1 72  ? 13.157  -7.705  -9.569  1.00 60.65  ? 72  LYS A N     1 
ATOM   487  C CA    . LYS A 1 72  ? 14.085  -7.260  -10.605 1.00 60.67  ? 72  LYS A CA    1 
ATOM   488  C C     . LYS A 1 72  ? 14.988  -6.119  -10.133 1.00 69.21  ? 72  LYS A C     1 
ATOM   489  O O     . LYS A 1 72  ? 16.175  -6.088  -10.478 1.00 63.83  ? 72  LYS A O     1 
ATOM   490  C CB    . LYS A 1 72  ? 13.309  -6.847  -11.857 1.00 64.51  ? 72  LYS A CB    1 
ATOM   491  C CG    . LYS A 1 72  ? 13.037  -7.991  -12.831 1.00 75.36  ? 72  LYS A CG    1 
ATOM   492  C CD    . LYS A 1 72  ? 11.736  -7.785  -13.603 1.00 88.11  ? 72  LYS A CD    1 
ATOM   493  C CE    . LYS A 1 72  ? 11.073  -9.119  -13.944 1.00 96.05  ? 72  LYS A CE    1 
ATOM   494  N NZ    . LYS A 1 72  ? 10.408  -9.744  -12.760 1.00 95.76  ? 72  LYS A NZ    1 
ATOM   495  N N     . ALA A 1 73  ? 14.460  -5.162  -9.360  1.00 56.86  ? 73  ALA A N     1 
ATOM   496  C CA    . ALA A 1 73  ? 15.253  -4.008  -8.956  1.00 56.67  ? 73  ALA A CA    1 
ATOM   497  C C     . ALA A 1 73  ? 15.423  -3.842  -7.453  1.00 58.13  ? 73  ALA A C     1 
ATOM   498  O O     . ALA A 1 73  ? 16.160  -2.942  -7.037  1.00 55.89  ? 73  ALA A O     1 
ATOM   499  C CB    . ALA A 1 73  ? 14.646  -2.716  -9.521  1.00 54.50  ? 73  ALA A CB    1 
ATOM   500  N N     . GLY A 1 74  ? 14.778  -4.663  -6.624  1.00 51.74  ? 74  GLY A N     1 
ATOM   501  C CA    . GLY A 1 74  ? 14.834  -4.424  -5.195  1.00 47.95  ? 74  GLY A CA    1 
ATOM   502  C C     . GLY A 1 74  ? 13.904  -3.339  -4.685  1.00 48.97  ? 74  GLY A C     1 
ATOM   503  O O     . GLY A 1 74  ? 14.039  -2.929  -3.526  1.00 51.10  ? 74  GLY A O     1 
ATOM   504  N N     . LEU A 1 75  ? 12.968  -2.859  -5.505  1.00 51.43  ? 75  LEU A N     1 
ATOM   505  C CA    . LEU A 1 75  ? 12.062  -1.801  -5.077  1.00 49.30  ? 75  LEU A CA    1 
ATOM   506  C C     . LEU A 1 75  ? 11.052  -2.341  -4.071  1.00 55.44  ? 75  LEU A C     1 
ATOM   507  O O     . LEU A 1 75  ? 10.452  -3.399  -4.295  1.00 52.20  ? 75  LEU A O     1 
ATOM   508  C CB    . LEU A 1 75  ? 11.326  -1.220  -6.281  1.00 50.00  ? 75  LEU A CB    1 
ATOM   509  C CG    . LEU A 1 75  ? 10.449  -0.001  -5.958  1.00 54.74  ? 75  LEU A CG    1 
ATOM   510  C CD1   . LEU A 1 75  ? 11.296  1.194   -5.557  1.00 44.67  ? 75  LEU A CD1   1 
ATOM   511  C CD2   . LEU A 1 75  ? 9.538   0.364   -7.120  1.00 51.65  ? 75  LEU A CD2   1 
ATOM   512  N N     . SER A 1 76  ? 10.854  -1.622  -2.965  1.00 48.71  ? 76  SER A N     1 
ATOM   513  C CA    . SER A 1 76  ? 9.825   -2.027  -2.004  1.00 48.52  ? 76  SER A CA    1 
ATOM   514  C C     . SER A 1 76  ? 9.196   -0.781  -1.382  1.00 52.12  ? 76  SER A C     1 
ATOM   515  O O     . SER A 1 76  ? 9.421   0.344   -1.839  1.00 44.71  ? 76  SER A O     1 
ATOM   516  C CB    . SER A 1 76  ? 10.396  -2.968  -0.932  1.00 46.26  ? 76  SER A CB    1 
ATOM   517  O OG    . SER A 1 76  ? 9.326   -3.558  -0.194  1.00 49.53  ? 76  SER A OG    1 
ATOM   518  N N     . VAL A 1 77  ? 8.409   -0.999  -0.323  1.00 44.22  ? 77  VAL A N     1 
ATOM   519  C CA    . VAL A 1 77  ? 7.664   0.038   0.392   1.00 47.45  ? 77  VAL A CA    1 
ATOM   520  C C     . VAL A 1 77  ? 8.082   -0.029  1.860   1.00 50.86  ? 77  VAL A C     1 
ATOM   521  O O     . VAL A 1 77  ? 8.017   -1.104  2.474   1.00 44.58  ? 77  VAL A O     1 
ATOM   522  C CB    . VAL A 1 77  ? 6.141   -0.172  0.228   1.00 53.84  ? 77  VAL A CB    1 
ATOM   523  C CG1   . VAL A 1 77  ? 5.315   0.758   1.133   1.00 42.97  ? 77  VAL A CG1   1 
ATOM   524  C CG2   . VAL A 1 77  ? 5.724   -0.022  -1.253  1.00 42.59  ? 77  VAL A CG2   1 
ATOM   525  N N     . VAL A 1 78  ? 8.518   1.109   2.421   1.00 46.34  ? 78  VAL A N     1 
ATOM   526  C CA    . VAL A 1 78  ? 9.148   1.076   3.748   1.00 46.09  ? 78  VAL A CA    1 
ATOM   527  C C     . VAL A 1 78  ? 8.153   0.621   4.812   1.00 45.27  ? 78  VAL A C     1 
ATOM   528  O O     . VAL A 1 78  ? 8.461   -0.230  5.660   1.00 45.63  ? 78  VAL A O     1 
ATOM   529  C CB    . VAL A 1 78  ? 9.748   2.447   4.116   1.00 47.88  ? 78  VAL A CB    1 
ATOM   530  C CG1   . VAL A 1 78  ? 10.427  2.350   5.480   1.00 48.43  ? 78  VAL A CG1   1 
ATOM   531  C CG2   . VAL A 1 78  ? 10.753  2.889   3.101   1.00 53.98  ? 78  VAL A CG2   1 
ATOM   532  N N     . ASN A 1 79  ? 6.969   1.229   4.827   1.00 44.84  ? 79  ASN A N     1 
ATOM   533  C CA    . ASN A 1 79  ? 5.920   0.903   5.788   1.00 46.89  ? 79  ASN A CA    1 
ATOM   534  C C     . ASN A 1 79  ? 4.984   -0.195  5.289   1.00 46.43  ? 79  ASN A C     1 
ATOM   535  O O     . ASN A 1 79  ? 3.802   -0.205  5.658   1.00 45.72  ? 79  ASN A O     1 
ATOM   536  C CB    . ASN A 1 79  ? 5.112   2.162   6.125   1.00 43.72  ? 79  ASN A CB    1 
ATOM   537  C CG    . ASN A 1 79  ? 4.387   2.721   4.918   1.00 48.13  ? 79  ASN A CG    1 
ATOM   538  O OD1   . ASN A 1 79  ? 4.933   2.755   3.817   1.00 46.60  ? 79  ASN A OD1   1 
ATOM   539  N ND2   . ASN A 1 79  ? 3.161   3.162   5.114   1.00 46.46  ? 79  ASN A ND2   1 
ATOM   540  N N     . THR A 1 80  ? 5.459   -1.104  4.442   1.00 45.24  ? 80  THR A N     1 
ATOM   541  C CA    . THR A 1 80  ? 4.557   -2.100  3.879   1.00 41.71  ? 80  THR A CA    1 
ATOM   542  C C     . THR A 1 80  ? 4.029   -3.018  4.981   1.00 42.95  ? 80  THR A C     1 
ATOM   543  O O     . THR A 1 80  ? 4.756   -3.329  5.933   1.00 43.89  ? 80  THR A O     1 
ATOM   544  C CB    . THR A 1 80  ? 5.255   -2.930  2.797   1.00 45.32  ? 80  THR A CB    1 
ATOM   545  O OG1   . THR A 1 80  ? 4.301   -3.813  2.172   1.00 43.32  ? 80  THR A OG1   1 
ATOM   546  C CG2   . THR A 1 80  ? 6.393   -3.755  3.388   1.00 40.46  ? 80  THR A CG2   1 
ATOM   547  N N     . PRO A 1 81  ? 2.753   -3.434  4.906   1.00 45.26  ? 81  PRO A N     1 
ATOM   548  C CA    . PRO A 1 81  ? 1.730   -2.986  3.945   1.00 42.20  ? 81  PRO A CA    1 
ATOM   549  C C     . PRO A 1 81  ? 1.269   -1.586  4.328   1.00 45.36  ? 81  PRO A C     1 
ATOM   550  O O     . PRO A 1 81  ? 0.922   -1.358  5.494   1.00 45.81  ? 81  PRO A O     1 
ATOM   551  C CB    . PRO A 1 81  ? 0.640   -4.063  4.080   1.00 43.71  ? 81  PRO A CB    1 
ATOM   552  C CG    . PRO A 1 81  ? 0.747   -4.514  5.499   1.00 49.10  ? 81  PRO A CG    1 
ATOM   553  C CD    . PRO A 1 81  ? 2.220   -4.445  5.843   1.00 41.87  ? 81  PRO A CD    1 
ATOM   554  N N     . GLY A 1 82  ? 1.313   -0.606  3.419   1.00 42.60  ? 82  GLY A N     1 
ATOM   555  C CA    . GLY A 1 82  ? 0.867   0.737   3.759   1.00 45.86  ? 82  GLY A CA    1 
ATOM   556  C C     . GLY A 1 82  ? -0.610  0.731   4.116   1.00 45.21  ? 82  GLY A C     1 
ATOM   557  O O     . GLY A 1 82  ? -1.409  0.153   3.381   1.00 47.80  ? 82  GLY A O     1 
ATOM   558  N N     . THR A 1 83  ? -0.993  1.355   5.227   1.00 41.77  ? 83  THR A N     1 
ATOM   559  C CA    . THR A 1 83  ? -2.345  1.232   5.776   1.00 45.99  ? 83  THR A CA    1 
ATOM   560  C C     . THR A 1 83  ? -3.130  2.522   5.538   1.00 49.98  ? 83  THR A C     1 
ATOM   561  O O     . THR A 1 83  ? -2.812  3.566   6.114   1.00 43.11  ? 83  THR A O     1 
ATOM   562  C CB    . THR A 1 83  ? -2.259  0.892   7.261   1.00 50.42  ? 83  THR A CB    1 
ATOM   563  O OG1   . THR A 1 83  ? -1.466  -0.297  7.404   1.00 48.69  ? 83  THR A OG1   1 
ATOM   564  C CG2   . THR A 1 83  ? -3.648  0.647   7.845   1.00 45.47  ? 83  THR A CG2   1 
ATOM   565  N N     . VAL A 1 84  ? -4.141  2.454   4.676   1.00 47.43  ? 84  VAL A N     1 
ATOM   566  C CA    . VAL A 1 84  ? -4.977  3.604   4.335   1.00 44.14  ? 84  VAL A CA    1 
ATOM   567  C C     . VAL A 1 84  ? -6.286  3.473   5.105   1.00 52.29  ? 84  VAL A C     1 
ATOM   568  O O     . VAL A 1 84  ? -7.069  2.556   4.843   1.00 45.94  ? 84  VAL A O     1 
ATOM   569  C CB    . VAL A 1 84  ? -5.246  3.682   2.825   1.00 45.30  ? 84  VAL A CB    1 
ATOM   570  C CG1   . VAL A 1 84  ? -6.171  4.861   2.526   1.00 40.64  ? 84  VAL A CG1   1 
ATOM   571  C CG2   . VAL A 1 84  ? -3.931  3.775   2.046   1.00 43.21  ? 84  VAL A CG2   1 
ATOM   572  N N     . ASP A 1 85  ? -6.546  4.397   6.032   1.00 46.26  ? 85  ASP A N     1 
ATOM   573  C CA    . ASP A 1 85  ? -7.707  4.273   6.904   1.00 46.85  ? 85  ASP A CA    1 
ATOM   574  C C     . ASP A 1 85  ? -8.985  4.722   6.193   1.00 46.88  ? 85  ASP A C     1 
ATOM   575  O O     . ASP A 1 85  ? -8.949  5.539   5.267   1.00 44.37  ? 85  ASP A O     1 
ATOM   576  C CB    . ASP A 1 85  ? -7.496  5.084   8.188   1.00 48.24  ? 85  ASP A CB    1 
ATOM   577  C CG    . ASP A 1 85  ? -6.307  4.581   8.999   1.00 56.39  ? 85  ASP A CG    1 
ATOM   578  O OD1   . ASP A 1 85  ? -6.406  3.481   9.592   1.00 48.23  ? 85  ASP A OD1   1 
ATOM   579  O OD2   . ASP A 1 85  ? -5.266  5.269   9.031   1.00 53.92  ? 85  ASP A OD2   1 
ATOM   580  N N     . ALA A 1 86  ? -10.121 4.161   6.639   1.00 45.55  ? 86  ALA A N     1 
ATOM   581  C CA    . ALA A 1 86  ? -11.412 4.460   6.017   1.00 47.54  ? 86  ALA A CA    1 
ATOM   582  C C     . ALA A 1 86  ? -11.720 5.953   6.043   1.00 52.58  ? 86  ALA A C     1 
ATOM   583  O O     . ALA A 1 86  ? -12.293 6.492   5.088   1.00 54.62  ? 86  ALA A O     1 
ATOM   584  C CB    . ALA A 1 86  ? -12.534 3.687   6.714   1.00 51.20  ? 86  ALA A CB    1 
ATOM   585  N N     . GLY A 1 87  ? -11.352 6.643   7.124   1.00 49.84  ? 87  GLY A N     1 
ATOM   586  C CA    . GLY A 1 87  ? -11.646 8.063   7.217   1.00 44.61  ? 87  GLY A CA    1 
ATOM   587  C C     . GLY A 1 87  ? -10.685 8.981   6.496   1.00 54.24  ? 87  GLY A C     1 
ATOM   588  O O     . GLY A 1 87  ? -10.868 10.201  6.529   1.00 52.61  ? 87  GLY A O     1 
ATOM   589  N N     . TYR A 1 88  ? -9.656  8.439   5.847   1.00 49.35  ? 88  TYR A N     1 
ATOM   590  C CA    . TYR A 1 88  ? -8.644  9.264   5.197   1.00 49.90  ? 88  TYR A CA    1 
ATOM   591  C C     . TYR A 1 88  ? -9.190  9.877   3.920   1.00 51.27  ? 88  TYR A C     1 
ATOM   592  O O     . TYR A 1 88  ? -9.765  9.174   3.081   1.00 48.37  ? 88  TYR A O     1 
ATOM   593  C CB    . TYR A 1 88  ? -7.410  8.425   4.865   1.00 43.71  ? 88  TYR A CB    1 
ATOM   594  C CG    . TYR A 1 88  ? -6.275  9.226   4.265   1.00 48.14  ? 88  TYR A CG    1 
ATOM   595  C CD1   . TYR A 1 88  ? -5.590  10.178  5.023   1.00 52.09  ? 88  TYR A CD1   1 
ATOM   596  C CD2   . TYR A 1 88  ? -5.887  9.033   2.940   1.00 42.84  ? 88  TYR A CD2   1 
ATOM   597  C CE1   . TYR A 1 88  ? -4.533  10.900  4.476   1.00 56.48  ? 88  TYR A CE1   1 
ATOM   598  C CE2   . TYR A 1 88  ? -4.828  9.742   2.390   1.00 47.96  ? 88  TYR A CE2   1 
ATOM   599  C CZ    . TYR A 1 88  ? -4.156  10.676  3.162   1.00 52.92  ? 88  TYR A CZ    1 
ATOM   600  O OH    . TYR A 1 88  ? -3.113  11.398  2.612   1.00 53.15  ? 88  TYR A OH    1 
ATOM   601  N N     . ARG A 1 89  ? -8.981  11.186  3.755   1.00 50.91  ? 89  ARG A N     1 
ATOM   602  C CA    . ARG A 1 89  ? -9.481  11.901  2.589   1.00 51.73  ? 89  ARG A CA    1 
ATOM   603  C C     . ARG A 1 89  ? -8.372  12.654  1.870   1.00 54.50  ? 89  ARG A C     1 
ATOM   604  O O     . ARG A 1 89  ? -8.666  13.449  0.977   1.00 51.60  ? 89  ARG A O     1 
ATOM   605  C CB    . ARG A 1 89  ? -10.608 12.869  2.982   1.00 51.42  ? 89  ARG A CB    1 
ATOM   606  C CG    . ARG A 1 89  ? -11.856 12.161  3.481   1.00 52.14  ? 89  ARG A CG    1 
ATOM   607  C CD    . ARG A 1 89  ? -12.619 11.483  2.338   1.00 48.93  ? 89  ARG A CD    1 
ATOM   608  N NE    . ARG A 1 89  ? -13.776 10.728  2.815   1.00 48.43  ? 89  ARG A NE    1 
ATOM   609  C CZ    . ARG A 1 89  ? -13.718 9.547   3.418   1.00 57.70  ? 89  ARG A CZ    1 
ATOM   610  N NH1   . ARG A 1 89  ? -12.568 8.893   3.562   1.00 49.10  ? 89  ARG A NH1   1 
ATOM   611  N NH2   . ARG A 1 89  ? -14.844 8.993   3.865   1.00 47.23  ? 89  ARG A NH2   1 
ATOM   612  N N     . GLY A 1 90  ? -7.106  12.428  2.235   1.00 53.57  ? 90  GLY A N     1 
ATOM   613  C CA    . GLY A 1 90  ? -5.993  13.045  1.545   1.00 52.52  ? 90  GLY A CA    1 
ATOM   614  C C     . GLY A 1 90  ? -5.557  12.242  0.329   1.00 53.19  ? 90  GLY A C     1 
ATOM   615  O O     . GLY A 1 90  ? -6.100  11.178  0.023   1.00 48.03  ? 90  GLY A O     1 
ATOM   616  N N     . GLU A 1 91  ? -4.564  12.788  -0.378  1.00 48.04  ? 91  GLU A N     1 
ATOM   617  C CA    . GLU A 1 91  ? -3.915  12.066  -1.466  1.00 49.32  ? 91  GLU A CA    1 
ATOM   618  C C     . GLU A 1 91  ? -3.194  10.841  -0.921  1.00 50.58  ? 91  GLU A C     1 
ATOM   619  O O     . GLU A 1 91  ? -2.480  10.926  0.080   1.00 46.54  ? 91  GLU A O     1 
ATOM   620  C CB    . GLU A 1 91  ? -2.909  12.970  -2.180  1.00 46.35  ? 91  GLU A CB    1 
ATOM   621  C CG    . GLU A 1 91  ? -2.290  12.322  -3.427  1.00 50.33  ? 91  GLU A CG    1 
ATOM   622  C CD    . GLU A 1 91  ? -1.178  13.158  -4.053  1.00 58.80  ? 91  GLU A CD    1 
ATOM   623  O OE1   . GLU A 1 91  ? -0.852  14.231  -3.501  1.00 60.10  ? 91  GLU A OE1   1 
ATOM   624  O OE2   . GLU A 1 91  ? -0.628  12.738  -5.101  1.00 55.51  ? 91  GLU A OE2   1 
ATOM   625  N N     . ILE A 1 92  ? -3.358  9.700   -1.587  1.00 46.41  ? 92  ILE A N     1 
ATOM   626  C CA    . ILE A 1 92  ? -2.625  8.505   -1.180  1.00 46.00  ? 92  ILE A CA    1 
ATOM   627  C C     . ILE A 1 92  ? -1.165  8.666   -1.571  1.00 45.38  ? 92  ILE A C     1 
ATOM   628  O O     . ILE A 1 92  ? -0.850  9.023   -2.713  1.00 46.86  ? 92  ILE A O     1 
ATOM   629  C CB    . ILE A 1 92  ? -3.235  7.251   -1.822  1.00 49.70  ? 92  ILE A CB    1 
ATOM   630  C CG1   . ILE A 1 92  ? -4.631  6.988   -1.250  1.00 49.89  ? 92  ILE A CG1   1 
ATOM   631  C CG2   . ILE A 1 92  ? -2.307  6.047   -1.618  1.00 48.65  ? 92  ILE A CG2   1 
ATOM   632  C CD1   . ILE A 1 92  ? -5.363  5.836   -1.943  1.00 50.26  ? 92  ILE A CD1   1 
ATOM   633  N N     . LYS A 1 93  ? -0.263  8.385   -0.637  1.00 42.48  ? 93  LYS A N     1 
ATOM   634  C CA    . LYS A 1 93  ? 1.161   8.486   -0.911  1.00 46.26  ? 93  LYS A CA    1 
ATOM   635  C C     . LYS A 1 93  ? 1.839   7.151   -0.644  1.00 48.53  ? 93  LYS A C     1 
ATOM   636  O O     . LYS A 1 93  ? 1.337   6.321   0.122   1.00 44.94  ? 93  LYS A O     1 
ATOM   637  C CB    . LYS A 1 93  ? 1.784   9.620   -0.073  1.00 51.03  ? 93  LYS A CB    1 
ATOM   638  C CG    . LYS A 1 93  ? 1.032   10.944  -0.325  1.00 55.87  ? 93  LYS A CG    1 
ATOM   639  C CD    . LYS A 1 93  ? 1.635   12.155  0.352   1.00 69.42  ? 93  LYS A CD    1 
ATOM   640  C CE    . LYS A 1 93  ? 1.224   13.415  -0.415  1.00 68.08  ? 93  LYS A CE    1 
ATOM   641  N NZ    . LYS A 1 93  ? 1.438   14.662  0.373   1.00 81.85  ? 93  LYS A NZ    1 
ATOM   642  N N     . VAL A 1 94  ? 2.967   6.929   -1.314  1.00 47.29  ? 94  VAL A N     1 
ATOM   643  C CA    . VAL A 1 94  ? 3.721   5.685   -1.193  1.00 45.84  ? 94  VAL A CA    1 
ATOM   644  C C     . VAL A 1 94  ? 5.150   6.025   -0.787  1.00 50.71  ? 94  VAL A C     1 
ATOM   645  O O     . VAL A 1 94  ? 5.804   6.836   -1.449  1.00 47.81  ? 94  VAL A O     1 
ATOM   646  C CB    . VAL A 1 94  ? 3.708   4.888   -2.513  1.00 47.84  ? 94  VAL A CB    1 
ATOM   647  C CG1   . VAL A 1 94  ? 4.504   3.603   -2.372  1.00 44.73  ? 94  VAL A CG1   1 
ATOM   648  C CG2   . VAL A 1 94  ? 2.274   4.585   -2.933  1.00 44.59  ? 94  VAL A CG2   1 
ATOM   649  N N     . CYS A 1 95  ? 5.648   5.380   0.273   1.00 45.12  ? 95  CYS A N     1 
ATOM   650  C CA    . CYS A 1 95  ? 7.037   5.559   0.716   1.00 46.53  ? 95  CYS A CA    1 
ATOM   651  C C     . CYS A 1 95  ? 7.901   4.429   0.151   1.00 47.12  ? 95  CYS A C     1 
ATOM   652  O O     . CYS A 1 95  ? 7.955   3.334   0.715   1.00 53.48  ? 95  CYS A O     1 
ATOM   653  C CB    . CYS A 1 95  ? 7.116   5.600   2.236   1.00 49.66  ? 95  CYS A CB    1 
ATOM   654  S SG    . CYS A 1 95  ? 8.792   6.024   2.800   1.00 56.72  ? 95  CYS A SG    1 
ATOM   655  N N     . LEU A 1 96  ? 8.585   4.703   -0.961  1.00 44.67  ? 96  LEU A N     1 
ATOM   656  C CA    . LEU A 1 96  ? 9.358   3.719   -1.714  1.00 47.61  ? 96  LEU A CA    1 
ATOM   657  C C     . LEU A 1 96  ? 10.787  3.639   -1.183  1.00 50.57  ? 96  LEU A C     1 
ATOM   658  O O     . LEU A 1 96  ? 11.324  4.627   -0.685  1.00 47.06  ? 96  LEU A O     1 
ATOM   659  C CB    . LEU A 1 96  ? 9.394   4.097   -3.198  1.00 49.78  ? 96  LEU A CB    1 
ATOM   660  C CG    . LEU A 1 96  ? 8.091   4.109   -3.988  1.00 48.17  ? 96  LEU A CG    1 
ATOM   661  C CD1   . LEU A 1 96  ? 8.299   4.736   -5.369  1.00 43.01  ? 96  LEU A CD1   1 
ATOM   662  C CD2   . LEU A 1 96  ? 7.603   2.687   -4.119  1.00 44.17  ? 96  LEU A CD2   1 
ATOM   663  N N     . ILE A 1 97  ? 11.402  2.457   -1.297  1.00 49.19  ? 97  ILE A N     1 
ATOM   664  C CA    . ILE A 1 97  ? 12.786  2.244   -0.860  1.00 47.62  ? 97  ILE A CA    1 
ATOM   665  C C     . ILE A 1 97  ? 13.481  1.320   -1.856  1.00 53.73  ? 97  ILE A C     1 
ATOM   666  O O     . ILE A 1 97  ? 12.857  0.417   -2.426  1.00 50.66  ? 97  ILE A O     1 
ATOM   667  C CB    . ILE A 1 97  ? 12.880  1.668   0.578   1.00 47.31  ? 97  ILE A CB    1 
ATOM   668  C CG1   . ILE A 1 97  ? 14.347  1.547   1.024   1.00 52.45  ? 97  ILE A CG1   1 
ATOM   669  C CG2   . ILE A 1 97  ? 12.212  0.299   0.681   1.00 45.51  ? 97  ILE A CG2   1 
ATOM   670  C CD1   . ILE A 1 97  ? 14.539  1.494   2.532   1.00 51.41  ? 97  ILE A CD1   1 
ATOM   671  N N     . ASN A 1 98  ? 14.780  1.552   -2.068  1.00 48.06  ? 98  ASN A N     1 
ATOM   672  C CA    . ASN A 1 98  ? 15.598  0.748   -2.977  1.00 51.79  ? 98  ASN A CA    1 
ATOM   673  C C     . ASN A 1 98  ? 16.444  -0.198  -2.129  1.00 56.90  ? 98  ASN A C     1 
ATOM   674  O O     . ASN A 1 98  ? 17.404  0.233   -1.480  1.00 54.02  ? 98  ASN A O     1 
ATOM   675  C CB    . ASN A 1 98  ? 16.464  1.661   -3.851  1.00 56.76  ? 98  ASN A CB    1 
ATOM   676  C CG    . ASN A 1 98  ? 17.408  0.897   -4.768  1.00 57.40  ? 98  ASN A CG    1 
ATOM   677  O OD1   . ASN A 1 98  ? 17.458  -0.334  -4.764  1.00 54.82  ? 98  ASN A OD1   1 
ATOM   678  N ND2   . ASN A 1 98  ? 18.159  1.636   -5.575  1.00 56.89  ? 98  ASN A ND2   1 
ATOM   679  N N     . HIS A 1 99  ? 16.082  -1.483  -2.121  1.00 52.33  ? 99  HIS A N     1 
ATOM   680  C CA    . HIS A 1 99  ? 16.829  -2.457  -1.327  1.00 58.93  ? 99  HIS A CA    1 
ATOM   681  C C     . HIS A 1 99  ? 17.982  -3.082  -2.093  1.00 55.59  ? 99  HIS A C     1 
ATOM   682  O O     . HIS A 1 99  ? 18.653  -3.973  -1.557  1.00 54.69  ? 99  HIS A O     1 
ATOM   683  C CB    . HIS A 1 99  ? 15.906  -3.571  -0.814  1.00 51.63  ? 99  HIS A CB    1 
ATOM   684  C CG    . HIS A 1 99  ? 15.027  -3.152  0.323   1.00 54.10  ? 99  HIS A CG    1 
ATOM   685  N ND1   . HIS A 1 99  ? 15.486  -2.406  1.389   1.00 52.48  ? 99  HIS A ND1   1 
ATOM   686  C CD2   . HIS A 1 99  ? 13.705  -3.353  0.550   1.00 53.91  ? 99  HIS A CD2   1 
ATOM   687  C CE1   . HIS A 1 99  ? 14.497  -2.185  2.235   1.00 55.08  ? 99  HIS A CE1   1 
ATOM   688  N NE2   . HIS A 1 99  ? 13.403  -2.746  1.749   1.00 50.89  ? 99  HIS A NE2   1 
ATOM   689  N N     . ASP A 1 100 ? 18.204  -2.681  -3.338  1.00 53.58  ? 100 ASP A N     1 
ATOM   690  C CA    . ASP A 1 100 ? 19.368  -3.186  -4.048  1.00 55.16  ? 100 ASP A CA    1 
ATOM   691  C C     . ASP A 1 100 ? 20.619  -2.527  -3.485  1.00 56.08  ? 100 ASP A C     1 
ATOM   692  O O     . ASP A 1 100 ? 20.597  -1.337  -3.154  1.00 58.44  ? 100 ASP A O     1 
ATOM   693  C CB    . ASP A 1 100 ? 19.272  -2.923  -5.549  1.00 58.26  ? 100 ASP A CB    1 
ATOM   694  C CG    . ASP A 1 100 ? 20.327  -3.696  -6.350  1.00 68.08  ? 100 ASP A CG    1 
ATOM   695  O OD1   . ASP A 1 100 ? 21.362  -3.087  -6.709  1.00 63.90  ? 100 ASP A OD1   1 
ATOM   696  O OD2   . ASP A 1 100 ? 20.136  -4.907  -6.604  1.00 56.28  ? 100 ASP A OD2   1 
ATOM   697  N N     . PRO A 1 101 ? 21.715  -3.273  -3.343  1.00 57.64  ? 101 PRO A N     1 
ATOM   698  C CA    . PRO A 1 101 ? 22.939  -2.687  -2.786  1.00 60.90  ? 101 PRO A CA    1 
ATOM   699  C C     . PRO A 1 101 ? 23.720  -1.821  -3.768  1.00 61.40  ? 101 PRO A C     1 
ATOM   700  O O     . PRO A 1 101 ? 24.586  -1.057  -3.323  1.00 62.39  ? 101 PRO A O     1 
ATOM   701  C CB    . PRO A 1 101 ? 23.762  -3.930  -2.383  1.00 65.30  ? 101 PRO A CB    1 
ATOM   702  C CG    . PRO A 1 101 ? 22.811  -5.103  -2.507  1.00 64.16  ? 101 PRO A CG    1 
ATOM   703  C CD    . PRO A 1 101 ? 21.875  -4.713  -3.598  1.00 57.25  ? 101 PRO A CD    1 
ATOM   704  N N     . ARG A 1 102 ? 23.428  -1.885  -5.071  1.00 63.22  ? 102 ARG A N     1 
ATOM   705  C CA    . ARG A 1 102 ? 24.327  -1.335  -6.085  1.00 66.17  ? 102 ARG A CA    1 
ATOM   706  C C     . ARG A 1 102 ? 23.664  -0.383  -7.074  1.00 68.70  ? 102 ARG A C     1 
ATOM   707  O O     . ARG A 1 102 ? 24.197  0.699   -7.341  1.00 68.04  ? 102 ARG A O     1 
ATOM   708  C CB    . ARG A 1 102 ? 24.981  -2.478  -6.871  1.00 63.38  ? 102 ARG A CB    1 
ATOM   709  C CG    . ARG A 1 102 ? 26.187  -3.065  -6.176  1.00 69.05  ? 102 ARG A CG    1 
ATOM   710  C CD    . ARG A 1 102 ? 26.530  -4.455  -6.677  1.00 63.92  ? 102 ARG A CD    1 
ATOM   711  N NE    . ARG A 1 102 ? 25.355  -5.318  -6.675  1.00 73.10  ? 102 ARG A NE    1 
ATOM   712  C CZ    . ARG A 1 102 ? 25.132  -6.272  -5.781  1.00 64.76  ? 102 ARG A CZ    1 
ATOM   713  N NH1   . ARG A 1 102 ? 25.919  -6.434  -4.731  1.00 65.03  ? 102 ARG A NH1   1 
ATOM   714  N NH2   . ARG A 1 102 ? 24.075  -7.067  -5.929  1.00 64.23  ? 102 ARG A NH2   1 
ATOM   715  N N     . ALA A 1 103 ? 22.524  -0.777  -7.644  1.00 59.46  ? 103 ALA A N     1 
ATOM   716  C CA    . ALA A 1 103 ? 21.935  -0.089  -8.788  1.00 55.70  ? 103 ALA A CA    1 
ATOM   717  C C     . ALA A 1 103 ? 20.804  0.831   -8.344  1.00 63.47  ? 103 ALA A C     1 
ATOM   718  O O     . ALA A 1 103 ? 19.848  0.387   -7.697  1.00 60.30  ? 103 ALA A O     1 
ATOM   719  C CB    . ALA A 1 103 ? 21.410  -1.103  -9.814  1.00 53.27  ? 103 ALA A CB    1 
ATOM   720  N N     . ALA A 1 104 ? 20.902  2.105   -8.713  1.00 53.98  ? 104 ALA A N     1 
ATOM   721  C CA    . ALA A 1 104 ? 19.809  3.033   -8.464  1.00 57.81  ? 104 ALA A CA    1 
ATOM   722  C C     . ALA A 1 104 ? 18.583  2.647   -9.289  1.00 57.50  ? 104 ALA A C     1 
ATOM   723  O O     . ALA A 1 104 ? 18.676  1.955   -10.310 1.00 54.12  ? 104 ALA A O     1 
ATOM   724  C CB    . ALA A 1 104 ? 20.230  4.465   -8.796  1.00 57.66  ? 104 ALA A CB    1 
ATOM   725  N N     . ILE A 1 105 ? 17.418  3.097   -8.832  1.00 56.39  ? 105 ILE A N     1 
ATOM   726  C CA    . ILE A 1 105 ? 16.147  2.838   -9.503  1.00 48.25  ? 105 ILE A CA    1 
ATOM   727  C C     . ILE A 1 105 ? 15.620  4.167   -10.022 1.00 51.80  ? 105 ILE A C     1 
ATOM   728  O O     . ILE A 1 105 ? 15.455  5.120   -9.251  1.00 54.70  ? 105 ILE A O     1 
ATOM   729  C CB    . ILE A 1 105 ? 15.125  2.180   -8.557  1.00 57.55  ? 105 ILE A CB    1 
ATOM   730  C CG1   . ILE A 1 105 ? 15.614  0.812   -8.081  1.00 58.52  ? 105 ILE A CG1   1 
ATOM   731  C CG2   . ILE A 1 105 ? 13.740  2.092   -9.224  1.00 45.44  ? 105 ILE A CG2   1 
ATOM   732  C CD1   . ILE A 1 105 ? 14.790  0.229   -6.918  1.00 52.94  ? 105 ILE A CD1   1 
ATOM   733  N N     . GLU A 1 106 ? 15.336  4.235   -11.316 1.00 55.69  ? 106 GLU A N     1 
ATOM   734  C CA    . GLU A 1 106 ? 14.766  5.435   -11.910 1.00 59.50  ? 106 GLU A CA    1 
ATOM   735  C C     . GLU A 1 106 ? 13.311  5.158   -12.238 1.00 56.61  ? 106 GLU A C     1 
ATOM   736  O O     . GLU A 1 106 ? 12.997  4.164   -12.900 1.00 58.01  ? 106 GLU A O     1 
ATOM   737  C CB    . GLU A 1 106 ? 15.524  5.872   -13.167 1.00 65.08  ? 106 GLU A CB    1 
ATOM   738  C CG    . GLU A 1 106 ? 15.013  7.198   -13.745 1.00 76.38  ? 106 GLU A CG    1 
ATOM   739  C CD    . GLU A 1 106 ? 15.723  7.621   -15.030 1.00 89.71  ? 106 GLU A CD    1 
ATOM   740  O OE1   . GLU A 1 106 ? 16.502  6.811   -15.587 1.00 89.29  ? 106 GLU A OE1   1 
ATOM   741  O OE2   . GLU A 1 106 ? 15.490  8.765   -15.484 1.00 93.74  ? 106 GLU A OE2   1 
ATOM   742  N N     . LEU A 1 107 ? 12.430  6.012   -11.744 1.00 50.94  ? 107 LEU A N     1 
ATOM   743  C CA    . LEU A 1 107 ? 11.002  5.885   -11.978 1.00 55.67  ? 107 LEU A CA    1 
ATOM   744  C C     . LEU A 1 107 ? 10.524  7.177   -12.611 1.00 61.44  ? 107 LEU A C     1 
ATOM   745  O O     . LEU A 1 107 ? 10.920  8.266   -12.186 1.00 56.59  ? 107 LEU A O     1 
ATOM   746  C CB    . LEU A 1 107 ? 10.238  5.613   -10.675 1.00 55.34  ? 107 LEU A CB    1 
ATOM   747  C CG    . LEU A 1 107 ? 10.546  4.272   -9.988  1.00 57.74  ? 107 LEU A CG    1 
ATOM   748  C CD1   . LEU A 1 107 ? 9.951   4.218   -8.600  1.00 53.66  ? 107 LEU A CD1   1 
ATOM   749  C CD2   . LEU A 1 107 ? 10.030  3.119   -10.826 1.00 53.20  ? 107 LEU A CD2   1 
ATOM   750  N N     . ARG A 1 108 ? 9.690   7.058   -13.631 1.00 51.11  ? 108 ARG A N     1 
ATOM   751  C CA    . ARG A 1 108 ? 9.158   8.222   -14.313 1.00 52.75  ? 108 ARG A CA    1 
ATOM   752  C C     . ARG A 1 108 ? 7.713   8.433   -13.899 1.00 57.39  ? 108 ARG A C     1 
ATOM   753  O O     . ARG A 1 108 ? 7.009   7.485   -13.541 1.00 49.39  ? 108 ARG A O     1 
ATOM   754  C CB    . ARG A 1 108 ? 9.267   8.068   -15.832 1.00 56.22  ? 108 ARG A CB    1 
ATOM   755  C CG    . ARG A 1 108 ? 10.697  7.769   -16.300 1.00 55.17  ? 108 ARG A CG    1 
ATOM   756  C CD    . ARG A 1 108 ? 11.547  9.033   -16.285 1.00 65.68  ? 108 ARG A CD    1 
ATOM   757  N NE    . ARG A 1 108 ? 10.906  10.125  -17.011 1.00 68.97  ? 108 ARG A NE    1 
ATOM   758  C CZ    . ARG A 1 108 ? 10.813  10.211  -18.332 1.00 80.52  ? 108 ARG A CZ    1 
ATOM   759  N NH1   . ARG A 1 108 ? 11.387  9.319   -19.129 1.00 77.47  ? 108 ARG A NH1   1 
ATOM   760  N NH2   . ARG A 1 108 ? 10.131  11.220  -18.870 1.00 77.63  ? 108 ARG A NH2   1 
ATOM   761  N N     . ARG A 1 109 ? 7.299   9.696   -13.910 1.00 52.94  ? 109 ARG A N     1 
ATOM   762  C CA    . ARG A 1 109 ? 5.904   10.050  -13.700 1.00 49.67  ? 109 ARG A CA    1 
ATOM   763  C C     . ARG A 1 109 ? 5.012   9.169   -14.560 1.00 55.46  ? 109 ARG A C     1 
ATOM   764  O O     . ARG A 1 109 ? 5.248   9.017   -15.761 1.00 48.38  ? 109 ARG A O     1 
ATOM   765  C CB    . ARG A 1 109 ? 5.702   11.522  -14.055 1.00 51.18  ? 109 ARG A CB    1 
ATOM   766  C CG    . ARG A 1 109 ? 4.267   11.977  -14.108 1.00 49.71  ? 109 ARG A CG    1 
ATOM   767  C CD    . ARG A 1 109 ? 4.223   13.465  -14.458 1.00 51.45  ? 109 ARG A CD    1 
ATOM   768  N NE    . ARG A 1 109 ? 2.884   13.935  -14.790 1.00 48.99  ? 109 ARG A NE    1 
ATOM   769  C CZ    . ARG A 1 109 ? 1.891   14.094  -13.922 1.00 59.95  ? 109 ARG A CZ    1 
ATOM   770  N NH1   . ARG A 1 109 ? 2.046   13.827  -12.632 1.00 53.96  ? 109 ARG A NH1   1 
ATOM   771  N NH2   . ARG A 1 109 ? 0.712   14.529  -14.361 1.00 49.02  ? 109 ARG A NH2   1 
ATOM   772  N N     . GLY A 1 110 ? 3.989   8.570   -13.942 1.00 50.74  ? 110 GLY A N     1 
ATOM   773  C CA    . GLY A 1 110 ? 3.126   7.632   -14.634 1.00 47.95  ? 110 GLY A CA    1 
ATOM   774  C C     . GLY A 1 110 ? 3.498   6.166   -14.477 1.00 50.21  ? 110 GLY A C     1 
ATOM   775  O O     . GLY A 1 110 ? 2.652   5.299   -14.737 1.00 51.70  ? 110 GLY A O     1 
ATOM   776  N N     . ASP A 1 111 ? 4.731   5.856   -14.068 1.00 43.19  ? 111 ASP A N     1 
ATOM   777  C CA    . ASP A 1 111 ? 5.116   4.465   -13.827 1.00 49.74  ? 111 ASP A CA    1 
ATOM   778  C C     . ASP A 1 111 ? 4.302   3.871   -12.679 1.00 52.41  ? 111 ASP A C     1 
ATOM   779  O O     . ASP A 1 111 ? 4.004   4.553   -11.693 1.00 51.72  ? 111 ASP A O     1 
ATOM   780  C CB    . ASP A 1 111 ? 6.601   4.369   -13.472 1.00 48.06  ? 111 ASP A CB    1 
ATOM   781  C CG    . ASP A 1 111 ? 7.519   4.559   -14.673 1.00 57.24  ? 111 ASP A CG    1 
ATOM   782  O OD1   . ASP A 1 111 ? 7.005   4.687   -15.805 1.00 56.36  ? 111 ASP A OD1   1 
ATOM   783  O OD2   . ASP A 1 111 ? 8.761   4.589   -14.466 1.00 51.81  ? 111 ASP A OD2   1 
ATOM   784  N N     . ARG A 1 112 ? 3.985   2.581   -12.787 1.00 47.11  ? 112 ARG A N     1 
ATOM   785  C CA    . ARG A 1 112 ? 3.286   1.878   -11.716 1.00 50.81  ? 112 ARG A CA    1 
ATOM   786  C C     . ARG A 1 112 ? 4.276   1.478   -10.627 1.00 52.11  ? 112 ARG A C     1 
ATOM   787  O O     . ARG A 1 112 ? 5.324   0.893   -10.922 1.00 49.11  ? 112 ARG A O     1 
ATOM   788  C CB    . ARG A 1 112 ? 2.577   0.652   -12.281 1.00 51.18  ? 112 ARG A CB    1 
ATOM   789  C CG    . ARG A 1 112 ? 1.342   1.011   -13.087 1.00 54.91  ? 112 ARG A CG    1 
ATOM   790  C CD    . ARG A 1 112 ? 0.947   -0.108  -14.036 1.00 67.41  ? 112 ARG A CD    1 
ATOM   791  N NE    . ARG A 1 112 ? 2.099   -0.643  -14.753 1.00 70.34  ? 112 ARG A NE    1 
ATOM   792  C CZ    . ARG A 1 112 ? 2.072   -1.741  -15.497 1.00 75.27  ? 112 ARG A CZ    1 
ATOM   793  N NH1   . ARG A 1 112 ? 0.972   -2.472  -15.613 1.00 64.48  ? 112 ARG A NH1   1 
ATOM   794  N NH2   . ARG A 1 112 ? 3.172   -2.114  -16.146 1.00 65.20  ? 112 ARG A NH2   1 
ATOM   795  N N     . ILE A 1 113 ? 3.949   1.793   -9.372  1.00 46.51  ? 113 ILE A N     1 
ATOM   796  C CA    . ILE A 1 113 ? 4.904   1.679   -8.273  1.00 49.60  ? 113 ILE A CA    1 
ATOM   797  C C     . ILE A 1 113 ? 4.422   0.784   -7.143  1.00 52.88  ? 113 ILE A C     1 
ATOM   798  O O     . ILE A 1 113 ? 5.236   0.420   -6.283  1.00 48.95  ? 113 ILE A O     1 
ATOM   799  C CB    . ILE A 1 113 ? 5.285   3.069   -7.702  1.00 47.48  ? 113 ILE A CB    1 
ATOM   800  C CG1   . ILE A 1 113 ? 4.034   3.786   -7.173  1.00 47.52  ? 113 ILE A CG1   1 
ATOM   801  C CG2   . ILE A 1 113 ? 6.032   3.894   -8.745  1.00 51.58  ? 113 ILE A CG2   1 
ATOM   802  C CD1   . ILE A 1 113 ? 4.309   4.926   -6.221  1.00 48.11  ? 113 ILE A CD1   1 
ATOM   803  N N     . ALA A 1 114 ? 3.144   0.427   -7.096  1.00 47.99  ? 114 ALA A N     1 
ATOM   804  C CA    . ALA A 1 114 ? 2.587   -0.320  -5.969  1.00 49.06  ? 114 ALA A CA    1 
ATOM   805  C C     . ALA A 1 114 ? 1.221   -0.838  -6.396  1.00 48.51  ? 114 ALA A C     1 
ATOM   806  O O     . ALA A 1 114 ? 0.734   -0.526  -7.484  1.00 47.52  ? 114 ALA A O     1 
ATOM   807  C CB    . ALA A 1 114 ? 2.479   0.554   -4.715  1.00 45.37  ? 114 ALA A CB    1 
ATOM   808  N N     . GLN A 1 115 ? 0.586   -1.612  -5.523  1.00 46.56  ? 115 GLN A N     1 
ATOM   809  C CA    . GLN A 1 115 ? -0.787  -2.024  -5.767  1.00 47.04  ? 115 GLN A CA    1 
ATOM   810  C C     . GLN A 1 115 ? -1.618  -1.804  -4.510  1.00 49.82  ? 115 GLN A C     1 
ATOM   811  O O     . GLN A 1 115 ? -1.113  -1.895  -3.384  1.00 46.53  ? 115 GLN A O     1 
ATOM   812  C CB    . GLN A 1 115 ? -0.863  -3.501  -6.242  1.00 47.55  ? 115 GLN A CB    1 
ATOM   813  C CG    . GLN A 1 115 ? -0.416  -4.517  -5.217  1.00 51.45  ? 115 GLN A CG    1 
ATOM   814  C CD    . GLN A 1 115 ? -0.443  -5.934  -5.765  1.00 63.47  ? 115 GLN A CD    1 
ATOM   815  O OE1   . GLN A 1 115 ? -1.485  -6.419  -6.167  1.00 54.13  ? 115 GLN A OE1   1 
ATOM   816  N NE2   . GLN A 1 115 ? 0.708   -6.596  -5.786  1.00 59.12  ? 115 GLN A NE2   1 
ATOM   817  N N     . LEU A 1 116 ? -2.896  -1.503  -4.721  1.00 42.75  ? 116 LEU A N     1 
ATOM   818  C CA    . LEU A 1 116 ? -3.841  -1.173  -3.659  1.00 48.30  ? 116 LEU A CA    1 
ATOM   819  C C     . LEU A 1 116 ? -4.886  -2.277  -3.563  1.00 49.91  ? 116 LEU A C     1 
ATOM   820  O O     . LEU A 1 116 ? -5.572  -2.571  -4.552  1.00 46.17  ? 116 LEU A O     1 
ATOM   821  C CB    . LEU A 1 116 ? -4.523  0.169   -3.926  1.00 45.23  ? 116 LEU A CB    1 
ATOM   822  C CG    . LEU A 1 116 ? -5.591  0.567   -2.902  1.00 44.92  ? 116 LEU A CG    1 
ATOM   823  C CD1   . LEU A 1 116 ? -4.933  0.945   -1.576  1.00 44.74  ? 116 LEU A CD1   1 
ATOM   824  C CD2   . LEU A 1 116 ? -6.377  1.742   -3.456  1.00 46.71  ? 116 LEU A CD2   1 
ATOM   825  N N     . LEU A 1 117 ? -4.980  -2.893  -2.382  1.00 45.54  ? 117 LEU A N     1 
ATOM   826  C CA    . LEU A 1 117 ? -6.001  -3.874  -2.042  1.00 46.76  ? 117 LEU A CA    1 
ATOM   827  C C     . LEU A 1 117 ? -7.011  -3.218  -1.119  1.00 47.67  ? 117 LEU A C     1 
ATOM   828  O O     . LEU A 1 117 ? -6.671  -2.290  -0.377  1.00 41.18  ? 117 LEU A O     1 
ATOM   829  C CB    . LEU A 1 117 ? -5.398  -5.095  -1.328  1.00 40.37  ? 117 LEU A CB    1 
ATOM   830  C CG    . LEU A 1 117 ? -4.651  -6.147  -2.154  1.00 43.75  ? 117 LEU A CG    1 
ATOM   831  C CD1   . LEU A 1 117 ? -3.304  -5.619  -2.570  1.00 45.33  ? 117 LEU A CD1   1 
ATOM   832  C CD2   . LEU A 1 117 ? -4.499  -7.445  -1.344  1.00 43.31  ? 117 LEU A CD2   1 
ATOM   833  N N     . VAL A 1 118 ? -8.245  -3.723  -1.139  1.00 44.36  ? 118 VAL A N     1 
ATOM   834  C CA    . VAL A 1 118 ? -9.274  -3.310  -0.186  1.00 43.19  ? 118 VAL A CA    1 
ATOM   835  C C     . VAL A 1 118 ? -9.766  -4.555  0.528   1.00 49.42  ? 118 VAL A C     1 
ATOM   836  O O     . VAL A 1 118 ? -10.119 -5.543  -0.129  1.00 43.10  ? 118 VAL A O     1 
ATOM   837  C CB    . VAL A 1 118 ? -10.440 -2.573  -0.873  1.00 47.84  ? 118 VAL A CB    1 
ATOM   838  C CG1   . VAL A 1 118 ? -11.523 -2.218  0.152   1.00 44.15  ? 118 VAL A CG1   1 
ATOM   839  C CG2   . VAL A 1 118 ? -9.910  -1.331  -1.586  1.00 43.95  ? 118 VAL A CG2   1 
ATOM   840  N N     . GLN A 1 119 ? -9.769  -4.512  1.865   1.00 43.76  ? 119 GLN A N     1 
ATOM   841  C CA    . GLN A 1 119 ? -10.219 -5.630  2.692   1.00 46.96  ? 119 GLN A CA    1 
ATOM   842  C C     . GLN A 1 119 ? -11.078 -5.110  3.836   1.00 44.73  ? 119 GLN A C     1 
ATOM   843  O O     . GLN A 1 119 ? -11.005 -3.936  4.217   1.00 48.49  ? 119 GLN A O     1 
ATOM   844  C CB    . GLN A 1 119 ? -9.051  -6.429  3.292   1.00 45.20  ? 119 GLN A CB    1 
ATOM   845  C CG    . GLN A 1 119 ? -8.210  -7.202  2.280   1.00 44.92  ? 119 GLN A CG    1 
ATOM   846  C CD    . GLN A 1 119 ? -7.201  -8.076  2.965   1.00 56.91  ? 119 GLN A CD    1 
ATOM   847  O OE1   . GLN A 1 119 ? -6.383  -7.592  3.752   1.00 43.44  ? 119 GLN A OE1   1 
ATOM   848  N NE2   . GLN A 1 119 ? -7.259  -9.380  2.696   1.00 48.31  ? 119 GLN A NE2   1 
ATOM   849  N N     . LYS A 1 120 ? -11.892 -6.012  4.382   1.00 45.56  ? 120 LYS A N     1 
ATOM   850  C CA    . LYS A 1 120 ? -12.594 -5.753  5.628   1.00 45.22  ? 120 LYS A CA    1 
ATOM   851  C C     . LYS A 1 120 ? -11.615 -5.804  6.789   1.00 50.92  ? 120 LYS A C     1 
ATOM   852  O O     . LYS A 1 120 ? -10.609 -6.520  6.757   1.00 45.71  ? 120 LYS A O     1 
ATOM   853  C CB    . LYS A 1 120 ? -13.703 -6.784  5.837   1.00 48.12  ? 120 LYS A CB    1 
ATOM   854  C CG    . LYS A 1 120 ? -14.603 -6.910  4.619   1.00 52.67  ? 120 LYS A CG    1 
ATOM   855  C CD    . LYS A 1 120 ? -16.063 -6.994  4.978   1.00 69.40  ? 120 LYS A CD    1 
ATOM   856  C CE    . LYS A 1 120 ? -16.919 -7.119  3.712   1.00 69.28  ? 120 LYS A CE    1 
ATOM   857  N NZ    . LYS A 1 120 ? -17.375 -8.521  3.502   1.00 75.34  ? 120 LYS A NZ    1 
ATOM   858  N N     . VAL A 1 121 ? -11.916 -5.040  7.828   1.00 44.10  ? 121 VAL A N     1 
ATOM   859  C CA    . VAL A 1 121 ? -11.105 -5.033  9.035   1.00 49.45  ? 121 VAL A CA    1 
ATOM   860  C C     . VAL A 1 121 ? -12.065 -5.057  10.218  1.00 52.82  ? 121 VAL A C     1 
ATOM   861  O O     . VAL A 1 121 ? -13.174 -4.515  10.145  1.00 51.86  ? 121 VAL A O     1 
ATOM   862  C CB    . VAL A 1 121 ? -10.154 -3.809  9.058   1.00 45.15  ? 121 VAL A CB    1 
ATOM   863  C CG1   . VAL A 1 121 ? -10.960 -2.494  9.017   1.00 44.61  ? 121 VAL A CG1   1 
ATOM   864  C CG2   . VAL A 1 121 ? -9.217  -3.861  10.262  1.00 48.34  ? 121 VAL A CG2   1 
ATOM   865  N N     . GLU A 1 122 ? -11.668 -5.746  11.287  1.00 46.43  ? 122 GLU A N     1 
ATOM   866  C CA    . GLU A 1 122 ? -12.500 -5.830  12.487  1.00 51.67  ? 122 GLU A CA    1 
ATOM   867  C C     . GLU A 1 122 ? -12.267 -4.603  13.357  1.00 53.98  ? 122 GLU A C     1 
ATOM   868  O O     . GLU A 1 122 ? -11.171 -4.421  13.899  1.00 49.12  ? 122 GLU A O     1 
ATOM   869  C CB    . GLU A 1 122 ? -12.192 -7.101  13.281  1.00 50.96  ? 122 GLU A CB    1 
ATOM   870  C CG    . GLU A 1 122 ? -12.387 -8.396  12.490  1.00 56.22  ? 122 GLU A CG    1 
ATOM   871  C CD    . GLU A 1 122 ? -13.791 -8.501  11.912  1.00 64.87  ? 122 GLU A CD    1 
ATOM   872  O OE1   . GLU A 1 122 ? -14.743 -8.596  12.715  1.00 72.30  ? 122 GLU A OE1   1 
ATOM   873  O OE2   . GLU A 1 122 ? -13.934 -8.451  10.662  1.00 76.62  ? 122 GLU A OE2   1 
ATOM   874  N N     . LEU A 1 123 ? -13.292 -3.766  13.505  1.00 47.59  ? 123 LEU A N     1 
ATOM   875  C CA    . LEU A 1 123 ? -13.168 -2.552  14.317  1.00 52.23  ? 123 LEU A CA    1 
ATOM   876  C C     . LEU A 1 123 ? -13.522 -2.894  15.764  1.00 56.55  ? 123 LEU A C     1 
ATOM   877  O O     . LEU A 1 123 ? -14.611 -2.607  16.259  1.00 57.68  ? 123 LEU A O     1 
ATOM   878  C CB    . LEU A 1 123 ? -14.049 -1.445  13.755  1.00 44.99  ? 123 LEU A CB    1 
ATOM   879  C CG    . LEU A 1 123 ? -13.652 -0.973  12.350  1.00 52.13  ? 123 LEU A CG    1 
ATOM   880  C CD1   . LEU A 1 123 ? -14.675 0.008   11.787  1.00 52.75  ? 123 LEU A CD1   1 
ATOM   881  C CD2   . LEU A 1 123 ? -12.264 -0.338  12.375  1.00 46.15  ? 123 LEU A CD2   1 
ATOM   882  N N     . VAL A 1 124 ? -12.568 -3.510  16.460  1.00 51.39  ? 124 VAL A N     1 
ATOM   883  C CA    . VAL A 1 124 ? -12.835 -4.125  17.758  1.00 57.15  ? 124 VAL A CA    1 
ATOM   884  C C     . VAL A 1 124 ? -12.265 -3.272  18.882  1.00 54.21  ? 124 VAL A C     1 
ATOM   885  O O     . VAL A 1 124 ? -11.322 -2.497  18.703  1.00 52.15  ? 124 VAL A O     1 
ATOM   886  C CB    . VAL A 1 124 ? -12.259 -5.552  17.851  1.00 55.36  ? 124 VAL A CB    1 
ATOM   887  C CG1   . VAL A 1 124 ? -13.012 -6.472  16.934  1.00 63.14  ? 124 VAL A CG1   1 
ATOM   888  C CG2   . VAL A 1 124 ? -10.761 -5.532  17.508  1.00 53.12  ? 124 VAL A CG2   1 
ATOM   889  N N     . ASP A 1 125 ? -12.829 -3.455  20.072  1.00 51.09  ? 125 ASP A N     1 
ATOM   890  C CA    . ASP A 1 125 ? -12.268 -2.880  21.284  1.00 59.14  ? 125 ASP A CA    1 
ATOM   891  C C     . ASP A 1 125 ? -11.508 -3.947  22.057  1.00 53.89  ? 125 ASP A C     1 
ATOM   892  O O     . ASP A 1 125 ? -11.782 -5.144  21.931  1.00 58.48  ? 125 ASP A O     1 
ATOM   893  C CB    . ASP A 1 125 ? -13.359 -2.276  22.174  1.00 68.16  ? 125 ASP A CB    1 
ATOM   894  C CG    . ASP A 1 125 ? -14.090 -1.126  21.502  1.00 72.57  ? 125 ASP A CG    1 
ATOM   895  O OD1   . ASP A 1 125 ? -15.327 -1.241  21.352  1.00 77.32  ? 125 ASP A OD1   1 
ATOM   896  O OD2   . ASP A 1 125 ? -13.436 -0.116  21.140  1.00 70.45  ? 125 ASP A OD2   1 
ATOM   897  N N     . PHE A 1 126 ? -10.541 -3.496  22.852  1.00 54.68  ? 126 PHE A N     1 
ATOM   898  C CA    . PHE A 1 126 ? -9.753  -4.367  23.718  1.00 61.89  ? 126 PHE A CA    1 
ATOM   899  C C     . PHE A 1 126 ? -10.195 -4.152  25.156  1.00 60.90  ? 126 PHE A C     1 
ATOM   900  O O     . PHE A 1 126 ? -10.149 -3.022  25.653  1.00 65.32  ? 126 PHE A O     1 
ATOM   901  C CB    . PHE A 1 126 ? -8.264  -4.086  23.545  1.00 55.76  ? 126 PHE A CB    1 
ATOM   902  C CG    . PHE A 1 126 ? -7.772  -4.428  22.185  1.00 60.94  ? 126 PHE A CG    1 
ATOM   903  C CD1   . PHE A 1 126 ? -7.848  -3.497  21.157  1.00 59.08  ? 126 PHE A CD1   1 
ATOM   904  C CD2   . PHE A 1 126 ? -7.287  -5.694  21.910  1.00 51.86  ? 126 PHE A CD2   1 
ATOM   905  C CE1   . PHE A 1 126 ? -7.409  -3.812  19.880  1.00 55.48  ? 126 PHE A CE1   1 
ATOM   906  C CE2   . PHE A 1 126 ? -6.846  -6.017  20.636  1.00 56.37  ? 126 PHE A CE2   1 
ATOM   907  C CZ    . PHE A 1 126 ? -6.908  -5.076  19.619  1.00 57.83  ? 126 PHE A CZ    1 
ATOM   908  N N     . VAL A 1 127 ? -10.638 -5.224  25.810  1.00 61.53  ? 127 VAL A N     1 
ATOM   909  C CA    . VAL A 1 127 ? -11.119 -5.173  27.190  1.00 64.78  ? 127 VAL A CA    1 
ATOM   910  C C     . VAL A 1 127 ? -10.079 -5.820  28.104  1.00 61.57  ? 127 VAL A C     1 
ATOM   911  O O     . VAL A 1 127 ? -9.678  -6.974  27.899  1.00 59.56  ? 127 VAL A O     1 
ATOM   912  C CB    . VAL A 1 127 ? -12.500 -5.837  27.340  1.00 63.35  ? 127 VAL A CB    1 
ATOM   913  C CG1   . VAL A 1 127 ? -12.454 -7.341  27.037  1.00 61.31  ? 127 VAL A CG1   1 
ATOM   914  C CG2   . VAL A 1 127 ? -13.032 -5.608  28.739  1.00 71.77  ? 127 VAL A CG2   1 
ATOM   915  N N     . GLU A 1 128 ? -9.621  -5.065  29.098  1.00 60.03  ? 128 GLU A N     1 
ATOM   916  C CA    . GLU A 1 128 ? -8.628  -5.589  30.023  1.00 58.98  ? 128 GLU A CA    1 
ATOM   917  C C     . GLU A 1 128 ? -9.245  -6.687  30.874  1.00 58.69  ? 128 GLU A C     1 
ATOM   918  O O     . GLU A 1 128 ? -10.356 -6.532  31.388  1.00 61.69  ? 128 GLU A O     1 
ATOM   919  C CB    . GLU A 1 128 ? -8.082  -4.484  30.917  1.00 61.01  ? 128 GLU A CB    1 
ATOM   920  C CG    . GLU A 1 128 ? -7.023  -5.005  31.849  1.00 70.88  ? 128 GLU A CG    1 
ATOM   921  C CD    . GLU A 1 128 ? -6.456  -3.940  32.748  1.00 75.28  ? 128 GLU A CD    1 
ATOM   922  O OE1   . GLU A 1 128 ? -6.888  -2.772  32.635  1.00 75.81  ? 128 GLU A OE1   1 
ATOM   923  O OE2   . GLU A 1 128 ? -5.575  -4.280  33.566  1.00 76.35  ? 128 GLU A OE2   1 
ATOM   924  N N     . VAL A 1 129 ? -8.536  -7.814  30.986  1.00 56.99  ? 129 VAL A N     1 
ATOM   925  C CA    . VAL A 1 129 ? -8.927  -8.935  31.829  1.00 55.88  ? 129 VAL A CA    1 
ATOM   926  C C     . VAL A 1 129 ? -7.747  -9.248  32.742  1.00 57.46  ? 129 VAL A C     1 
ATOM   927  O O     . VAL A 1 129 ? -6.616  -8.809  32.511  1.00 62.23  ? 129 VAL A O     1 
ATOM   928  C CB    . VAL A 1 129 ? -9.335  -10.184 31.011  1.00 59.49  ? 129 VAL A CB    1 
ATOM   929  C CG1   . VAL A 1 129 ? -10.541 -9.878  30.141  1.00 59.67  ? 129 VAL A CG1   1 
ATOM   930  C CG2   . VAL A 1 129 ? -8.170  -10.690 30.159  1.00 54.23  ? 129 VAL A CG2   1 
ATOM   931  N N     . GLU A 1 130 ? -8.022  -9.999  33.807  1.00 65.55  ? 130 GLU A N     1 
ATOM   932  C CA    . GLU A 1 130 ? -6.968  -10.357 34.751  1.00 69.58  ? 130 GLU A CA    1 
ATOM   933  C C     . GLU A 1 130 ? -6.206  -11.601 34.330  1.00 62.75  ? 130 GLU A C     1 
ATOM   934  O O     . GLU A 1 130 ? -5.033  -11.760 34.696  1.00 60.96  ? 130 GLU A O     1 
ATOM   935  C CB    . GLU A 1 130 ? -7.554  -10.579 36.146  1.00 76.17  ? 130 GLU A CB    1 
ATOM   936  C CG    . GLU A 1 130 ? -8.965  -11.117 36.129  1.00 87.28  ? 130 GLU A CG    1 
ATOM   937  C CD    . GLU A 1 130 ? -9.604  -11.077 37.504  1.00 119.20 ? 130 GLU A CD    1 
ATOM   938  O OE1   . GLU A 1 130 ? -8.918  -11.448 38.483  1.00 117.93 ? 130 GLU A OE1   1 
ATOM   939  O OE2   . GLU A 1 130 ? -10.785 -10.671 37.605  1.00 122.38 ? 130 GLU A OE2   1 
ATOM   940  N N     . THR A 1 131 ? -6.855  -12.483 33.575  1.00 56.50  ? 131 THR A N     1 
ATOM   941  C CA    . THR A 1 131 ? -6.243  -13.711 33.101  1.00 63.94  ? 131 THR A CA    1 
ATOM   942  C C     . THR A 1 131 ? -6.800  -14.032 31.720  1.00 63.84  ? 131 THR A C     1 
ATOM   943  O O     . THR A 1 131 ? -7.958  -13.725 31.423  1.00 64.67  ? 131 THR A O     1 
ATOM   944  C CB    . THR A 1 131 ? -6.514  -14.859 34.083  1.00 68.64  ? 131 THR A CB    1 
ATOM   945  O OG1   . THR A 1 131 ? -6.208  -16.108 33.460  1.00 77.97  ? 131 THR A OG1   1 
ATOM   946  C CG2   . THR A 1 131 ? -7.977  -14.851 34.503  1.00 72.15  ? 131 THR A CG2   1 
ATOM   947  N N     . LEU A 1 132 ? -5.961  -14.634 30.870  1.00 59.87  ? 132 LEU A N     1 
ATOM   948  C CA    . LEU A 1 132 ? -6.382  -15.166 29.578  1.00 59.32  ? 132 LEU A CA    1 
ATOM   949  C C     . LEU A 1 132 ? -6.550  -16.680 29.670  1.00 67.23  ? 132 LEU A C     1 
ATOM   950  O O     . LEU A 1 132 ? -5.851  -17.347 30.438  1.00 63.11  ? 132 LEU A O     1 
ATOM   951  C CB    . LEU A 1 132 ? -5.355  -14.847 28.485  1.00 54.42  ? 132 LEU A CB    1 
ATOM   952  C CG    . LEU A 1 132 ? -5.022  -13.374 28.242  1.00 53.90  ? 132 LEU A CG    1 
ATOM   953  C CD1   . LEU A 1 132 ? -3.878  -13.282 27.267  1.00 54.66  ? 132 LEU A CD1   1 
ATOM   954  C CD2   . LEU A 1 132 ? -6.246  -12.613 27.742  1.00 50.34  ? 132 LEU A CD2   1 
ATOM   955  N N     . ASP A 1 133 ? -7.463  -17.223 28.862  1.00 63.92  ? 133 ASP A N     1 
ATOM   956  C CA    . ASP A 1 133 ? -7.612  -18.673 28.764  1.00 65.98  ? 133 ASP A CA    1 
ATOM   957  C C     . ASP A 1 133 ? -6.341  -19.311 28.188  1.00 79.00  ? 133 ASP A C     1 
ATOM   958  O O     . ASP A 1 133 ? -5.451  -18.637 27.654  1.00 79.07  ? 133 ASP A O     1 
ATOM   959  C CB    . ASP A 1 133 ? -8.814  -19.043 27.890  1.00 70.28  ? 133 ASP A CB    1 
ATOM   960  C CG    . ASP A 1 133 ? -8.594  -18.715 26.409  1.00 80.52  ? 133 ASP A CG    1 
ATOM   961  O OD1   . ASP A 1 133 ? -9.079  -19.477 25.543  1.00 89.91  ? 133 ASP A OD1   1 
ATOM   962  O OD2   . ASP A 1 133 ? -7.941  -17.692 26.103  1.00 83.48  ? 133 ASP A OD2   1 
ATOM   963  N N     . GLU A 1 134 ? -6.266  -20.636 28.284  1.00 72.94  ? 134 GLU A N     1 
ATOM   964  C CA    . GLU A 1 134 ? -5.083  -21.371 27.865  1.00 79.79  ? 134 GLU A CA    1 
ATOM   965  C C     . GLU A 1 134 ? -5.313  -22.073 26.528  1.00 76.70  ? 134 GLU A C     1 
ATOM   966  O O     . GLU A 1 134 ? -6.439  -22.436 26.181  1.00 75.88  ? 134 GLU A O     1 
ATOM   967  C CB    . GLU A 1 134 ? -4.680  -22.390 28.929  1.00 78.30  ? 134 GLU A CB    1 
ATOM   968  C CG    . GLU A 1 134 ? -3.449  -21.979 29.705  1.00 85.21  ? 134 GLU A CG    1 
ATOM   969  C CD    . GLU A 1 134 ? -3.334  -22.709 31.021  1.00 100.31 ? 134 GLU A CD    1 
ATOM   970  O OE1   . GLU A 1 134 ? -4.343  -23.307 31.458  1.00 103.79 ? 134 GLU A OE1   1 
ATOM   971  O OE2   . GLU A 1 134 ? -2.241  -22.669 31.626  1.00 109.66 ? 134 GLU A OE2   1 
ATOM   972  N N     . THR A 1 135 ? -4.223  -22.242 25.771  1.00 75.51  ? 135 THR A N     1 
ATOM   973  C CA    . THR A 1 135 ? -4.242  -22.862 24.447  1.00 73.10  ? 135 THR A CA    1 
ATOM   974  C C     . THR A 1 135 ? -3.044  -23.794 24.286  1.00 77.02  ? 135 THR A C     1 
ATOM   975  O O     . THR A 1 135 ? -2.124  -23.809 25.109  1.00 73.73  ? 135 THR A O     1 
ATOM   976  C CB    . THR A 1 135 ? -4.230  -21.811 23.319  1.00 67.27  ? 135 THR A CB    1 
ATOM   977  O OG1   . THR A 1 135 ? -2.891  -21.319 23.137  1.00 64.11  ? 135 THR A OG1   1 
ATOM   978  C CG2   . THR A 1 135 ? -5.201  -20.660 23.596  1.00 64.26  ? 135 THR A CG2   1 
ATOM   979  N N     . ALA A 1 136 ? -3.052  -24.553 23.179  1.00 78.31  ? 136 ALA A N     1 
ATOM   980  C CA    . ALA A 1 136 ? -1.946  -25.465 22.876  1.00 75.44  ? 136 ALA A CA    1 
ATOM   981  C C     . ALA A 1 136 ? -0.693  -24.704 22.460  1.00 86.12  ? 136 ALA A C     1 
ATOM   982  O O     . ALA A 1 136 ? 0.410   -24.990 22.944  1.00 91.80  ? 136 ALA A O     1 
ATOM   983  C CB    . ALA A 1 136 ? -2.354  -26.439 21.775  1.00 78.95  ? 136 ALA A CB    1 
ATOM   984  N N     . ARG A 1 137 ? -0.843  -23.743 21.548  1.00 76.44  ? 137 ARG A N     1 
ATOM   985  C CA    . ARG A 1 137 ? 0.306   -22.977 21.075  1.00 80.89  ? 137 ARG A CA    1 
ATOM   986  C C     . ARG A 1 137 ? 1.032   -22.297 22.235  1.00 88.43  ? 137 ARG A C     1 
ATOM   987  O O     . ARG A 1 137 ? 2.268   -22.335 22.321  1.00 85.23  ? 137 ARG A O     1 
ATOM   988  C CB    . ARG A 1 137 ? -0.169  -21.964 20.028  1.00 66.51  ? 137 ARG A CB    1 
ATOM   989  C CG    . ARG A 1 137 ? 0.819   -20.902 19.680  1.00 71.60  ? 137 ARG A CG    1 
ATOM   990  C CD    . ARG A 1 137 ? 0.286   -20.076 18.540  1.00 63.94  ? 137 ARG A CD    1 
ATOM   991  N NE    . ARG A 1 137 ? 0.877   -20.443 17.261  1.00 61.83  ? 137 ARG A NE    1 
ATOM   992  C CZ    . ARG A 1 137 ? 2.151   -20.245 16.950  1.00 69.95  ? 137 ARG A CZ    1 
ATOM   993  N NH1   . ARG A 1 137 ? 3.008   -19.740 17.826  1.00 70.18  ? 137 ARG A NH1   1 
ATOM   994  N NH2   . ARG A 1 137 ? 2.574   -20.551 15.725  1.00 67.36  ? 137 ARG A NH2   1 
ATOM   995  N N     . GLY A 1 138 ? 0.272   -21.682 23.150  1.00 90.69  ? 138 GLY A N     1 
ATOM   996  C CA    . GLY A 1 138 ? 0.804   -21.080 24.361  1.00 94.23  ? 138 GLY A CA    1 
ATOM   997  C C     . GLY A 1 138 ? 1.517   -19.757 24.158  1.00 88.96  ? 138 GLY A C     1 
ATOM   998  O O     . GLY A 1 138 ? 1.022   -18.880 23.443  1.00 72.74  ? 138 GLY A O     1 
ATOM   999  N N     . ALA A 1 139 ? 2.680   -19.600 24.800  1.00 123.68 ? 139 ALA A N     1 
ATOM   1000 C CA    . ALA A 1 139 ? 3.537   -18.432 24.636  1.00 90.99  ? 139 ALA A CA    1 
ATOM   1001 C C     . ALA A 1 139 ? 4.695   -18.691 23.671  1.00 90.62  ? 139 ALA A C     1 
ATOM   1002 O O     . ALA A 1 139 ? 5.684   -17.945 23.679  1.00 91.84  ? 139 ALA A O     1 
ATOM   1003 C CB    . ALA A 1 139 ? 4.068   -17.969 25.997  1.00 84.24  ? 139 ALA A CB    1 
ATOM   1004 N N     . GLY A 1 140 ? 4.593   -19.732 22.844  1.00 88.68  ? 140 GLY A N     1 
ATOM   1005 C CA    . GLY A 1 140 ? 5.606   -20.006 21.845  1.00 95.17  ? 140 GLY A CA    1 
ATOM   1006 C C     . GLY A 1 140 ? 5.573   -19.009 20.702  1.00 92.40  ? 140 GLY A C     1 
ATOM   1007 O O     . GLY A 1 140 ? 4.588   -18.945 19.956  1.00 82.83  ? 140 GLY A O     1 
ATOM   1008 N N     . GLY A 1 141 ? 6.637   -18.220 20.566  1.00 83.93  ? 141 GLY A N     1 
ATOM   1009 C CA    . GLY A 1 141 ? 6.733   -17.258 19.484  1.00 79.93  ? 141 GLY A CA    1 
ATOM   1010 C C     . GLY A 1 141 ? 8.107   -16.634 19.440  1.00 96.71  ? 141 GLY A C     1 
ATOM   1011 O O     . GLY A 1 141 ? 8.843   -16.635 20.433  1.00 106.51 ? 141 GLY A O     1 
ATOM   1012 N N     . TYR A 1 142 ? 8.448   -16.097 18.266  1.00 95.53  ? 142 TYR A N     1 
ATOM   1013 C CA    . TYR A 1 142 ? 9.744   -15.460 18.026  1.00 97.15  ? 142 TYR A CA    1 
ATOM   1014 C C     . TYR A 1 142 ? 9.553   -14.056 17.452  1.00 81.24  ? 142 TYR A C     1 
ATOM   1015 O O     . TYR A 1 142 ? 10.173  -13.674 16.457  1.00 79.10  ? 142 TYR A O     1 
ATOM   1016 C CB    . TYR A 1 142 ? 10.610  -16.318 17.102  1.00 92.67  ? 142 TYR A CB    1 
ATOM   1017 C CG    . TYR A 1 142 ? 11.061  -17.624 17.722  1.00 97.94  ? 142 TYR A CG    1 
ATOM   1018 C CD1   . TYR A 1 142 ? 11.300  -17.719 19.093  1.00 110.48 ? 142 TYR A CD1   1 
ATOM   1019 C CD2   . TYR A 1 142 ? 11.244  -18.763 16.942  1.00 98.31  ? 142 TYR A CD2   1 
ATOM   1020 C CE1   . TYR A 1 142 ? 11.699  -18.911 19.673  1.00 108.16 ? 142 TYR A CE1   1 
ATOM   1021 C CE2   . TYR A 1 142 ? 11.652  -19.962 17.512  1.00 98.86  ? 142 TYR A CE2   1 
ATOM   1022 C CZ    . TYR A 1 142 ? 11.876  -20.027 18.878  1.00 102.51 ? 142 TYR A CZ    1 
ATOM   1023 O OH    . TYR A 1 142 ? 12.281  -21.205 19.457  1.00 103.85 ? 142 TYR A OH    1 
ATOM   1024 N N     . GLY A 1 143 ? 8.683   -13.275 18.094  1.00 75.19  ? 143 GLY A N     1 
ATOM   1025 C CA    . GLY A 1 143 ? 8.368   -11.905 17.708  1.00 66.86  ? 143 GLY A CA    1 
ATOM   1026 C C     . GLY A 1 143 ? 8.706   -11.435 16.302  1.00 67.49  ? 143 GLY A C     1 
ATOM   1027 O O     . GLY A 1 143 ? 8.833   -10.238 16.061  1.00 76.11  ? 143 GLY A O     1 
HETATM 1028 N N1    . UMP B 2 .   ? 4.669   -12.933 17.196  1.00 53.36  ? 301 UMP A N1    1 
HETATM 1029 C C2    . UMP B 2 .   ? 4.875   -11.673 17.743  1.00 48.81  ? 301 UMP A C2    1 
HETATM 1030 N N3    . UMP B 2 .   ? 5.216   -10.610 16.960  1.00 51.51  ? 301 UMP A N3    1 
HETATM 1031 C C4    . UMP B 2 .   ? 5.386   -10.754 15.618  1.00 54.10  ? 301 UMP A C4    1 
HETATM 1032 C C5    . UMP B 2 .   ? 5.188   -12.028 15.056  1.00 52.05  ? 301 UMP A C5    1 
HETATM 1033 C C6    . UMP B 2 .   ? 4.832   -13.105 15.855  1.00 51.87  ? 301 UMP A C6    1 
HETATM 1034 O O2    . UMP B 2 .   ? 4.741   -11.472 18.940  1.00 50.51  ? 301 UMP A O2    1 
HETATM 1035 O O4    . UMP B 2 .   ? 5.703   -9.777  14.935  1.00 59.88  ? 301 UMP A O4    1 
HETATM 1036 C "C1'" . UMP B 2 .   ? 4.286   -14.026 18.073  1.00 47.83  ? 301 UMP A "C1'" 1 
HETATM 1037 C "C2'" . UMP B 2 .   ? 2.770   -14.309 17.942  1.00 48.27  ? 301 UMP A "C2'" 1 
HETATM 1038 C "C3'" . UMP B 2 .   ? 2.775   -15.496 16.931  1.00 46.73  ? 301 UMP A "C3'" 1 
HETATM 1039 C "C4'" . UMP B 2 .   ? 4.015   -16.226 17.322  1.00 57.15  ? 301 UMP A "C4'" 1 
HETATM 1040 O "O3'" . UMP B 2 .   ? 1.636   -16.403 16.863  1.00 46.80  ? 301 UMP A "O3'" 1 
HETATM 1041 O "O4'" . UMP B 2 .   ? 4.942   -15.196 17.695  1.00 51.83  ? 301 UMP A "O4'" 1 
HETATM 1042 C "C5'" . UMP B 2 .   ? 4.416   -16.935 16.023  1.00 56.45  ? 301 UMP A "C5'" 1 
HETATM 1043 O "O5'" . UMP B 2 .   ? 5.764   -17.257 16.124  1.00 69.48  ? 301 UMP A "O5'" 1 
HETATM 1044 P P     . UMP B 2 .   ? 6.213   -18.696 15.531  1.00 76.29  ? 301 UMP A P     1 
HETATM 1045 O OP1   . UMP B 2 .   ? 7.660   -18.879 15.914  1.00 74.00  ? 301 UMP A OP1   1 
HETATM 1046 O OP2   . UMP B 2 .   ? 5.387   -19.728 16.205  1.00 64.85  ? 301 UMP A OP2   1 
HETATM 1047 O OP3   . UMP B 2 .   ? 5.866   -18.604 14.048  1.00 72.98  ? 301 UMP A OP3   1 
HETATM 1048 P P     . PO4 C 3 .   ? -2.616  -8.042  5.029   0.31 71.58  ? 302 PO4 A P     1 
HETATM 1049 O O1    . PO4 C 3 .   ? -1.753  -9.295  5.033   0.31 57.67  ? 302 PO4 A O1    1 
HETATM 1050 O O2    . PO4 C 3 .   ? -2.242  -7.151  6.205   0.31 57.57  ? 302 PO4 A O2    1 
HETATM 1051 O O3    . PO4 C 3 .   ? -2.427  -7.286  3.722   0.31 56.89  ? 302 PO4 A O3    1 
HETATM 1052 O O4    . PO4 C 3 .   ? -4.076  -8.443  5.158   0.31 49.00  ? 302 PO4 A O4    1 
HETATM 1053 C C     . TRS D 4 .   ? -3.410  4.578   13.213  1.00 82.45  ? 303 TRS A C     1 
HETATM 1054 C C1    . TRS D 4 .   ? -2.536  3.478   13.806  1.00 81.59  ? 303 TRS A C1    1 
HETATM 1055 C C2    . TRS D 4 .   ? -4.498  4.930   14.201  1.00 66.66  ? 303 TRS A C2    1 
HETATM 1056 C C3    . TRS D 4 .   ? -4.011  4.152   11.864  1.00 87.50  ? 303 TRS A C3    1 
HETATM 1057 N N     . TRS D 4 .   ? -2.590  5.779   13.015  1.00 87.22  ? 303 TRS A N     1 
HETATM 1058 O O1    . TRS D 4 .   ? -2.225  3.769   15.149  1.00 96.97  ? 303 TRS A O1    1 
HETATM 1059 O O2    . TRS D 4 .   ? -5.170  3.736   14.542  0.00 65.10  ? 303 TRS A O2    1 
HETATM 1060 O O3    . TRS D 4 .   ? -4.790  2.955   11.903  1.00 69.90  ? 303 TRS A O3    1 
HETATM 1061 C C1    . PEG E 5 .   ? -7.824  16.009  -1.108  1.00 75.35  ? 304 PEG A C1    1 
HETATM 1062 O O1    . PEG E 5 .   ? -9.208  16.377  -1.105  1.00 86.44  ? 304 PEG A O1    1 
HETATM 1063 C C2    . PEG E 5 .   ? -6.916  17.206  -0.963  1.00 87.99  ? 304 PEG A C2    1 
HETATM 1064 O O2    . PEG E 5 .   ? -5.555  16.811  -1.153  1.00 89.38  ? 304 PEG A O2    1 
HETATM 1065 C C3    . PEG E 5 .   ? -4.915  16.389  0.051   1.00 85.05  ? 304 PEG A C3    1 
HETATM 1066 C C4    . PEG E 5 .   ? -3.499  15.935  -0.200  1.00 76.31  ? 304 PEG A C4    1 
HETATM 1067 O O4    . PEG E 5 .   ? -3.128  14.937  0.743   1.00 63.08  ? 304 PEG A O4    1 
HETATM 1068 C C1    . PEG F 5 .   ? -0.783  14.786  3.280   1.00 92.08  ? 305 PEG A C1    1 
HETATM 1069 O O1    . PEG F 5 .   ? -2.082  14.223  3.106   1.00 88.10  ? 305 PEG A O1    1 
HETATM 1070 C C2    . PEG F 5 .   ? 0.281   13.722  3.396   1.00 95.58  ? 305 PEG A C2    1 
HETATM 1071 O O2    . PEG F 5 .   ? 1.561   14.355  3.432   1.00 108.74 ? 305 PEG A O2    1 
HETATM 1072 C C3    . PEG F 5 .   ? 2.603   13.596  4.046   1.00 94.90  ? 305 PEG A C3    1 
HETATM 1073 C C4    . PEG F 5 .   ? 3.898   14.361  3.962   1.00 92.27  ? 305 PEG A C4    1 
HETATM 1074 O O4    . PEG F 5 .   ? 4.060   14.952  2.675   1.00 96.04  ? 305 PEG A O4    1 
HETATM 1075 C C     . TRS G 4 .   ? 19.065  -2.604  3.809   0.33 66.44  ? 306 TRS A C     1 
HETATM 1076 C C1    . TRS G 4 .   ? 18.409  -2.186  2.494   0.33 63.32  ? 306 TRS A C1    1 
HETATM 1077 C C2    . TRS G 4 .   ? 20.505  -2.097  3.876   0.33 62.00  ? 306 TRS A C2    1 
HETATM 1078 C C3    . TRS G 4 .   ? 19.036  -4.125  3.956   0.33 63.12  ? 306 TRS A C3    1 
HETATM 1079 N N     . TRS G 4 .   ? 18.301  -2.024  4.925   0.33 63.27  ? 306 TRS A N     1 
HETATM 1080 O O1    . TRS G 4 .   ? 18.204  -0.790  2.454   0.33 62.29  ? 306 TRS A O1    1 
HETATM 1081 O O2    . TRS G 4 .   ? 21.234  -2.551  2.755   0.33 64.35  ? 306 TRS A O2    1 
HETATM 1082 O O3    . TRS G 4 .   ? 19.458  -4.759  2.770   0.33 62.97  ? 306 TRS A O3    1 
HETATM 1083 O O     . HOH H 6 .   ? -6.294  3.980   16.317  1.00 64.08  ? 401 HOH A O     1 
HETATM 1084 O O     . HOH H 6 .   ? 1.020   14.117  -6.430  1.00 50.37  ? 402 HOH A O     1 
HETATM 1085 O O     . HOH H 6 .   ? -4.315  -2.453  -12.076 1.00 55.62  ? 403 HOH A O     1 
HETATM 1086 O O     . HOH H 6 .   ? 22.586  -4.690  -8.308  1.00 66.65  ? 404 HOH A O     1 
HETATM 1087 O O     . HOH H 6 .   ? -15.273 6.532   5.110   1.00 59.29  ? 405 HOH A O     1 
HETATM 1088 O O     . HOH H 6 .   ? 18.135  8.373   -3.791  1.00 56.38  ? 406 HOH A O     1 
HETATM 1089 O O     . HOH H 6 .   ? 0.018   15.658  -8.637  1.00 57.21  ? 407 HOH A O     1 
HETATM 1090 O O     . HOH H 6 .   ? -9.092  -5.260  -3.398  1.00 43.63  ? 408 HOH A O     1 
HETATM 1091 O O     . HOH H 6 .   ? 16.939  7.635   2.321   1.00 58.66  ? 409 HOH A O     1 
HETATM 1092 O O     . HOH H 6 .   ? 7.414   -7.760  14.435  1.00 49.17  ? 410 HOH A O     1 
HETATM 1093 O O     . HOH H 6 .   ? -10.093 -12.891 -5.740  1.00 45.08  ? 411 HOH A O     1 
HETATM 1094 O O     . HOH H 6 .   ? -5.809  11.305  -10.787 1.00 56.56  ? 412 HOH A O     1 
HETATM 1095 O O     . HOH H 6 .   ? -6.721  -13.293 -10.866 1.00 48.95  ? 413 HOH A O     1 
HETATM 1096 O O     . HOH H 6 .   ? 18.604  -6.514  -2.524  1.00 54.48  ? 414 HOH A O     1 
HETATM 1097 O O     . HOH H 6 .   ? -17.452 5.703   1.037   1.00 59.26  ? 415 HOH A O     1 
HETATM 1098 O O     . HOH H 6 .   ? -4.587  -6.994  32.669  1.00 59.99  ? 416 HOH A O     1 
HETATM 1099 O O     . HOH H 6 .   ? -1.969  6.241   -8.856  1.00 48.38  ? 417 HOH A O     1 
HETATM 1100 O O     . HOH H 6 .   ? 3.120   -7.534  -2.894  1.00 48.07  ? 418 HOH A O     1 
HETATM 1101 O O     . HOH H 6 .   ? -7.895  9.106   0.350   1.00 43.98  ? 419 HOH A O     1 
HETATM 1102 O O     . HOH H 6 .   ? -18.721 4.272   5.484   1.00 56.79  ? 420 HOH A O     1 
HETATM 1103 O O     . HOH H 6 .   ? -6.768  -12.508 -5.641  1.00 49.13  ? 421 HOH A O     1 
HETATM 1104 O O     . HOH H 6 .   ? -11.676 0.600   -10.910 1.00 63.38  ? 422 HOH A O     1 
HETATM 1105 O O     . HOH H 6 .   ? -15.393 -4.506  20.340  1.00 67.24  ? 423 HOH A O     1 
HETATM 1106 O O     . HOH H 6 .   ? -17.895 1.998   -1.397  1.00 67.38  ? 424 HOH A O     1 
HETATM 1107 O O     . HOH H 6 .   ? 18.164  -1.756  -8.593  1.00 55.01  ? 425 HOH A O     1 
HETATM 1108 O O     . HOH H 6 .   ? -9.148  -13.701 -12.082 1.00 58.86  ? 426 HOH A O     1 
HETATM 1109 O O     . HOH H 6 .   ? 3.310   -9.385  -4.500  1.00 52.57  ? 427 HOH A O     1 
HETATM 1110 O O     . HOH H 6 .   ? -8.409  -3.031  -4.940  1.00 46.53  ? 428 HOH A O     1 
HETATM 1111 O O     . HOH H 6 .   ? -9.248  4.154   -16.165 1.00 59.36  ? 429 HOH A O     1 
HETATM 1112 O O     . HOH H 6 .   ? -15.733 -4.987  8.595   1.00 65.68  ? 430 HOH A O     1 
HETATM 1113 O O     . HOH H 6 .   ? -15.629 -4.221  11.675  1.00 60.71  ? 431 HOH A O     1 
HETATM 1114 O O     . HOH H 6 .   ? -9.207  -15.372 27.325  1.00 71.16  ? 432 HOH A O     1 
HETATM 1115 O O     . HOH H 6 .   ? 8.184   12.553  -16.887 1.00 67.04  ? 433 HOH A O     1 
HETATM 1116 O O     . HOH H 6 .   ? -13.226 -4.878  -9.846  1.00 65.84  ? 434 HOH A O     1 
HETATM 1117 O O     . HOH H 6 .   ? 6.449   -4.837  -11.368 1.00 66.25  ? 435 HOH A O     1 
HETATM 1118 O O     . HOH H 6 .   ? -2.772  -18.272 28.872  1.00 66.13  ? 436 HOH A O     1 
HETATM 1119 O O     . HOH H 6 .   ? -1.857  -20.897 26.972  1.00 67.94  ? 437 HOH A O     1 
HETATM 1120 O O     . HOH H 6 .   ? -10.441 6.307   2.614   1.00 48.36  ? 438 HOH A O     1 
HETATM 1121 O O     . HOH H 6 .   ? 4.611   1.105   -15.307 1.00 51.49  ? 439 HOH A O     1 
HETATM 1122 O O     . HOH H 6 .   ? 4.377   -6.812  -10.851 1.00 63.19  ? 440 HOH A O     1 
HETATM 1123 O O     . HOH H 6 .   ? 18.887  -4.155  -9.533  1.00 64.68  ? 441 HOH A O     1 
HETATM 1124 O O     . HOH H 6 .   ? -17.742 6.273   3.726   1.00 66.20  ? 442 HOH A O     1 
HETATM 1125 O O     . HOH H 6 .   ? -14.823 -11.171 5.774   0.33 56.04  ? 443 HOH A O     1 
HETATM 1126 O O     . HOH H 6 .   ? -18.996 3.930   -0.003  1.00 68.28  ? 444 HOH A O     1 
HETATM 1127 O O     . HOH H 6 .   ? -12.112 -10.477 5.616   0.33 51.93  ? 445 HOH A O     1 
# 
